data_1SY7
#
_entry.id   1SY7
#
_cell.length_a   130.007
_cell.length_b   182.242
_cell.length_c   90.364
_cell.angle_alpha   90.00
_cell.angle_beta   133.41
_cell.angle_gamma   90.00
#
_symmetry.space_group_name_H-M   'C 1 2 1'
#
loop_
_entity.id
_entity.type
_entity.pdbx_description
1 polymer 'Catalase 1'
2 non-polymer 'CIS-HEME D HYDROXYCHLORIN GAMMA-SPIROLACTONE'
3 non-polymer 'PROTOPORPHYRIN IX CONTAINING FE'
4 water water
#
_entity_poly.entity_id   1
_entity_poly.type   'polypeptide(L)'
_entity_poly.pdbx_seq_one_letter_code
;SKKVDDLKNEFKETDKSARLTTDYGVKQTTADDWLRIVSDDKIGPSLLEDPFARERIMRFDHERIPERVVHARGSGAFGK
FKVYESASDLTMAPVLTDTSRETPVFVRFSTVLGSRGSADTVRDVRGFAVKFYTEEGNWDLVGNNIPVFFIQDAIKFPDV
IHAGKPEPHNEVPQAQSAHNNFWDFQFNHTEATHMFTWAMSDRAIPRSLRMMQGFGVNTYTLINAQGKRHFVKFHWTPEL
GVHSLVWDEALKLAGQDPDFHRKDLWEAIENGAYPKWKFGIQAIAEEDEHKFDFDILDATKIWPEDLVPVRYIGEMELNR
NPDEFFPQTEQIAFCTSHVVNGIGFSDDPLLQGRNFSYFDTQISRLGVNFQELPINRPVCPVMNFNRDGAMRHTISRGTV
NYYPNRFDACPPASLKEGGYLEYAQKVAGIKARARSAKFKEHFSQAQLFYNSMSPIEKQHMINAFGFELDHCEDPVVYGR
MVQRLADIDLGLAQTIAEMVGGEAPTTTNHPNHGRKTINLSQTEFPPATPTIKSRRVAIIIADGYDNVAYDAAYAAISAN
QAIPLVIGPRRSKVTAANGSTVQPHHHLEGFRSTMVDAIFIPGGAKAAETLSKNGRALHWIREAFGHLKAIGATGEAVDL
VAKAIALPQVTVSSEAEVHESYGVVTLKKVKPESFTDAVKIAKGAAGFLGEFFYAIAQHRNWDRELDGLHSMIAY
;
_entity_poly.pdbx_strand_id   A,B
#
loop_
_chem_comp.id
_chem_comp.type
_chem_comp.name
_chem_comp.formula
HDD non-polymer 'CIS-HEME D HYDROXYCHLORIN GAMMA-SPIROLACTONE' 'C34 H32 Fe N4 O5'
HEM non-polymer 'PROTOPORPHYRIN IX CONTAINING FE' 'C34 H32 Fe N4 O4'
#
# COMPACT_ATOMS: atom_id res chain seq x y z
N ALA A 18 -19.00 -6.96 18.90
CA ALA A 18 -17.97 -7.27 17.88
C ALA A 18 -18.03 -8.75 17.49
N ARG A 19 -18.22 -9.00 16.20
CA ARG A 19 -18.30 -10.36 15.68
C ARG A 19 -17.40 -10.54 14.47
N LEU A 20 -16.95 -11.77 14.24
CA LEU A 20 -16.07 -12.11 13.14
C LEU A 20 -16.68 -11.79 11.77
N THR A 21 -15.93 -11.07 10.94
CA THR A 21 -16.38 -10.72 9.59
C THR A 21 -15.21 -10.91 8.62
N THR A 22 -15.51 -10.84 7.33
CA THR A 22 -14.50 -10.94 6.28
C THR A 22 -13.94 -9.52 6.22
N ASP A 23 -12.90 -9.31 5.42
CA ASP A 23 -12.32 -7.97 5.29
C ASP A 23 -13.32 -7.04 4.61
N TYR A 24 -14.33 -7.61 3.96
CA TYR A 24 -15.33 -6.79 3.29
C TYR A 24 -16.63 -6.66 4.09
N GLY A 25 -16.52 -6.88 5.40
CA GLY A 25 -17.64 -6.70 6.31
C GLY A 25 -18.76 -7.72 6.49
N VAL A 26 -18.61 -8.91 5.94
CA VAL A 26 -19.64 -9.93 6.04
C VAL A 26 -19.42 -10.86 7.22
N LYS A 27 -20.35 -10.85 8.17
CA LYS A 27 -20.27 -11.69 9.36
C LYS A 27 -20.21 -13.17 9.04
N GLN A 28 -19.40 -13.91 9.79
CA GLN A 28 -19.21 -15.35 9.60
C GLN A 28 -19.61 -16.14 10.86
N THR A 29 -20.12 -17.35 10.66
CA THR A 29 -20.54 -18.18 11.79
C THR A 29 -19.45 -19.05 12.41
N THR A 30 -18.33 -19.22 11.71
CA THR A 30 -17.24 -20.02 12.25
C THR A 30 -15.87 -19.71 11.63
N ALA A 31 -14.84 -19.92 12.42
CA ALA A 31 -13.48 -19.69 11.95
C ALA A 31 -12.74 -21.02 12.01
N ASP A 32 -13.51 -22.11 12.14
CA ASP A 32 -12.89 -23.43 12.26
C ASP A 32 -13.08 -24.43 11.11
N ASP A 33 -13.98 -24.15 10.18
CA ASP A 33 -14.19 -25.07 9.07
C ASP A 33 -14.31 -24.45 7.68
N TRP A 34 -13.62 -25.07 6.73
CA TRP A 34 -13.65 -24.66 5.34
C TRP A 34 -14.99 -25.19 4.83
N LEU A 35 -15.54 -24.58 3.78
CA LEU A 35 -16.79 -25.06 3.22
C LEU A 35 -16.42 -26.27 2.38
N ARG A 36 -17.01 -27.42 2.68
CA ARG A 36 -16.70 -28.65 1.96
C ARG A 36 -17.92 -29.51 1.77
N ILE A 37 -17.72 -30.66 1.13
CA ILE A 37 -18.78 -31.62 0.95
C ILE A 37 -18.54 -32.55 2.13
N VAL A 38 -19.56 -32.78 2.94
CA VAL A 38 -19.40 -33.64 4.10
C VAL A 38 -20.69 -34.31 4.51
N SER A 39 -20.55 -35.46 5.18
CA SER A 39 -21.69 -36.23 5.67
C SER A 39 -21.29 -36.67 7.07
N ASP A 40 -22.26 -37.16 7.84
CA ASP A 40 -21.98 -37.59 9.21
C ASP A 40 -20.80 -38.54 9.34
N ASP A 41 -20.71 -39.52 8.44
CA ASP A 41 -19.63 -40.50 8.52
C ASP A 41 -18.54 -40.41 7.46
N LYS A 42 -18.67 -39.49 6.51
CA LYS A 42 -17.66 -39.37 5.48
C LYS A 42 -17.34 -37.91 5.13
N ILE A 43 -16.06 -37.58 5.16
CA ILE A 43 -15.64 -36.23 4.82
C ILE A 43 -15.33 -36.16 3.34
N GLY A 44 -15.57 -35.00 2.75
CA GLY A 44 -15.34 -34.81 1.32
C GLY A 44 -14.39 -33.67 1.05
N PRO A 45 -14.16 -33.33 -0.24
CA PRO A 45 -13.25 -32.25 -0.64
C PRO A 45 -13.72 -30.84 -0.30
N SER A 46 -12.75 -29.94 -0.12
CA SER A 46 -13.04 -28.54 0.19
C SER A 46 -13.44 -27.84 -1.10
N LEU A 47 -14.36 -26.88 -0.98
CA LEU A 47 -14.84 -26.15 -2.15
C LEU A 47 -14.07 -24.89 -2.51
N LEU A 48 -13.85 -24.71 -3.81
CA LEU A 48 -13.15 -23.55 -4.34
C LEU A 48 -13.92 -22.25 -4.13
N GLU A 49 -15.25 -22.34 -4.15
CA GLU A 49 -16.11 -21.16 -4.01
C GLU A 49 -15.97 -20.34 -2.73
N ASP A 50 -15.62 -21.01 -1.63
CA ASP A 50 -15.48 -20.39 -0.31
C ASP A 50 -14.61 -19.12 -0.26
N PRO A 51 -15.24 -17.94 -0.21
CA PRO A 51 -14.50 -16.68 -0.16
C PRO A 51 -13.92 -16.36 1.21
N PHE A 52 -14.61 -16.76 2.27
CA PHE A 52 -14.14 -16.50 3.64
C PHE A 52 -12.82 -17.22 3.93
N ALA A 53 -12.78 -18.51 3.61
CA ALA A 53 -11.58 -19.31 3.83
C ALA A 53 -10.42 -18.85 2.94
N ARG A 54 -10.69 -18.63 1.65
CA ARG A 54 -9.63 -18.17 0.76
C ARG A 54 -9.06 -16.83 1.21
N GLU A 55 -9.93 -15.94 1.68
CA GLU A 55 -9.45 -14.64 2.15
C GLU A 55 -8.56 -14.82 3.38
N ARG A 56 -8.97 -15.67 4.31
CA ARG A 56 -8.17 -15.90 5.53
C ARG A 56 -6.77 -16.37 5.18
N ILE A 57 -6.69 -17.37 4.32
CA ILE A 57 -5.40 -17.93 3.92
C ILE A 57 -4.61 -16.96 3.05
N MET A 58 -5.29 -16.23 2.18
CA MET A 58 -4.61 -15.26 1.33
C MET A 58 -3.96 -14.17 2.17
N ARG A 59 -4.70 -13.60 3.12
CA ARG A 59 -4.13 -12.57 3.99
C ARG A 59 -2.92 -13.15 4.73
N PHE A 60 -3.06 -14.37 5.24
CA PHE A 60 -1.96 -15.02 5.95
C PHE A 60 -0.77 -15.22 5.02
N ASP A 61 -1.03 -15.78 3.84
CA ASP A 61 0.04 -16.06 2.87
C ASP A 61 0.88 -14.85 2.52
N HIS A 62 0.29 -13.66 2.60
CA HIS A 62 1.00 -12.43 2.24
C HIS A 62 1.33 -11.46 3.37
N GLU A 63 1.40 -11.96 4.60
CA GLU A 63 1.71 -11.11 5.74
C GLU A 63 3.09 -10.45 5.74
N ARG A 64 4.10 -11.14 5.23
CA ARG A 64 5.47 -10.62 5.25
C ARG A 64 5.91 -9.64 4.18
N ILE A 65 6.77 -8.72 4.59
CA ILE A 65 7.34 -7.74 3.68
C ILE A 65 8.85 -7.89 3.84
N PRO A 66 9.64 -7.40 2.88
CA PRO A 66 11.10 -7.53 3.00
C PRO A 66 11.63 -6.86 4.28
N GLU A 67 12.61 -7.49 4.92
CA GLU A 67 13.20 -6.89 6.12
C GLU A 67 14.16 -5.81 5.63
N ARG A 68 14.54 -4.90 6.52
CA ARG A 68 15.48 -3.84 6.16
C ARG A 68 16.80 -4.52 5.74
N VAL A 69 17.43 -4.03 4.69
CA VAL A 69 18.68 -4.63 4.22
C VAL A 69 19.77 -4.60 5.32
N VAL A 70 19.71 -3.58 6.16
CA VAL A 70 20.61 -3.47 7.33
C VAL A 70 19.71 -3.00 8.47
N HIS A 71 20.11 -3.30 9.71
CA HIS A 71 19.33 -2.92 10.90
C HIS A 71 17.97 -3.61 10.90
N ALA A 72 17.90 -4.81 10.34
CA ALA A 72 16.65 -5.55 10.27
C ALA A 72 16.06 -5.88 11.64
N ARG A 73 16.92 -6.14 12.62
CA ARG A 73 16.46 -6.47 13.96
C ARG A 73 16.42 -5.20 14.80
N GLY A 74 15.25 -4.83 15.28
CA GLY A 74 15.13 -3.61 16.06
C GLY A 74 13.86 -3.50 16.88
N SER A 75 13.86 -2.55 17.81
CA SER A 75 12.72 -2.31 18.69
C SER A 75 12.53 -0.81 18.82
N GLY A 76 11.27 -0.38 18.95
CA GLY A 76 11.01 1.04 19.05
C GLY A 76 9.93 1.46 20.02
N ALA A 77 9.81 2.76 20.23
CA ALA A 77 8.81 3.31 21.12
C ALA A 77 8.57 4.78 20.82
N PHE A 78 7.44 5.30 21.29
CA PHE A 78 7.08 6.70 21.12
C PHE A 78 7.59 7.51 22.31
N GLY A 79 7.77 8.81 22.12
CA GLY A 79 8.25 9.65 23.20
C GLY A 79 8.12 11.11 22.86
N LYS A 80 8.87 11.95 23.58
CA LYS A 80 8.83 13.38 23.32
C LYS A 80 10.21 14.00 23.51
N PHE A 81 10.43 15.10 22.81
CA PHE A 81 11.69 15.83 22.85
C PHE A 81 11.42 17.31 23.12
N LYS A 82 12.32 17.95 23.83
CA LYS A 82 12.16 19.36 24.13
C LYS A 82 13.49 19.97 24.50
N VAL A 83 13.78 21.13 23.92
CA VAL A 83 15.03 21.81 24.26
C VAL A 83 14.74 22.70 25.46
N TYR A 84 15.67 22.76 26.39
CA TYR A 84 15.51 23.59 27.57
C TYR A 84 16.37 24.83 27.41
N GLU A 85 17.15 24.83 26.34
CA GLU A 85 18.03 25.95 26.02
C GLU A 85 17.98 26.15 24.51
N SER A 86 17.54 27.32 24.08
CA SER A 86 17.44 27.62 22.65
C SER A 86 18.80 27.66 21.97
N ALA A 87 18.89 27.07 20.77
CA ALA A 87 20.13 27.07 20.01
C ALA A 87 19.97 28.03 18.84
N SER A 88 19.19 29.08 19.04
CA SER A 88 18.91 30.07 17.99
C SER A 88 20.17 30.70 17.41
N ASP A 89 21.28 30.63 18.14
CA ASP A 89 22.53 31.20 17.66
C ASP A 89 23.13 30.31 16.57
N LEU A 90 22.70 29.05 16.55
CA LEU A 90 23.20 28.09 15.56
C LEU A 90 22.17 27.78 14.48
N THR A 91 20.90 27.78 14.85
CA THR A 91 19.84 27.46 13.90
C THR A 91 18.54 28.19 14.17
N MET A 92 17.71 28.31 13.13
CA MET A 92 16.41 28.95 13.29
C MET A 92 15.31 27.89 13.19
N ALA A 93 15.69 26.62 13.27
CA ALA A 93 14.73 25.52 13.23
C ALA A 93 14.01 25.54 14.57
N PRO A 94 12.69 25.75 14.56
CA PRO A 94 11.90 25.79 15.81
C PRO A 94 12.06 24.57 16.72
N VAL A 95 12.25 23.40 16.13
CA VAL A 95 12.40 22.19 16.94
C VAL A 95 13.60 22.33 17.88
N LEU A 96 14.58 23.14 17.50
CA LEU A 96 15.76 23.34 18.33
C LEU A 96 15.83 24.72 19.00
N THR A 97 14.78 25.53 18.86
CA THR A 97 14.77 26.86 19.48
C THR A 97 13.56 27.13 20.37
N ASP A 98 12.48 26.38 20.16
CA ASP A 98 11.25 26.56 20.94
C ASP A 98 11.33 25.78 22.24
N THR A 99 11.56 26.48 23.36
CA THR A 99 11.64 25.83 24.66
C THR A 99 10.30 25.62 25.33
N SER A 100 9.21 26.04 24.69
CA SER A 100 7.89 25.88 25.30
C SER A 100 7.11 24.72 24.69
N ARG A 101 7.46 24.32 23.48
CA ARG A 101 6.78 23.22 22.81
C ARG A 101 7.47 21.88 23.03
N GLU A 102 6.70 20.80 22.98
CA GLU A 102 7.27 19.47 23.11
C GLU A 102 7.07 18.84 21.73
N THR A 103 8.10 18.20 21.21
CA THR A 103 8.02 17.57 19.90
C THR A 103 7.90 16.06 20.04
N PRO A 104 6.84 15.47 19.47
CA PRO A 104 6.65 14.01 19.56
C PRO A 104 7.72 13.32 18.74
N VAL A 105 8.14 12.14 19.18
CA VAL A 105 9.14 11.39 18.43
C VAL A 105 8.84 9.90 18.52
N PHE A 106 9.43 9.15 17.60
CA PHE A 106 9.36 7.69 17.64
C PHE A 106 10.81 7.35 17.44
N VAL A 107 11.29 6.41 18.25
CA VAL A 107 12.69 6.01 18.16
C VAL A 107 12.76 4.51 17.93
N ARG A 108 13.59 4.10 16.98
CA ARG A 108 13.78 2.67 16.74
C ARG A 108 15.26 2.38 16.95
N PHE A 109 15.54 1.40 17.81
CA PHE A 109 16.91 0.98 18.09
C PHE A 109 17.08 -0.32 17.33
N SER A 110 18.31 -0.69 17.01
CA SER A 110 18.53 -1.91 16.25
C SER A 110 19.98 -2.37 16.25
N THR A 111 20.20 -3.57 15.70
CA THR A 111 21.54 -4.08 15.54
C THR A 111 21.76 -3.76 14.06
N VAL A 112 22.81 -4.26 13.43
CA VAL A 112 23.06 -3.96 12.02
C VAL A 112 23.07 -5.15 11.06
N LEU A 113 23.90 -6.14 11.37
CA LEU A 113 24.08 -7.31 10.50
C LEU A 113 23.00 -8.39 10.51
N GLY A 114 22.45 -8.69 11.67
CA GLY A 114 21.44 -9.74 11.75
C GLY A 114 20.12 -9.53 11.05
N SER A 115 19.49 -10.64 10.64
CA SER A 115 18.19 -10.60 10.00
C SER A 115 17.16 -10.44 11.13
N ARG A 116 15.88 -10.34 10.77
CA ARG A 116 14.79 -10.14 11.75
C ARG A 116 14.69 -10.95 13.05
N GLY A 117 14.98 -12.24 13.00
CA GLY A 117 14.87 -13.03 14.20
C GLY A 117 16.17 -13.25 14.94
N SER A 118 17.22 -12.52 14.57
CA SER A 118 18.51 -12.65 15.24
C SER A 118 18.43 -12.05 16.63
N ALA A 119 19.36 -12.44 17.49
CA ALA A 119 19.38 -11.99 18.88
C ALA A 119 19.73 -10.54 19.14
N ASP A 120 19.17 -9.99 20.22
CA ASP A 120 19.42 -8.62 20.62
C ASP A 120 20.83 -8.39 21.14
N THR A 121 21.35 -9.35 21.92
CA THR A 121 22.65 -9.19 22.54
C THR A 121 23.92 -9.66 21.83
N VAL A 122 23.94 -9.54 20.50
CA VAL A 122 25.11 -9.92 19.73
C VAL A 122 26.10 -8.76 19.80
N ARG A 123 27.33 -8.98 19.33
CA ARG A 123 28.31 -7.89 19.30
C ARG A 123 28.07 -7.20 17.96
N ASP A 124 27.70 -5.93 18.00
CA ASP A 124 27.42 -5.22 16.76
C ASP A 124 27.18 -3.75 17.07
N VAL A 125 27.22 -2.93 16.04
CA VAL A 125 26.94 -1.52 16.22
C VAL A 125 25.44 -1.51 16.49
N ARG A 126 24.94 -0.50 17.19
CA ARG A 126 23.53 -0.41 17.46
C ARG A 126 22.97 0.83 16.79
N GLY A 127 21.82 0.67 16.12
CA GLY A 127 21.17 1.79 15.47
C GLY A 127 20.37 2.58 16.50
N PHE A 128 20.29 3.90 16.32
CA PHE A 128 19.59 4.79 17.24
C PHE A 128 18.94 5.83 16.32
N ALA A 129 17.76 5.49 15.80
CA ALA A 129 17.07 6.36 14.85
C ALA A 129 15.90 7.09 15.48
N VAL A 130 15.90 8.41 15.33
CA VAL A 130 14.85 9.25 15.89
C VAL A 130 14.09 10.06 14.83
N LYS A 131 12.77 9.92 14.82
CA LYS A 131 11.93 10.67 13.90
C LYS A 131 11.26 11.77 14.71
N PHE A 132 11.58 13.02 14.39
CA PHE A 132 10.99 14.18 15.08
C PHE A 132 9.80 14.67 14.27
N TYR A 133 8.59 14.55 14.83
CA TYR A 133 7.38 15.00 14.15
C TYR A 133 7.16 16.47 14.48
N THR A 134 7.95 17.36 13.87
CA THR A 134 7.83 18.78 14.14
C THR A 134 6.71 19.46 13.36
N GLU A 135 6.32 20.65 13.82
CA GLU A 135 5.27 21.41 13.16
C GLU A 135 5.76 21.91 11.80
N GLU A 136 7.07 21.84 11.57
CA GLU A 136 7.66 22.27 10.32
C GLU A 136 8.05 21.09 9.41
N GLY A 137 7.56 19.90 9.74
CA GLY A 137 7.88 18.73 8.94
C GLY A 137 8.65 17.68 9.71
N ASN A 138 8.85 16.50 9.12
CA ASN A 138 9.58 15.45 9.81
C ASN A 138 11.08 15.60 9.67
N TRP A 139 11.77 15.52 10.80
CA TRP A 139 13.23 15.59 10.81
C TRP A 139 13.71 14.28 11.39
N ASP A 140 14.52 13.54 10.64
CA ASP A 140 15.03 12.27 11.16
C ASP A 140 16.51 12.41 11.47
N LEU A 141 16.92 11.90 12.62
CA LEU A 141 18.33 11.90 12.98
C LEU A 141 18.61 10.40 13.03
N VAL A 142 19.15 9.87 11.94
CA VAL A 142 19.44 8.45 11.84
C VAL A 142 20.86 8.16 12.31
N GLY A 143 21.03 7.89 13.59
CA GLY A 143 22.37 7.65 14.11
C GLY A 143 22.66 6.25 14.61
N ASN A 144 23.84 6.07 15.19
CA ASN A 144 24.28 4.80 15.76
C ASN A 144 24.82 5.07 17.16
N ASN A 145 25.13 4.01 17.89
CA ASN A 145 25.64 4.15 19.26
C ASN A 145 27.17 4.26 19.31
N ILE A 146 27.78 4.44 18.14
CA ILE A 146 29.21 4.62 17.98
C ILE A 146 29.33 5.85 17.07
N PRO A 147 30.19 6.81 17.43
CA PRO A 147 30.40 8.07 16.69
C PRO A 147 31.06 8.08 15.32
N VAL A 148 31.68 6.99 14.92
CA VAL A 148 32.33 6.94 13.61
C VAL A 148 31.85 5.75 12.80
N PHE A 149 32.37 5.59 11.59
CA PHE A 149 31.97 4.47 10.75
C PHE A 149 33.15 3.79 10.07
N PHE A 150 32.89 2.64 9.46
CA PHE A 150 33.92 1.84 8.78
C PHE A 150 34.51 2.44 7.51
N ILE A 151 33.71 3.25 6.83
CA ILE A 151 34.13 3.83 5.55
C ILE A 151 33.94 5.32 5.46
N GLN A 152 34.63 5.94 4.49
CA GLN A 152 34.53 7.39 4.28
C GLN A 152 33.59 7.73 3.14
N ASP A 153 33.46 6.83 2.17
CA ASP A 153 32.59 7.06 1.01
C ASP A 153 31.43 6.06 1.00
N ALA A 154 30.21 6.58 0.82
CA ALA A 154 29.01 5.75 0.79
C ALA A 154 29.04 4.65 -0.26
N ILE A 155 29.80 4.87 -1.33
CA ILE A 155 29.85 3.88 -2.39
C ILE A 155 30.33 2.50 -1.92
N LYS A 156 31.06 2.46 -0.81
CA LYS A 156 31.57 1.20 -0.29
C LYS A 156 30.67 0.53 0.76
N PHE A 157 29.49 1.07 1.01
CA PHE A 157 28.63 0.46 2.01
C PHE A 157 28.34 -1.01 1.66
N PRO A 158 28.07 -1.31 0.38
CA PRO A 158 27.80 -2.71 0.04
C PRO A 158 28.97 -3.63 0.35
N ASP A 159 30.20 -3.11 0.23
CA ASP A 159 31.39 -3.90 0.50
C ASP A 159 31.52 -4.27 1.98
N VAL A 160 31.47 -3.26 2.84
CA VAL A 160 31.62 -3.53 4.26
C VAL A 160 30.45 -4.35 4.80
N ILE A 161 29.24 -4.05 4.32
CA ILE A 161 28.07 -4.81 4.77
C ILE A 161 28.12 -6.25 4.24
N HIS A 162 28.48 -6.43 2.98
CA HIS A 162 28.58 -7.78 2.45
C HIS A 162 29.65 -8.56 3.23
N ALA A 163 30.77 -7.91 3.53
CA ALA A 163 31.82 -8.59 4.27
C ALA A 163 31.40 -9.04 5.67
N GLY A 164 30.62 -8.20 6.37
CA GLY A 164 30.18 -8.56 7.70
C GLY A 164 29.01 -9.53 7.75
N LYS A 165 28.13 -9.43 6.76
CA LYS A 165 26.95 -10.30 6.67
C LYS A 165 27.36 -11.76 6.48
N PRO A 166 26.38 -12.69 6.56
CA PRO A 166 26.71 -14.11 6.38
C PRO A 166 27.36 -14.29 5.01
N GLU A 167 28.38 -15.15 4.93
CA GLU A 167 29.08 -15.38 3.68
C GLU A 167 28.08 -15.96 2.66
N PRO A 168 28.14 -15.48 1.41
CA PRO A 168 27.27 -15.87 0.28
C PRO A 168 27.05 -17.33 -0.09
N HIS A 169 28.09 -18.15 0.01
CA HIS A 169 27.92 -19.55 -0.37
C HIS A 169 26.99 -20.35 0.54
N ASN A 170 27.15 -20.19 1.86
CA ASN A 170 26.36 -20.95 2.81
C ASN A 170 25.50 -20.15 3.80
N GLU A 171 25.58 -18.83 3.70
CA GLU A 171 24.87 -17.92 4.59
C GLU A 171 25.21 -18.18 6.06
N VAL A 172 26.51 -18.22 6.34
CA VAL A 172 27.03 -18.42 7.69
C VAL A 172 28.11 -17.35 7.84
N PRO A 173 28.22 -16.69 9.01
CA PRO A 173 27.42 -16.83 10.23
C PRO A 173 26.36 -15.73 10.39
N GLN A 174 25.36 -16.00 11.22
CA GLN A 174 24.29 -15.05 11.48
C GLN A 174 24.64 -13.99 12.52
N ALA A 175 24.39 -12.73 12.17
CA ALA A 175 24.63 -11.60 13.06
C ALA A 175 25.95 -11.65 13.83
N GLN A 176 27.05 -11.84 13.11
CA GLN A 176 28.37 -11.92 13.73
C GLN A 176 29.44 -11.39 12.79
N SER A 177 30.40 -10.69 13.37
CA SER A 177 31.51 -10.18 12.57
C SER A 177 32.66 -11.19 12.71
N ALA A 178 32.41 -12.23 13.51
CA ALA A 178 33.41 -13.26 13.78
C ALA A 178 33.55 -14.32 12.69
N HIS A 179 34.12 -13.91 11.56
CA HIS A 179 34.36 -14.81 10.44
C HIS A 179 35.32 -14.19 9.45
N ASN A 180 35.91 -15.03 8.62
CA ASN A 180 36.88 -14.60 7.61
C ASN A 180 36.65 -13.29 6.86
N ASN A 181 35.54 -13.21 6.12
CA ASN A 181 35.28 -12.03 5.31
C ASN A 181 35.25 -10.68 5.99
N PHE A 182 34.72 -10.63 7.21
CA PHE A 182 34.66 -9.37 7.93
C PHE A 182 36.07 -8.85 8.19
N TRP A 183 36.90 -9.71 8.76
CA TRP A 183 38.25 -9.32 9.10
C TRP A 183 39.16 -9.19 7.89
N ASP A 184 38.75 -9.79 6.77
CA ASP A 184 39.50 -9.68 5.54
C ASP A 184 39.36 -8.22 5.09
N PHE A 185 38.13 -7.72 5.10
CA PHE A 185 37.85 -6.34 4.70
C PHE A 185 38.48 -5.33 5.67
N GLN A 186 38.39 -5.60 6.97
CA GLN A 186 38.96 -4.67 7.96
C GLN A 186 40.44 -4.42 7.70
N PHE A 187 41.18 -5.50 7.42
CA PHE A 187 42.61 -5.38 7.16
C PHE A 187 42.91 -4.65 5.86
N ASN A 188 42.20 -5.03 4.80
CA ASN A 188 42.43 -4.44 3.49
C ASN A 188 41.93 -3.02 3.24
N HIS A 189 41.02 -2.53 4.09
CA HIS A 189 40.49 -1.18 3.95
C HIS A 189 40.87 -0.44 5.23
N THR A 190 42.05 0.17 5.25
CA THR A 190 42.54 0.86 6.44
C THR A 190 41.68 2.00 6.97
N GLU A 191 40.76 2.50 6.16
CA GLU A 191 39.87 3.57 6.60
C GLU A 191 39.05 3.06 7.80
N ALA A 192 38.84 1.76 7.85
CA ALA A 192 38.04 1.13 8.89
C ALA A 192 38.74 0.85 10.23
N THR A 193 40.03 1.16 10.32
CA THR A 193 40.78 0.87 11.54
C THR A 193 40.18 1.44 12.84
N HIS A 194 39.83 2.72 12.82
CA HIS A 194 39.23 3.42 13.97
C HIS A 194 37.93 2.70 14.36
N MET A 195 37.12 2.40 13.36
CA MET A 195 35.85 1.74 13.59
C MET A 195 35.93 0.35 14.22
N PHE A 196 36.74 -0.56 13.68
CA PHE A 196 36.77 -1.89 14.27
C PHE A 196 37.32 -1.87 15.69
N THR A 197 37.99 -0.79 16.07
CA THR A 197 38.49 -0.67 17.42
C THR A 197 37.29 -0.41 18.32
N TRP A 198 36.38 0.45 17.86
CA TRP A 198 35.17 0.74 18.62
C TRP A 198 34.31 -0.52 18.67
N ALA A 199 34.28 -1.25 17.56
CA ALA A 199 33.48 -2.48 17.44
C ALA A 199 33.89 -3.57 18.45
N MET A 200 35.15 -3.58 18.83
CA MET A 200 35.63 -4.58 19.77
C MET A 200 35.51 -4.11 21.22
N SER A 201 35.11 -2.86 21.41
CA SER A 201 34.96 -2.30 22.76
C SER A 201 33.59 -2.69 23.34
N ASP A 202 33.39 -2.42 24.62
CA ASP A 202 32.12 -2.75 25.28
C ASP A 202 30.93 -1.99 24.71
N ARG A 203 31.19 -0.97 23.89
CA ARG A 203 30.12 -0.19 23.27
C ARG A 203 29.23 -1.08 22.41
N ALA A 204 29.83 -2.11 21.82
CA ALA A 204 29.12 -3.04 20.93
C ALA A 204 28.31 -4.13 21.63
N ILE A 205 28.34 -4.17 22.95
CA ILE A 205 27.54 -5.15 23.69
C ILE A 205 26.88 -4.45 24.89
N PRO A 206 26.01 -3.48 24.60
CA PRO A 206 25.32 -2.73 25.66
C PRO A 206 24.39 -3.58 26.52
N ARG A 207 24.32 -3.24 27.80
CA ARG A 207 23.44 -3.92 28.75
C ARG A 207 21.99 -3.64 28.41
N SER A 208 21.73 -2.43 27.92
CA SER A 208 20.37 -2.01 27.58
C SER A 208 20.42 -0.90 26.54
N LEU A 209 19.39 -0.82 25.70
CA LEU A 209 19.31 0.23 24.69
C LEU A 209 19.15 1.56 25.43
N ARG A 210 18.67 1.49 26.66
CA ARG A 210 18.45 2.66 27.52
C ARG A 210 19.75 3.10 28.18
N MET A 211 20.81 2.31 28.00
CA MET A 211 22.09 2.64 28.61
C MET A 211 23.23 2.74 27.60
N MET A 212 22.98 3.46 26.52
CA MET A 212 23.99 3.65 25.50
C MET A 212 23.83 5.04 24.90
N GLN A 213 24.89 5.53 24.27
CA GLN A 213 24.82 6.83 23.64
C GLN A 213 24.30 6.70 22.21
N GLY A 214 24.07 7.85 21.59
CA GLY A 214 23.60 7.89 20.23
C GLY A 214 24.40 9.00 19.56
N PHE A 215 24.69 8.84 18.27
CA PHE A 215 25.48 9.84 17.54
C PHE A 215 24.96 9.99 16.12
N GLY A 216 25.02 11.20 15.59
CA GLY A 216 24.58 11.41 14.22
C GLY A 216 25.66 10.86 13.30
N VAL A 217 26.88 10.76 13.82
CA VAL A 217 28.05 10.26 13.11
C VAL A 217 28.53 11.18 12.00
N ASN A 218 27.68 11.43 11.01
CA ASN A 218 28.06 12.33 9.93
C ASN A 218 28.03 13.78 10.40
N THR A 219 28.71 14.65 9.66
CA THR A 219 28.72 16.07 9.96
C THR A 219 27.56 16.74 9.24
N TYR A 220 26.66 17.34 10.00
CA TYR A 220 25.53 18.04 9.43
C TYR A 220 25.81 19.53 9.54
N THR A 221 24.82 20.34 9.21
CA THR A 221 24.97 21.78 9.30
C THR A 221 23.72 22.40 9.91
N LEU A 222 23.91 23.57 10.51
CA LEU A 222 22.81 24.32 11.10
C LEU A 222 22.92 25.74 10.55
N ILE A 223 21.79 26.32 10.21
CA ILE A 223 21.73 27.67 9.66
C ILE A 223 20.82 28.52 10.53
N ASN A 224 21.31 29.68 10.99
CA ASN A 224 20.50 30.54 11.83
C ASN A 224 19.74 31.61 11.05
N ALA A 225 18.95 32.41 11.77
CA ALA A 225 18.14 33.47 11.16
C ALA A 225 18.92 34.48 10.32
N GLN A 226 20.21 34.64 10.60
CA GLN A 226 21.04 35.57 9.84
C GLN A 226 21.67 34.91 8.62
N GLY A 227 21.40 33.62 8.43
CA GLY A 227 21.96 32.92 7.30
C GLY A 227 23.36 32.39 7.53
N LYS A 228 23.85 32.47 8.76
CA LYS A 228 25.18 31.98 9.10
C LYS A 228 25.12 30.48 9.35
N ARG A 229 26.14 29.77 8.88
CA ARG A 229 26.18 28.31 9.03
C ARG A 229 27.27 27.77 9.95
N HIS A 230 26.95 26.65 10.58
CA HIS A 230 27.87 25.95 11.46
C HIS A 230 27.85 24.46 11.09
N PHE A 231 29.00 23.80 11.17
CA PHE A 231 29.10 22.37 10.91
C PHE A 231 28.87 21.75 12.28
N VAL A 232 28.06 20.69 12.33
CA VAL A 232 27.78 20.10 13.63
C VAL A 232 27.77 18.58 13.72
N LYS A 233 27.85 18.10 14.97
CA LYS A 233 27.80 16.69 15.31
C LYS A 233 26.72 16.60 16.37
N PHE A 234 25.82 15.63 16.26
CA PHE A 234 24.74 15.47 17.24
C PHE A 234 25.08 14.33 18.20
N HIS A 235 24.73 14.52 19.47
CA HIS A 235 24.99 13.52 20.51
C HIS A 235 23.76 13.25 21.38
N TRP A 236 23.63 11.99 21.82
CA TRP A 236 22.57 11.55 22.73
C TRP A 236 23.32 10.90 23.89
N THR A 237 23.05 11.33 25.11
CA THR A 237 23.74 10.78 26.28
C THR A 237 22.72 10.29 27.30
N PRO A 238 22.74 8.98 27.60
CA PRO A 238 21.81 8.38 28.55
C PRO A 238 21.94 8.85 30.00
N GLU A 239 20.82 9.19 30.61
CA GLU A 239 20.85 9.64 31.99
C GLU A 239 21.09 8.48 32.95
N LEU A 240 20.93 7.25 32.45
CA LEU A 240 21.18 6.06 33.25
C LEU A 240 22.65 5.67 33.13
N GLY A 241 23.38 6.35 32.26
CA GLY A 241 24.78 6.04 32.07
C GLY A 241 24.99 4.98 30.98
N VAL A 242 26.24 4.77 30.59
CA VAL A 242 26.58 3.79 29.55
C VAL A 242 27.09 2.52 30.22
N HIS A 243 26.37 1.41 30.04
CA HIS A 243 26.73 0.14 30.65
C HIS A 243 26.70 -1.01 29.65
N SER A 244 27.54 -2.02 29.87
CA SER A 244 27.62 -3.15 28.97
C SER A 244 27.60 -4.53 29.64
N LEU A 245 27.38 -5.55 28.82
CA LEU A 245 27.36 -6.93 29.28
C LEU A 245 28.79 -7.47 29.11
N VAL A 246 29.03 -8.69 29.56
CA VAL A 246 30.34 -9.33 29.36
C VAL A 246 30.05 -10.39 28.28
N TRP A 247 31.05 -10.74 27.49
CA TRP A 247 30.85 -11.67 26.37
C TRP A 247 30.14 -13.00 26.62
N ASP A 248 30.62 -13.78 27.58
CA ASP A 248 29.99 -15.08 27.86
C ASP A 248 28.49 -14.89 28.13
N GLU A 249 28.17 -13.84 28.87
CA GLU A 249 26.79 -13.51 29.21
C GLU A 249 25.98 -13.12 27.98
N ALA A 250 26.57 -12.27 27.13
CA ALA A 250 25.89 -11.81 25.92
C ALA A 250 25.54 -12.97 24.99
N LEU A 251 26.44 -13.94 24.88
CA LEU A 251 26.21 -15.11 24.02
C LEU A 251 25.11 -15.99 24.57
N LYS A 252 25.13 -16.23 25.88
CA LYS A 252 24.10 -17.04 26.51
C LYS A 252 22.73 -16.38 26.35
N LEU A 253 22.67 -15.06 26.56
CA LEU A 253 21.40 -14.35 26.42
C LEU A 253 20.88 -14.41 25.00
N ALA A 254 21.80 -14.37 24.03
CA ALA A 254 21.42 -14.43 22.62
C ALA A 254 20.58 -15.68 22.37
N GLY A 255 20.80 -16.71 23.16
CA GLY A 255 20.05 -17.94 23.00
C GLY A 255 18.93 -18.07 24.02
N GLN A 256 19.23 -17.76 25.27
CA GLN A 256 18.27 -17.87 26.37
C GLN A 256 17.13 -16.84 26.30
N ASP A 257 17.42 -15.67 25.76
CA ASP A 257 16.40 -14.63 25.58
C ASP A 257 16.83 -13.70 24.46
N PRO A 258 16.55 -14.08 23.21
CA PRO A 258 16.93 -13.26 22.06
C PRO A 258 16.23 -11.90 22.05
N ASP A 259 15.18 -11.76 22.87
CA ASP A 259 14.44 -10.51 22.96
C ASP A 259 14.83 -9.70 24.21
N PHE A 260 15.98 -10.01 24.78
CA PHE A 260 16.44 -9.34 26.00
C PHE A 260 16.33 -7.81 25.96
N HIS A 261 16.82 -7.18 24.90
CA HIS A 261 16.76 -5.71 24.79
C HIS A 261 15.36 -5.20 24.46
N ARG A 262 14.64 -5.94 23.61
CA ARG A 262 13.29 -5.55 23.25
C ARG A 262 12.41 -5.56 24.51
N LYS A 263 12.57 -6.62 25.31
CA LYS A 263 11.79 -6.75 26.54
C LYS A 263 12.22 -5.71 27.59
N ASP A 264 13.51 -5.43 27.65
CA ASP A 264 14.07 -4.46 28.59
C ASP A 264 13.45 -3.08 28.34
N LEU A 265 13.39 -2.69 27.07
CA LEU A 265 12.81 -1.39 26.70
C LEU A 265 11.29 -1.35 26.96
N TRP A 266 10.58 -2.37 26.47
CA TRP A 266 9.14 -2.43 26.64
C TRP A 266 8.75 -2.45 28.12
N GLU A 267 9.45 -3.26 28.92
CA GLU A 267 9.18 -3.39 30.35
C GLU A 267 9.37 -2.07 31.11
N ALA A 268 10.50 -1.42 30.88
CA ALA A 268 10.79 -0.15 31.54
C ALA A 268 9.69 0.87 31.29
N ILE A 269 9.29 1.00 30.02
CA ILE A 269 8.25 1.95 29.66
C ILE A 269 6.90 1.57 30.27
N GLU A 270 6.58 0.28 30.23
CA GLU A 270 5.31 -0.19 30.80
C GLU A 270 5.30 0.05 32.31
N ASN A 271 6.47 0.00 32.94
CA ASN A 271 6.58 0.20 34.39
C ASN A 271 6.65 1.67 34.79
N GLY A 272 6.73 2.55 33.82
CA GLY A 272 6.79 3.98 34.14
C GLY A 272 8.21 4.51 34.26
N ALA A 273 9.20 3.68 33.98
CA ALA A 273 10.59 4.11 34.03
C ALA A 273 11.01 4.55 32.62
N TYR A 274 10.52 5.72 32.22
CA TYR A 274 10.82 6.25 30.89
C TYR A 274 12.29 6.61 30.74
N PRO A 275 12.98 5.97 29.78
CA PRO A 275 14.40 6.25 29.56
C PRO A 275 14.61 7.64 28.97
N LYS A 276 15.63 8.34 29.44
CA LYS A 276 15.93 9.69 28.97
C LYS A 276 17.35 9.85 28.47
N TRP A 277 17.52 10.78 27.53
CA TRP A 277 18.82 11.09 26.95
C TRP A 277 18.95 12.59 26.86
N LYS A 278 20.16 13.10 27.11
CA LYS A 278 20.41 14.53 26.98
C LYS A 278 20.84 14.69 25.51
N PHE A 279 20.38 15.75 24.87
CA PHE A 279 20.72 16.01 23.48
C PHE A 279 21.77 17.10 23.41
N GLY A 280 22.91 16.81 22.76
CA GLY A 280 23.99 17.78 22.66
C GLY A 280 24.47 18.04 21.25
N ILE A 281 25.12 19.18 21.07
CA ILE A 281 25.63 19.60 19.77
C ILE A 281 27.07 20.10 19.82
N GLN A 282 27.88 19.66 18.87
CA GLN A 282 29.26 20.12 18.75
C GLN A 282 29.19 21.04 17.53
N ALA A 283 29.71 22.26 17.64
CA ALA A 283 29.64 23.17 16.51
C ALA A 283 30.96 23.81 16.14
N ILE A 284 31.22 23.86 14.84
CA ILE A 284 32.42 24.48 14.30
C ILE A 284 31.98 25.52 13.28
N ALA A 285 32.40 26.76 13.50
CA ALA A 285 32.04 27.86 12.62
C ALA A 285 32.51 27.64 11.19
N GLU A 286 31.70 28.10 10.24
CA GLU A 286 31.99 27.98 8.82
C GLU A 286 33.45 28.33 8.52
N GLU A 287 33.94 29.39 9.16
CA GLU A 287 35.31 29.87 8.97
C GLU A 287 36.43 28.99 9.49
N ASP A 288 36.14 28.13 10.46
CA ASP A 288 37.18 27.26 11.01
C ASP A 288 37.12 25.82 10.51
N GLU A 289 36.48 25.62 9.35
CA GLU A 289 36.32 24.29 8.77
C GLU A 289 37.64 23.55 8.58
N HIS A 290 38.65 24.28 8.13
CA HIS A 290 39.96 23.68 7.84
C HIS A 290 41.05 23.86 8.88
N LYS A 291 40.65 24.18 10.11
CA LYS A 291 41.60 24.38 11.20
C LYS A 291 41.97 23.15 12.04
N PHE A 292 41.72 21.94 11.54
CA PHE A 292 42.05 20.74 12.30
C PHE A 292 42.97 19.82 11.52
N ASP A 293 43.61 18.89 12.23
CA ASP A 293 44.51 17.92 11.60
C ASP A 293 43.72 16.97 10.70
N PHE A 294 42.49 16.68 11.10
CA PHE A 294 41.61 15.79 10.35
C PHE A 294 40.57 16.61 9.60
N ASP A 295 39.93 16.00 8.60
CA ASP A 295 38.90 16.70 7.87
C ASP A 295 37.63 16.55 8.70
N ILE A 296 37.00 17.67 9.03
CA ILE A 296 35.80 17.62 9.86
C ILE A 296 34.60 16.99 9.20
N LEU A 297 34.75 16.59 7.94
CA LEU A 297 33.67 15.95 7.19
C LEU A 297 33.98 14.49 6.96
N ASP A 298 35.05 14.01 7.61
CA ASP A 298 35.48 12.62 7.50
C ASP A 298 34.75 11.83 8.59
N ALA A 299 33.83 10.96 8.19
CA ALA A 299 33.06 10.18 9.14
C ALA A 299 33.84 9.09 9.90
N THR A 300 35.13 8.93 9.59
CA THR A 300 35.92 7.95 10.31
C THR A 300 36.65 8.67 11.45
N LYS A 301 36.30 9.94 11.64
CA LYS A 301 36.91 10.76 12.68
C LYS A 301 35.91 11.34 13.69
N ILE A 302 36.31 11.43 14.95
CA ILE A 302 35.47 12.04 15.97
C ILE A 302 36.05 13.45 16.11
N TRP A 303 35.29 14.36 16.71
CA TRP A 303 35.79 15.70 16.96
C TRP A 303 36.14 15.63 18.44
N PRO A 304 37.43 15.50 18.78
CA PRO A 304 37.83 15.43 20.19
C PRO A 304 37.11 16.50 21.01
N GLU A 305 36.41 16.07 22.06
CA GLU A 305 35.66 16.99 22.89
C GLU A 305 36.54 17.97 23.67
N ASP A 306 37.84 17.70 23.66
CA ASP A 306 38.79 18.59 24.34
C ASP A 306 39.09 19.75 23.39
N LEU A 307 38.68 19.59 22.12
CA LEU A 307 38.88 20.62 21.10
C LEU A 307 37.55 21.30 20.77
N VAL A 308 36.50 20.50 20.64
CA VAL A 308 35.16 21.01 20.35
C VAL A 308 34.23 20.39 21.39
N PRO A 309 33.80 21.20 22.38
CA PRO A 309 32.91 20.69 23.42
C PRO A 309 31.48 20.42 22.97
N VAL A 310 30.84 19.46 23.62
CA VAL A 310 29.46 19.13 23.34
C VAL A 310 28.58 20.03 24.19
N ARG A 311 27.69 20.77 23.54
CA ARG A 311 26.79 21.68 24.22
C ARG A 311 25.42 21.02 24.34
N TYR A 312 25.04 20.64 25.56
CA TYR A 312 23.73 20.01 25.76
C TYR A 312 22.64 21.06 25.89
N ILE A 313 21.57 20.87 25.12
CA ILE A 313 20.47 21.83 25.10
C ILE A 313 19.07 21.24 25.23
N GLY A 314 18.95 19.92 25.14
CA GLY A 314 17.64 19.33 25.23
C GLY A 314 17.59 17.96 25.87
N GLU A 315 16.39 17.40 25.95
CA GLU A 315 16.17 16.10 26.55
C GLU A 315 15.07 15.37 25.79
N MET A 316 15.23 14.05 25.66
CA MET A 316 14.23 13.22 24.99
C MET A 316 13.92 12.05 25.91
N GLU A 317 12.66 11.65 25.95
CA GLU A 317 12.26 10.52 26.79
C GLU A 317 11.32 9.65 25.96
N LEU A 318 11.36 8.35 26.20
CA LEU A 318 10.48 7.42 25.50
C LEU A 318 9.46 7.03 26.56
N ASN A 319 8.18 7.30 26.29
CA ASN A 319 7.15 7.03 27.29
C ASN A 319 5.93 6.25 26.86
N ARG A 320 5.96 5.65 25.67
CA ARG A 320 4.80 4.90 25.22
C ARG A 320 5.20 3.81 24.23
N ASN A 321 4.83 2.57 24.55
CA ASN A 321 5.13 1.44 23.67
C ASN A 321 4.13 1.46 22.51
N PRO A 322 4.49 0.83 21.38
CA PRO A 322 3.61 0.77 20.20
C PRO A 322 2.30 0.05 20.52
N ASP A 323 1.27 0.30 19.72
CA ASP A 323 -0.02 -0.38 19.88
C ASP A 323 0.10 -1.74 19.19
N GLU A 324 0.80 -1.76 18.05
CA GLU A 324 1.00 -2.99 17.29
C GLU A 324 2.35 -2.90 16.59
N PHE A 325 3.24 -3.85 16.87
CA PHE A 325 4.60 -3.84 16.32
C PHE A 325 4.73 -3.71 14.80
N PHE A 326 4.10 -4.59 14.04
CA PHE A 326 4.25 -4.55 12.59
C PHE A 326 3.93 -3.23 11.87
N PRO A 327 2.68 -2.74 11.98
CA PRO A 327 2.37 -1.48 11.30
C PRO A 327 3.15 -0.26 11.77
N GLN A 328 3.70 -0.32 12.97
CA GLN A 328 4.45 0.82 13.49
C GLN A 328 5.96 0.60 13.46
N THR A 329 6.48 -0.20 14.38
CA THR A 329 7.92 -0.44 14.41
C THR A 329 8.50 -1.05 13.12
N GLU A 330 7.83 -2.04 12.54
CA GLU A 330 8.39 -2.67 11.34
C GLU A 330 8.32 -1.79 10.11
N GLN A 331 7.24 -1.02 9.98
CA GLN A 331 7.02 -0.18 8.82
C GLN A 331 7.58 1.24 8.88
N ILE A 332 8.04 1.70 10.04
CA ILE A 332 8.56 3.07 10.09
C ILE A 332 9.78 3.21 9.18
N ALA A 333 9.86 4.35 8.49
CA ALA A 333 10.97 4.62 7.59
C ALA A 333 11.67 5.92 7.95
N PHE A 334 12.98 5.85 8.14
CA PHE A 334 13.78 7.03 8.45
C PHE A 334 14.69 7.27 7.25
N CYS A 335 15.23 8.48 7.17
CA CYS A 335 16.18 8.80 6.10
C CYS A 335 16.93 10.06 6.45
N THR A 336 18.21 10.11 6.09
CA THR A 336 19.01 11.29 6.35
C THR A 336 18.46 12.44 5.51
N SER A 337 17.75 12.09 4.44
CA SER A 337 17.18 13.11 3.56
C SER A 337 16.13 13.95 4.28
N HIS A 338 15.59 13.43 5.37
CA HIS A 338 14.56 14.14 6.13
C HIS A 338 15.12 15.22 7.06
N VAL A 339 15.25 16.42 6.55
CA VAL A 339 15.73 17.55 7.35
C VAL A 339 14.73 18.70 7.23
N VAL A 340 14.63 19.49 8.30
CA VAL A 340 13.72 20.63 8.30
C VAL A 340 14.54 21.90 8.16
N ASN A 341 13.86 22.98 7.81
CA ASN A 341 14.51 24.27 7.63
C ASN A 341 15.39 24.60 8.84
N GLY A 342 16.62 25.03 8.57
CA GLY A 342 17.54 25.37 9.64
C GLY A 342 18.56 24.28 9.89
N ILE A 343 18.33 23.12 9.29
CA ILE A 343 19.22 21.97 9.41
C ILE A 343 19.56 21.54 7.98
N GLY A 344 20.84 21.29 7.72
CA GLY A 344 21.22 20.89 6.38
C GLY A 344 22.30 19.82 6.31
N PHE A 345 22.80 19.60 5.10
CA PHE A 345 23.83 18.60 4.85
C PHE A 345 25.19 19.25 4.65
N SER A 346 26.22 18.42 4.68
CA SER A 346 27.58 18.88 4.46
C SER A 346 28.14 18.00 3.34
N ASP A 347 29.35 18.27 2.89
CA ASP A 347 29.92 17.46 1.83
C ASP A 347 30.56 16.16 2.34
N ASP A 348 30.22 15.79 3.56
CA ASP A 348 30.68 14.55 4.18
C ASP A 348 30.38 13.49 3.11
N PRO A 349 31.42 12.87 2.52
CA PRO A 349 31.23 11.85 1.48
C PRO A 349 30.49 10.58 1.88
N LEU A 350 30.20 10.40 3.17
CA LEU A 350 29.46 9.24 3.62
C LEU A 350 28.00 9.65 3.66
N LEU A 351 27.76 10.84 4.18
CA LEU A 351 26.42 11.40 4.26
C LEU A 351 25.82 11.61 2.87
N GLN A 352 26.61 12.17 1.96
CA GLN A 352 26.16 12.45 0.60
C GLN A 352 25.45 11.27 -0.07
N GLY A 353 26.01 10.08 0.05
CA GLY A 353 25.39 8.92 -0.55
C GLY A 353 24.22 8.36 0.24
N ARG A 354 24.23 8.57 1.56
CA ARG A 354 23.15 8.09 2.42
C ARG A 354 21.83 8.72 1.99
N ASN A 355 21.85 10.00 1.67
CA ASN A 355 20.66 10.72 1.27
C ASN A 355 19.91 10.01 0.16
N PHE A 356 20.64 9.41 -0.77
CA PHE A 356 20.06 8.70 -1.91
C PHE A 356 19.39 7.39 -1.47
N SER A 357 20.06 6.67 -0.58
CA SER A 357 19.59 5.38 -0.13
C SER A 357 18.28 5.23 0.64
N TYR A 358 18.04 6.06 1.66
CA TYR A 358 16.82 5.90 2.44
C TYR A 358 15.52 6.13 1.67
N PHE A 359 15.57 6.81 0.53
CA PHE A 359 14.36 6.99 -0.25
C PHE A 359 14.24 5.77 -1.17
N ASP A 360 15.33 5.44 -1.85
CA ASP A 360 15.37 4.33 -2.78
C ASP A 360 14.91 3.00 -2.21
N THR A 361 15.53 2.59 -1.10
CA THR A 361 15.20 1.30 -0.48
C THR A 361 13.73 1.10 -0.10
N GLN A 362 13.04 2.18 0.26
CA GLN A 362 11.64 2.10 0.67
C GLN A 362 10.70 1.63 -0.45
N ILE A 363 11.11 1.87 -1.69
CA ILE A 363 10.31 1.47 -2.84
C ILE A 363 9.98 -0.02 -2.83
N SER A 364 10.94 -0.85 -2.46
CA SER A 364 10.70 -2.29 -2.42
C SER A 364 10.34 -2.77 -1.02
N ARG A 365 10.88 -2.13 0.01
CA ARG A 365 10.59 -2.57 1.38
C ARG A 365 9.15 -2.27 1.79
N LEU A 366 8.70 -1.05 1.51
CA LEU A 366 7.35 -0.63 1.88
C LEU A 366 6.48 -0.40 0.64
N GLY A 367 6.88 0.58 -0.16
CA GLY A 367 6.13 0.92 -1.37
C GLY A 367 6.33 2.41 -1.60
N VAL A 368 6.06 2.89 -2.81
CA VAL A 368 6.26 4.31 -3.10
C VAL A 368 5.45 5.26 -2.21
N ASN A 369 4.29 4.81 -1.73
CA ASN A 369 3.47 5.66 -0.88
C ASN A 369 3.73 5.47 0.62
N PHE A 370 4.97 5.11 0.95
CA PHE A 370 5.34 4.89 2.34
C PHE A 370 5.11 6.10 3.26
N GLN A 371 5.20 7.32 2.71
CA GLN A 371 5.00 8.49 3.55
C GLN A 371 3.53 8.64 3.98
N GLU A 372 2.62 7.84 3.40
CA GLU A 372 1.21 7.88 3.76
C GLU A 372 0.94 7.00 4.98
N LEU A 373 1.82 6.05 5.26
CA LEU A 373 1.60 5.18 6.41
C LEU A 373 1.52 6.02 7.68
N PRO A 374 0.56 5.71 8.55
CA PRO A 374 0.38 6.45 9.80
C PRO A 374 1.67 6.82 10.56
N ILE A 375 2.53 5.83 10.78
CA ILE A 375 3.76 6.05 11.50
C ILE A 375 4.74 7.00 10.80
N ASN A 376 4.65 7.10 9.48
CA ASN A 376 5.56 7.95 8.72
C ASN A 376 5.03 9.35 8.41
N ARG A 377 3.72 9.52 8.42
CA ARG A 377 3.10 10.80 8.10
C ARG A 377 3.53 11.94 8.99
N PRO A 378 3.69 13.15 8.41
CA PRO A 378 4.08 14.28 9.25
C PRO A 378 2.83 14.74 10.00
N VAL A 379 2.99 15.59 11.01
CA VAL A 379 1.84 16.06 11.77
C VAL A 379 1.36 17.42 11.29
N CYS A 380 2.00 17.92 10.24
CA CYS A 380 1.65 19.22 9.67
C CYS A 380 1.09 19.01 8.26
N PRO A 381 0.49 20.06 7.68
CA PRO A 381 -0.05 19.95 6.33
C PRO A 381 0.97 19.57 5.27
N VAL A 382 0.55 18.73 4.33
CA VAL A 382 1.39 18.31 3.22
C VAL A 382 0.66 18.76 1.97
N MET A 383 1.33 19.57 1.15
CA MET A 383 0.72 20.09 -0.07
C MET A 383 1.71 20.09 -1.23
N ASN A 384 1.40 19.31 -2.26
CA ASN A 384 2.25 19.24 -3.43
C ASN A 384 1.53 18.52 -4.55
N PHE A 385 2.21 18.31 -5.67
CA PHE A 385 1.57 17.63 -6.78
C PHE A 385 2.09 16.24 -7.05
N ASN A 386 2.61 15.60 -6.01
CA ASN A 386 3.08 14.24 -6.14
C ASN A 386 1.79 13.44 -6.14
N ARG A 387 1.64 12.49 -7.05
CA ARG A 387 0.38 11.76 -7.15
C ARG A 387 0.51 10.27 -7.42
N ASP A 388 -0.63 9.59 -7.28
CA ASP A 388 -0.77 8.17 -7.54
C ASP A 388 0.23 7.27 -6.83
N GLY A 389 0.61 6.18 -7.49
CA GLY A 389 1.52 5.23 -6.87
C GLY A 389 0.69 4.13 -6.23
N ALA A 390 1.26 2.94 -6.09
CA ALA A 390 0.54 1.80 -5.51
C ALA A 390 -0.03 2.08 -4.12
N MET A 391 -1.16 1.46 -3.83
CA MET A 391 -1.85 1.58 -2.55
C MET A 391 -2.04 3.01 -2.07
N ARG A 392 -2.50 3.85 -2.98
CA ARG A 392 -2.74 5.27 -2.71
C ARG A 392 -4.01 5.50 -1.89
N HIS A 393 -3.88 6.07 -0.71
CA HIS A 393 -5.04 6.37 0.13
C HIS A 393 -5.52 7.82 -0.03
N THR A 394 -4.57 8.73 -0.23
CA THR A 394 -4.92 10.15 -0.37
C THR A 394 -5.76 10.45 -1.61
N ILE A 395 -6.86 11.17 -1.40
CA ILE A 395 -7.73 11.57 -2.48
C ILE A 395 -7.68 13.09 -2.54
N SER A 396 -7.28 13.60 -3.70
CA SER A 396 -7.15 15.04 -3.90
C SER A 396 -8.15 15.57 -4.90
N ARG A 397 -8.99 16.50 -4.45
CA ARG A 397 -9.98 17.11 -5.34
C ARG A 397 -9.30 18.20 -6.15
N GLY A 398 -9.83 18.47 -7.34
CA GLY A 398 -9.24 19.50 -8.19
C GLY A 398 -8.96 19.02 -9.59
N THR A 399 -8.79 19.97 -10.52
CA THR A 399 -8.54 19.63 -11.90
C THR A 399 -7.10 19.89 -12.32
N VAL A 400 -6.29 20.40 -11.40
CA VAL A 400 -4.89 20.70 -11.68
C VAL A 400 -3.93 19.93 -10.78
N ASN A 401 -2.82 19.50 -11.37
CA ASN A 401 -1.82 18.73 -10.64
C ASN A 401 -0.42 19.03 -11.13
N TYR A 402 -0.14 20.30 -11.41
CA TYR A 402 1.16 20.72 -11.90
C TYR A 402 1.37 22.20 -11.57
N TYR A 403 2.62 22.64 -11.59
CA TYR A 403 2.94 24.04 -11.31
C TYR A 403 3.96 24.51 -12.36
N PRO A 404 3.81 25.74 -12.88
CA PRO A 404 2.77 26.71 -12.55
C PRO A 404 1.43 26.39 -13.21
N ASN A 405 0.35 26.91 -12.65
CA ASN A 405 -0.98 26.70 -13.19
C ASN A 405 -1.78 27.99 -13.07
N ARG A 406 -2.86 28.09 -13.83
CA ARG A 406 -3.70 29.29 -13.84
C ARG A 406 -4.42 29.66 -12.55
N PHE A 407 -4.49 28.74 -11.60
CA PHE A 407 -5.16 29.03 -10.33
C PHE A 407 -4.13 29.37 -9.26
N ASP A 408 -2.86 29.29 -9.64
CA ASP A 408 -1.73 29.52 -8.73
C ASP A 408 -1.90 28.62 -7.52
N ALA A 409 -2.44 27.43 -7.77
CA ALA A 409 -2.64 26.44 -6.72
C ALA A 409 -1.33 25.85 -6.25
N CYS A 410 -1.20 25.72 -4.93
CA CYS A 410 0.00 25.17 -4.28
C CYS A 410 1.28 25.90 -4.65
N PRO A 411 1.34 27.22 -4.41
CA PRO A 411 2.54 27.98 -4.73
C PRO A 411 3.66 27.71 -3.74
N PRO A 412 4.91 28.01 -4.11
CA PRO A 412 6.04 27.78 -3.21
C PRO A 412 5.99 28.72 -2.01
N ALA A 413 6.68 28.36 -0.94
CA ALA A 413 6.74 29.19 0.25
C ALA A 413 8.01 30.03 0.19
N SER A 414 7.90 31.31 0.51
CA SER A 414 9.08 32.18 0.51
C SER A 414 9.88 31.83 1.76
N LEU A 415 11.10 32.35 1.86
CA LEU A 415 11.94 32.08 3.03
C LEU A 415 11.26 32.61 4.30
N LYS A 416 10.61 33.76 4.20
CA LYS A 416 9.95 34.33 5.36
C LYS A 416 8.76 33.48 5.80
N GLU A 417 8.18 32.75 4.86
CA GLU A 417 7.04 31.88 5.15
C GLU A 417 7.50 30.50 5.64
N GLY A 418 8.80 30.34 5.81
CA GLY A 418 9.32 29.06 6.28
C GLY A 418 9.92 28.15 5.22
N GLY A 419 10.02 28.65 3.99
CA GLY A 419 10.58 27.85 2.90
C GLY A 419 11.99 27.40 3.26
N TYR A 420 12.34 26.17 2.89
CA TYR A 420 13.65 25.62 3.21
C TYR A 420 14.80 26.46 2.67
N LEU A 421 15.73 26.81 3.55
CA LEU A 421 16.88 27.62 3.17
C LEU A 421 18.06 26.77 2.71
N GLU A 422 18.41 26.90 1.43
CA GLU A 422 19.53 26.17 0.85
C GLU A 422 20.76 27.08 0.97
N TYR A 423 21.71 26.68 1.81
CA TYR A 423 22.92 27.48 2.00
C TYR A 423 23.67 27.56 0.67
N ALA A 424 24.05 28.78 0.29
CA ALA A 424 24.77 29.01 -0.96
C ALA A 424 26.26 28.71 -0.79
N GLN A 425 26.57 27.47 -0.47
CA GLN A 425 27.96 27.07 -0.26
C GLN A 425 28.81 27.17 -1.51
N LYS A 426 30.01 27.72 -1.36
CA LYS A 426 30.94 27.83 -2.48
C LYS A 426 31.53 26.45 -2.76
N VAL A 427 31.63 26.10 -4.04
CA VAL A 427 32.18 24.81 -4.45
C VAL A 427 33.14 25.03 -5.61
N ALA A 428 34.32 24.43 -5.51
CA ALA A 428 35.33 24.56 -6.56
C ALA A 428 36.24 23.36 -6.58
N GLY A 429 36.46 22.83 -7.79
CA GLY A 429 37.33 21.68 -7.95
C GLY A 429 37.07 21.01 -9.29
N ILE A 430 37.33 19.71 -9.37
CA ILE A 430 37.11 18.97 -10.60
C ILE A 430 36.24 17.75 -10.33
N LYS A 431 35.62 17.22 -11.39
CA LYS A 431 34.80 16.04 -11.25
C LYS A 431 35.78 14.87 -11.21
N ALA A 432 35.78 14.12 -10.11
CA ALA A 432 36.67 12.98 -9.98
C ALA A 432 36.21 12.05 -8.88
N ARG A 433 36.68 10.81 -8.96
CA ARG A 433 36.37 9.80 -7.97
C ARG A 433 37.53 9.78 -7.00
N ALA A 434 37.50 10.71 -6.05
CA ALA A 434 38.56 10.83 -5.06
C ALA A 434 38.15 11.67 -3.86
N ARG A 435 38.98 11.62 -2.82
CA ARG A 435 38.75 12.37 -1.58
C ARG A 435 39.95 13.31 -1.42
N SER A 436 39.80 14.34 -0.58
CA SER A 436 40.89 15.29 -0.36
C SER A 436 41.97 14.76 0.58
N ALA A 437 43.08 15.51 0.66
CA ALA A 437 44.25 15.14 1.45
C ALA A 437 44.10 14.60 2.88
N LYS A 438 43.39 15.33 3.74
CA LYS A 438 43.24 14.90 5.13
C LYS A 438 42.54 13.56 5.34
N PHE A 439 41.78 13.11 4.34
CA PHE A 439 41.08 11.84 4.44
C PHE A 439 42.05 10.66 4.47
N LYS A 440 43.27 10.88 4.01
CA LYS A 440 44.28 9.84 3.95
C LYS A 440 44.82 9.31 5.29
N GLU A 441 44.56 10.03 6.38
CA GLU A 441 45.03 9.61 7.70
C GLU A 441 44.05 8.56 8.25
N HIS A 442 44.56 7.37 8.54
CA HIS A 442 43.70 6.30 9.00
C HIS A 442 43.99 5.61 10.34
N PHE A 443 45.09 5.96 10.99
CA PHE A 443 45.43 5.31 12.25
C PHE A 443 45.44 6.11 13.54
N SER A 444 45.72 7.40 13.47
CA SER A 444 45.79 8.25 14.66
C SER A 444 44.67 8.10 15.70
N GLN A 445 43.42 8.22 15.28
CA GLN A 445 42.32 8.12 16.22
C GLN A 445 42.05 6.72 16.76
N ALA A 446 42.47 5.70 16.01
CA ALA A 446 42.29 4.33 16.47
C ALA A 446 43.15 4.17 17.72
N GLN A 447 44.36 4.74 17.65
CA GLN A 447 45.31 4.69 18.75
C GLN A 447 44.77 5.52 19.91
N LEU A 448 44.25 6.70 19.59
CA LEU A 448 43.68 7.60 20.60
C LEU A 448 42.57 6.89 21.37
N PHE A 449 41.70 6.19 20.65
CA PHE A 449 40.60 5.48 21.29
C PHE A 449 41.11 4.40 22.22
N TYR A 450 42.01 3.55 21.71
CA TYR A 450 42.56 2.47 22.53
C TYR A 450 43.27 3.04 23.75
N ASN A 451 44.03 4.11 23.55
CA ASN A 451 44.75 4.76 24.65
C ASN A 451 43.82 5.28 25.74
N SER A 452 42.66 5.80 25.33
CA SER A 452 41.70 6.37 26.27
C SER A 452 40.88 5.38 27.06
N MET A 453 40.92 4.11 26.66
CA MET A 453 40.16 3.08 27.36
C MET A 453 40.76 2.77 28.73
N SER A 454 39.90 2.46 29.69
CA SER A 454 40.38 2.11 31.03
C SER A 454 41.00 0.72 30.93
N PRO A 455 41.71 0.27 31.98
CA PRO A 455 42.34 -1.05 31.95
C PRO A 455 41.33 -2.17 31.65
N ILE A 456 40.19 -2.15 32.33
CA ILE A 456 39.17 -3.17 32.13
C ILE A 456 38.62 -3.14 30.70
N GLU A 457 38.47 -1.94 30.13
CA GLU A 457 37.95 -1.81 28.79
C GLU A 457 38.96 -2.34 27.77
N LYS A 458 40.25 -2.16 28.05
CA LYS A 458 41.29 -2.65 27.16
C LYS A 458 41.27 -4.18 27.21
N GLN A 459 41.07 -4.73 28.41
CA GLN A 459 41.04 -6.17 28.60
C GLN A 459 39.87 -6.77 27.83
N HIS A 460 38.73 -6.10 27.87
CA HIS A 460 37.54 -6.56 27.15
C HIS A 460 37.75 -6.54 25.65
N MET A 461 38.47 -5.53 25.16
CA MET A 461 38.76 -5.42 23.73
C MET A 461 39.71 -6.53 23.34
N ILE A 462 40.69 -6.81 24.20
CA ILE A 462 41.65 -7.88 23.94
C ILE A 462 40.90 -9.20 23.84
N ASN A 463 39.96 -9.42 24.75
CA ASN A 463 39.18 -10.66 24.74
C ASN A 463 38.34 -10.73 23.47
N ALA A 464 37.87 -9.58 23.00
CA ALA A 464 37.04 -9.53 21.79
C ALA A 464 37.86 -9.93 20.56
N PHE A 465 39.02 -9.30 20.38
CA PHE A 465 39.87 -9.63 19.24
C PHE A 465 40.24 -11.11 19.30
N GLY A 466 40.51 -11.60 20.51
CA GLY A 466 40.87 -12.99 20.69
C GLY A 466 39.77 -13.96 20.30
N PHE A 467 38.53 -13.60 20.60
CA PHE A 467 37.41 -14.44 20.26
C PHE A 467 37.09 -14.36 18.76
N GLU A 468 37.05 -13.13 18.25
CA GLU A 468 36.74 -12.89 16.84
C GLU A 468 37.72 -13.54 15.87
N LEU A 469 39.01 -13.33 16.12
CA LEU A 469 40.02 -13.91 15.23
C LEU A 469 40.13 -15.42 15.40
N ASP A 470 39.75 -15.93 16.57
CA ASP A 470 39.77 -17.37 16.80
C ASP A 470 38.78 -17.98 15.80
N HIS A 471 37.69 -17.27 15.56
CA HIS A 471 36.66 -17.76 14.65
C HIS A 471 36.94 -17.52 13.16
N CYS A 472 38.16 -17.10 12.86
CA CYS A 472 38.56 -16.90 11.48
C CYS A 472 39.38 -18.13 11.11
N GLU A 473 38.86 -18.93 10.18
CA GLU A 473 39.50 -20.16 9.74
C GLU A 473 40.73 -19.97 8.87
N ASP A 474 40.78 -18.88 8.13
CA ASP A 474 41.90 -18.60 7.24
C ASP A 474 43.09 -17.96 7.94
N PRO A 475 44.24 -18.66 7.99
CA PRO A 475 45.44 -18.15 8.63
C PRO A 475 45.89 -16.80 8.05
N VAL A 476 45.53 -16.57 6.79
CA VAL A 476 45.86 -15.33 6.12
C VAL A 476 45.08 -14.17 6.74
N VAL A 477 43.83 -14.45 7.10
CA VAL A 477 42.96 -13.42 7.69
C VAL A 477 43.40 -12.99 9.08
N TYR A 478 43.54 -13.93 10.01
CA TYR A 478 43.95 -13.54 11.35
C TYR A 478 45.43 -13.18 11.38
N GLY A 479 46.20 -13.79 10.48
CA GLY A 479 47.62 -13.50 10.40
C GLY A 479 47.84 -12.04 10.03
N ARG A 480 47.09 -11.56 9.04
CA ARG A 480 47.21 -10.19 8.60
C ARG A 480 46.68 -9.23 9.67
N MET A 481 45.58 -9.59 10.31
CA MET A 481 45.01 -8.73 11.34
C MET A 481 45.99 -8.52 12.50
N VAL A 482 46.73 -9.57 12.86
CA VAL A 482 47.71 -9.44 13.93
C VAL A 482 48.73 -8.38 13.52
N GLN A 483 49.09 -8.36 12.24
CA GLN A 483 50.04 -7.38 11.72
C GLN A 483 49.45 -5.97 11.80
N ARG A 484 48.17 -5.85 11.48
CA ARG A 484 47.49 -4.56 11.51
C ARG A 484 47.40 -3.99 12.93
N LEU A 485 47.16 -4.86 13.90
CA LEU A 485 47.04 -4.43 15.29
C LEU A 485 48.30 -3.72 15.79
N ALA A 486 49.43 -4.01 15.17
CA ALA A 486 50.68 -3.38 15.56
C ALA A 486 50.64 -1.90 15.20
N ASP A 487 49.73 -1.54 14.28
CA ASP A 487 49.60 -0.15 13.87
C ASP A 487 48.73 0.63 14.85
N ILE A 488 48.21 -0.07 15.84
CA ILE A 488 47.37 0.54 16.88
C ILE A 488 48.16 0.55 18.18
N ASP A 489 48.75 -0.60 18.51
CA ASP A 489 49.53 -0.77 19.73
C ASP A 489 50.35 -2.06 19.60
N LEU A 490 51.67 -1.94 19.69
CA LEU A 490 52.55 -3.10 19.57
C LEU A 490 52.26 -4.18 20.61
N GLY A 491 51.96 -3.77 21.83
CA GLY A 491 51.68 -4.72 22.88
C GLY A 491 50.40 -5.50 22.61
N LEU A 492 49.41 -4.80 22.06
CA LEU A 492 48.13 -5.42 21.73
C LEU A 492 48.33 -6.54 20.70
N ALA A 493 49.13 -6.25 19.68
CA ALA A 493 49.40 -7.22 18.62
C ALA A 493 50.02 -8.49 19.19
N GLN A 494 51.01 -8.33 20.05
CA GLN A 494 51.69 -9.46 20.64
C GLN A 494 50.74 -10.36 21.44
N THR A 495 49.90 -9.74 22.25
CA THR A 495 48.95 -10.45 23.08
C THR A 495 47.95 -11.23 22.21
N ILE A 496 47.44 -10.59 21.17
CA ILE A 496 46.50 -11.27 20.28
C ILE A 496 47.19 -12.39 19.52
N ALA A 497 48.42 -12.16 19.10
CA ALA A 497 49.17 -13.18 18.36
C ALA A 497 49.33 -14.45 19.19
N GLU A 498 49.64 -14.32 20.47
CA GLU A 498 49.80 -15.52 21.30
C GLU A 498 48.46 -16.20 21.54
N MET A 499 47.37 -15.43 21.41
CA MET A 499 46.03 -15.97 21.61
C MET A 499 45.46 -16.68 20.39
N VAL A 500 45.67 -16.12 19.20
CA VAL A 500 45.08 -16.70 17.99
C VAL A 500 46.02 -17.22 16.90
N GLY A 501 47.30 -16.93 17.02
CA GLY A 501 48.25 -17.38 16.01
C GLY A 501 48.77 -16.19 15.22
N GLY A 502 49.63 -16.46 14.24
CA GLY A 502 50.19 -15.38 13.46
C GLY A 502 51.47 -14.90 14.13
N GLU A 503 52.10 -13.88 13.55
CA GLU A 503 53.34 -13.36 14.12
C GLU A 503 53.22 -11.84 14.26
N ALA A 504 53.28 -11.36 15.50
CA ALA A 504 53.18 -9.93 15.75
C ALA A 504 54.47 -9.22 15.37
N PRO A 505 54.37 -8.19 14.51
CA PRO A 505 55.59 -7.47 14.11
C PRO A 505 56.20 -6.72 15.29
N THR A 506 57.51 -6.50 15.22
CA THR A 506 58.23 -5.82 16.29
C THR A 506 58.24 -4.31 16.08
N THR A 507 58.00 -3.88 14.84
CA THR A 507 58.00 -2.46 14.52
C THR A 507 56.73 -2.09 13.77
N THR A 508 56.55 -0.78 13.57
CA THR A 508 55.39 -0.28 12.85
C THR A 508 55.70 1.09 12.25
N ASN A 509 55.04 1.41 11.14
CA ASN A 509 55.22 2.69 10.48
C ASN A 509 54.21 3.69 11.02
N HIS A 510 53.42 3.26 12.00
CA HIS A 510 52.40 4.10 12.60
C HIS A 510 52.53 4.07 14.12
N PRO A 511 53.63 4.62 14.66
CA PRO A 511 53.86 4.63 16.10
C PRO A 511 52.70 5.23 16.91
N ASN A 512 52.43 4.64 18.06
CA ASN A 512 51.38 5.10 18.95
C ASN A 512 52.07 5.98 19.99
N HIS A 513 51.79 7.29 19.94
CA HIS A 513 52.40 8.27 20.82
C HIS A 513 51.81 8.37 22.23
N GLY A 514 50.79 7.58 22.53
CA GLY A 514 50.21 7.58 23.86
C GLY A 514 49.22 8.64 24.28
N ARG A 515 48.90 9.62 23.44
CA ARG A 515 47.92 10.65 23.84
C ARG A 515 46.54 10.02 24.04
N LYS A 516 45.79 10.59 24.99
CA LYS A 516 44.44 10.13 25.30
C LYS A 516 43.52 11.35 25.21
N THR A 517 42.22 11.12 25.29
CA THR A 517 41.26 12.23 25.24
C THR A 517 40.06 11.90 26.11
N ILE A 518 39.27 12.92 26.44
CA ILE A 518 38.12 12.74 27.30
C ILE A 518 36.85 12.27 26.59
N ASN A 519 35.93 11.76 27.40
CA ASN A 519 34.62 11.29 26.96
C ASN A 519 34.58 10.19 25.90
N LEU A 520 35.51 9.23 26.00
CA LEU A 520 35.53 8.10 25.08
C LEU A 520 35.29 6.85 25.94
N SER A 521 36.03 6.76 27.04
CA SER A 521 35.88 5.63 27.96
C SER A 521 34.49 5.68 28.56
N GLN A 522 33.87 4.52 28.76
CA GLN A 522 32.53 4.47 29.33
C GLN A 522 32.54 4.91 30.80
N THR A 523 33.72 4.91 31.41
CA THR A 523 33.83 5.33 32.81
C THR A 523 33.47 6.81 32.97
N GLU A 524 33.51 7.54 31.86
CA GLU A 524 33.19 8.96 31.91
C GLU A 524 31.70 9.24 31.65
N PHE A 525 30.91 8.19 31.66
CA PHE A 525 29.47 8.32 31.46
C PHE A 525 28.68 7.57 32.53
N PRO A 526 28.79 8.02 33.80
CA PRO A 526 28.06 7.36 34.88
C PRO A 526 26.64 7.88 34.89
N PRO A 527 25.77 7.27 35.69
CA PRO A 527 24.38 7.76 35.72
C PRO A 527 24.35 9.17 36.28
N ALA A 528 23.31 9.92 35.93
CA ALA A 528 23.17 11.29 36.40
C ALA A 528 23.29 11.35 37.92
N THR A 529 22.83 10.30 38.59
CA THR A 529 22.89 10.21 40.05
C THR A 529 22.89 8.73 40.43
N PRO A 530 23.50 8.37 41.57
CA PRO A 530 23.54 6.97 42.01
C PRO A 530 22.14 6.37 41.97
N THR A 531 21.98 5.24 41.28
CA THR A 531 20.66 4.63 41.17
C THR A 531 20.68 3.15 40.77
N ILE A 532 19.57 2.47 41.00
CA ILE A 532 19.43 1.07 40.59
C ILE A 532 18.07 0.95 39.89
N LYS A 533 17.54 2.11 39.48
CA LYS A 533 16.24 2.15 38.80
C LYS A 533 16.22 1.22 37.59
N SER A 534 15.16 0.43 37.49
CA SER A 534 14.93 -0.53 36.41
C SER A 534 15.77 -1.80 36.47
N ARG A 535 16.77 -1.85 37.33
CA ARG A 535 17.62 -3.04 37.46
C ARG A 535 16.80 -4.20 37.99
N ARG A 536 17.14 -5.41 37.56
CA ARG A 536 16.42 -6.60 38.01
C ARG A 536 17.27 -7.33 39.06
N VAL A 537 16.63 -7.69 40.18
CA VAL A 537 17.34 -8.37 41.26
C VAL A 537 16.65 -9.69 41.58
N ALA A 538 17.37 -10.79 41.37
CA ALA A 538 16.82 -12.10 41.65
C ALA A 538 16.91 -12.37 43.16
N ILE A 539 15.84 -12.90 43.73
CA ILE A 539 15.81 -13.26 45.13
C ILE A 539 15.64 -14.78 45.11
N ILE A 540 16.73 -15.48 45.41
CA ILE A 540 16.72 -16.93 45.37
C ILE A 540 16.33 -17.55 46.70
N ILE A 541 15.27 -18.37 46.67
CA ILE A 541 14.76 -19.01 47.87
C ILE A 541 14.50 -20.50 47.67
N ALA A 542 14.18 -21.16 48.77
CA ALA A 542 13.86 -22.58 48.80
C ALA A 542 13.08 -22.76 50.10
N ASP A 543 12.37 -23.86 50.26
CA ASP A 543 11.60 -24.05 51.50
C ASP A 543 12.48 -23.82 52.73
N GLY A 544 11.97 -23.01 53.65
CA GLY A 544 12.71 -22.73 54.87
C GLY A 544 13.49 -21.43 54.84
N TYR A 545 13.23 -20.58 53.85
CA TYR A 545 13.95 -19.30 53.76
C TYR A 545 13.51 -18.34 54.86
N ASP A 546 14.37 -17.38 55.16
CA ASP A 546 14.12 -16.38 56.19
C ASP A 546 13.17 -15.29 55.64
N ASN A 547 11.93 -15.28 56.11
CA ASN A 547 10.96 -14.30 55.65
C ASN A 547 11.34 -12.86 55.99
N VAL A 548 12.15 -12.69 57.04
CA VAL A 548 12.57 -11.35 57.46
C VAL A 548 13.48 -10.66 56.45
N ALA A 549 14.60 -11.31 56.12
CA ALA A 549 15.54 -10.75 55.16
C ALA A 549 14.84 -10.63 53.81
N TYR A 550 13.99 -11.60 53.51
CA TYR A 550 13.24 -11.62 52.26
C TYR A 550 12.35 -10.39 52.15
N ASP A 551 11.55 -10.14 53.19
CA ASP A 551 10.64 -9.00 53.20
C ASP A 551 11.39 -7.67 53.09
N ALA A 552 12.47 -7.55 53.85
CA ALA A 552 13.28 -6.32 53.84
C ALA A 552 13.85 -6.01 52.45
N ALA A 553 14.48 -7.01 51.85
CA ALA A 553 15.08 -6.84 50.52
C ALA A 553 14.01 -6.54 49.48
N TYR A 554 12.92 -7.30 49.50
CA TYR A 554 11.85 -7.12 48.53
C TYR A 554 11.28 -5.71 48.53
N ALA A 555 11.03 -5.17 49.73
CA ALA A 555 10.48 -3.83 49.84
C ALA A 555 11.49 -2.77 49.42
N ALA A 556 12.76 -2.95 49.81
CA ALA A 556 13.81 -2.01 49.46
C ALA A 556 14.07 -1.98 47.97
N ILE A 557 14.02 -3.15 47.33
CA ILE A 557 14.23 -3.22 45.90
C ILE A 557 13.13 -2.45 45.19
N SER A 558 11.88 -2.73 45.57
CA SER A 558 10.73 -2.06 44.98
C SER A 558 10.75 -0.56 45.24
N ALA A 559 11.06 -0.19 46.48
CA ALA A 559 11.09 1.23 46.86
C ALA A 559 12.19 2.01 46.19
N ASN A 560 13.12 1.31 45.54
CA ASN A 560 14.21 1.99 44.85
C ASN A 560 14.07 1.81 43.35
N GLN A 561 12.83 1.60 42.93
CA GLN A 561 12.48 1.44 41.52
C GLN A 561 13.16 0.29 40.77
N ALA A 562 13.57 -0.73 41.50
CA ALA A 562 14.20 -1.90 40.90
C ALA A 562 13.17 -3.02 40.85
N ILE A 563 13.45 -4.07 40.10
CA ILE A 563 12.50 -5.17 39.94
C ILE A 563 12.90 -6.45 40.66
N PRO A 564 12.13 -6.83 41.70
CA PRO A 564 12.44 -8.05 42.44
C PRO A 564 11.86 -9.25 41.69
N LEU A 565 12.69 -10.26 41.45
CA LEU A 565 12.25 -11.46 40.76
C LEU A 565 12.58 -12.65 41.65
N VAL A 566 11.52 -13.26 42.20
CA VAL A 566 11.69 -14.40 43.09
C VAL A 566 11.92 -15.68 42.30
N ILE A 567 13.02 -16.36 42.62
CA ILE A 567 13.40 -17.60 41.94
C ILE A 567 13.45 -18.73 42.96
N GLY A 568 12.69 -19.79 42.73
CA GLY A 568 12.70 -20.91 43.66
C GLY A 568 12.85 -22.25 42.96
N PRO A 569 12.94 -23.36 43.73
CA PRO A 569 13.10 -24.70 43.15
C PRO A 569 11.87 -25.09 42.32
N ARG A 570 10.75 -24.46 42.62
CA ARG A 570 9.51 -24.72 41.91
C ARG A 570 8.77 -23.39 41.77
N ARG A 571 7.84 -23.31 40.82
CA ARG A 571 7.10 -22.08 40.60
C ARG A 571 5.64 -22.22 41.05
N SER A 572 5.43 -23.06 42.07
CA SER A 572 4.08 -23.27 42.59
C SER A 572 3.97 -22.57 43.95
N LYS A 573 4.71 -23.08 44.93
CA LYS A 573 4.69 -22.51 46.26
C LYS A 573 5.95 -22.85 47.02
N VAL A 574 6.50 -21.86 47.71
CA VAL A 574 7.67 -22.04 48.54
C VAL A 574 7.28 -21.56 49.93
N THR A 575 7.63 -22.34 50.94
CA THR A 575 7.28 -22.00 52.32
C THR A 575 8.46 -21.46 53.12
N ALA A 576 8.26 -20.32 53.76
CA ALA A 576 9.30 -19.70 54.58
C ALA A 576 9.43 -20.45 55.89
N ALA A 577 10.53 -20.19 56.62
CA ALA A 577 10.78 -20.84 57.90
C ALA A 577 9.65 -20.54 58.88
N ASN A 578 9.01 -19.38 58.71
CA ASN A 578 7.93 -19.01 59.62
C ASN A 578 6.56 -19.47 59.17
N GLY A 579 6.50 -20.28 58.12
CA GLY A 579 5.23 -20.80 57.65
C GLY A 579 4.53 -20.00 56.57
N SER A 580 4.95 -18.75 56.36
CA SER A 580 4.33 -17.94 55.32
C SER A 580 4.75 -18.52 53.98
N THR A 581 3.99 -18.25 52.93
CA THR A 581 4.32 -18.78 51.61
C THR A 581 4.31 -17.73 50.52
N VAL A 582 4.91 -18.07 49.38
CA VAL A 582 4.97 -17.17 48.24
C VAL A 582 5.14 -18.01 46.97
N GLN A 583 4.65 -17.51 45.84
CA GLN A 583 4.78 -18.22 44.58
C GLN A 583 5.87 -17.46 43.83
N PRO A 584 7.02 -18.11 43.58
CA PRO A 584 8.10 -17.43 42.86
C PRO A 584 7.66 -17.02 41.47
N HIS A 585 8.40 -16.10 40.86
CA HIS A 585 8.11 -15.64 39.52
C HIS A 585 8.53 -16.77 38.55
N HIS A 586 9.66 -17.41 38.84
CA HIS A 586 10.17 -18.52 38.00
C HIS A 586 10.90 -19.53 38.86
N HIS A 587 11.06 -20.75 38.33
CA HIS A 587 11.82 -21.75 39.04
C HIS A 587 13.26 -21.68 38.51
N LEU A 588 14.19 -22.30 39.26
CA LEU A 588 15.61 -22.28 38.92
C LEU A 588 16.00 -22.73 37.52
N GLU A 589 15.22 -23.65 36.92
CA GLU A 589 15.51 -24.14 35.58
C GLU A 589 14.95 -23.27 34.46
N GLY A 590 13.91 -22.48 34.76
CA GLY A 590 13.30 -21.64 33.74
C GLY A 590 13.99 -20.31 33.49
N PHE A 591 14.88 -19.91 34.41
CA PHE A 591 15.61 -18.64 34.30
C PHE A 591 17.09 -18.86 34.60
N ARG A 592 17.91 -17.84 34.34
CA ARG A 592 19.33 -17.94 34.61
C ARG A 592 19.79 -16.57 35.09
N SER A 593 20.92 -16.53 35.77
CA SER A 593 21.44 -15.27 36.30
C SER A 593 21.76 -14.27 35.19
N THR A 594 21.96 -14.77 33.98
CA THR A 594 22.26 -13.90 32.84
C THR A 594 21.16 -12.88 32.61
N MET A 595 19.95 -13.21 33.04
CA MET A 595 18.77 -12.37 32.85
C MET A 595 18.53 -11.29 33.90
N VAL A 596 19.37 -11.25 34.93
CA VAL A 596 19.22 -10.25 35.98
C VAL A 596 20.50 -9.46 36.21
N ASP A 597 20.40 -8.39 36.97
CA ASP A 597 21.55 -7.53 37.25
C ASP A 597 22.32 -7.95 38.49
N ALA A 598 21.64 -8.65 39.39
CA ALA A 598 22.25 -9.08 40.64
C ALA A 598 21.37 -10.12 41.31
N ILE A 599 21.93 -10.81 42.31
CA ILE A 599 21.18 -11.82 43.04
C ILE A 599 21.30 -11.61 44.55
N PHE A 600 20.24 -11.93 45.26
CA PHE A 600 20.20 -11.82 46.71
C PHE A 600 19.64 -13.13 47.25
N ILE A 601 20.27 -13.66 48.28
CA ILE A 601 19.82 -14.91 48.87
C ILE A 601 19.62 -14.72 50.37
N PRO A 602 18.37 -14.81 50.85
CA PRO A 602 18.10 -14.64 52.27
C PRO A 602 18.50 -15.90 53.02
N GLY A 603 18.58 -15.80 54.34
CA GLY A 603 18.97 -16.94 55.15
C GLY A 603 17.95 -18.05 55.25
N GLY A 604 18.07 -18.84 56.31
CA GLY A 604 17.18 -19.97 56.50
C GLY A 604 18.03 -21.22 56.34
N ALA A 605 18.37 -21.86 57.45
CA ALA A 605 19.21 -23.06 57.42
C ALA A 605 18.74 -24.13 56.44
N LYS A 606 17.45 -24.46 56.51
CA LYS A 606 16.89 -25.47 55.65
C LYS A 606 17.02 -25.07 54.17
N ALA A 607 16.80 -23.79 53.90
CA ALA A 607 16.89 -23.29 52.53
C ALA A 607 18.32 -23.35 52.00
N ALA A 608 19.27 -22.87 52.81
CA ALA A 608 20.68 -22.87 52.42
C ALA A 608 21.20 -24.28 52.17
N GLU A 609 20.74 -25.24 52.96
CA GLU A 609 21.17 -26.62 52.81
C GLU A 609 20.66 -27.20 51.49
N THR A 610 19.39 -26.94 51.19
CA THR A 610 18.79 -27.43 49.95
C THR A 610 19.45 -26.80 48.74
N LEU A 611 19.70 -25.50 48.79
CA LEU A 611 20.33 -24.82 47.67
C LEU A 611 21.79 -25.24 47.48
N SER A 612 22.46 -25.62 48.57
CA SER A 612 23.85 -26.03 48.50
C SER A 612 24.03 -27.36 47.76
N LYS A 613 22.95 -28.13 47.65
CA LYS A 613 23.00 -29.43 46.98
C LYS A 613 22.33 -29.36 45.61
N ASN A 614 21.89 -28.17 45.22
CA ASN A 614 21.21 -27.98 43.95
C ASN A 614 22.21 -27.40 42.95
N GLY A 615 22.63 -28.25 42.00
CA GLY A 615 23.60 -27.83 41.00
C GLY A 615 23.21 -26.56 40.25
N ARG A 616 21.94 -26.48 39.85
CA ARG A 616 21.45 -25.32 39.13
C ARG A 616 21.60 -24.07 39.99
N ALA A 617 21.26 -24.18 41.27
CA ALA A 617 21.37 -23.05 42.20
C ALA A 617 22.82 -22.63 42.36
N LEU A 618 23.71 -23.61 42.48
CA LEU A 618 25.12 -23.31 42.63
C LEU A 618 25.63 -22.61 41.37
N HIS A 619 25.07 -22.98 40.22
CA HIS A 619 25.50 -22.35 38.98
C HIS A 619 25.05 -20.90 38.94
N TRP A 620 23.85 -20.64 39.44
CA TRP A 620 23.33 -19.27 39.48
C TRP A 620 24.35 -18.40 40.20
N ILE A 621 24.85 -18.89 41.32
CA ILE A 621 25.82 -18.14 42.12
C ILE A 621 27.16 -17.98 41.40
N ARG A 622 27.70 -19.09 40.89
CA ARG A 622 28.98 -19.04 40.18
C ARG A 622 28.93 -18.19 38.91
N GLU A 623 27.82 -18.27 38.17
CA GLU A 623 27.68 -17.49 36.95
C GLU A 623 27.53 -16.01 37.28
N ALA A 624 26.72 -15.70 38.29
CA ALA A 624 26.54 -14.30 38.69
C ALA A 624 27.90 -13.73 39.09
N PHE A 625 28.71 -14.56 39.75
CA PHE A 625 30.05 -14.12 40.17
C PHE A 625 30.94 -13.93 38.96
N GLY A 626 30.96 -14.94 38.08
CA GLY A 626 31.79 -14.87 36.90
C GLY A 626 31.42 -13.72 35.97
N HIS A 627 30.15 -13.34 35.93
CA HIS A 627 29.71 -12.25 35.09
C HIS A 627 29.87 -10.90 35.79
N LEU A 628 30.53 -10.94 36.94
CA LEU A 628 30.84 -9.75 37.72
C LEU A 628 29.65 -9.01 38.36
N LYS A 629 28.56 -9.73 38.57
CA LYS A 629 27.37 -9.12 39.15
C LYS A 629 27.37 -9.09 40.68
N ALA A 630 26.67 -8.11 41.24
CA ALA A 630 26.59 -7.97 42.69
C ALA A 630 25.85 -9.19 43.25
N ILE A 631 26.35 -9.67 44.38
CA ILE A 631 25.77 -10.82 45.06
C ILE A 631 25.59 -10.45 46.52
N GLY A 632 24.39 -10.66 47.05
CA GLY A 632 24.12 -10.34 48.43
C GLY A 632 23.55 -11.55 49.14
N ALA A 633 23.96 -11.76 50.38
CA ALA A 633 23.47 -12.91 51.13
C ALA A 633 23.48 -12.61 52.62
N THR A 634 22.51 -13.19 53.33
CA THR A 634 22.40 -12.99 54.77
C THR A 634 22.19 -14.33 55.47
N GLY A 635 22.57 -14.39 56.75
CA GLY A 635 22.40 -15.61 57.51
C GLY A 635 23.12 -16.82 56.95
N GLU A 636 22.42 -17.95 56.93
CA GLU A 636 22.97 -19.20 56.45
C GLU A 636 23.35 -19.17 54.96
N ALA A 637 22.83 -18.19 54.23
CA ALA A 637 23.13 -18.07 52.80
C ALA A 637 24.56 -17.61 52.58
N VAL A 638 25.15 -16.98 53.59
CA VAL A 638 26.52 -16.50 53.47
C VAL A 638 27.48 -17.67 53.24
N ASP A 639 27.31 -18.74 54.01
CA ASP A 639 28.16 -19.90 53.88
C ASP A 639 27.88 -20.59 52.54
N LEU A 640 26.64 -20.48 52.09
CA LEU A 640 26.23 -21.05 50.81
C LEU A 640 27.05 -20.42 49.71
N VAL A 641 27.05 -19.09 49.68
CA VAL A 641 27.77 -18.33 48.68
C VAL A 641 29.29 -18.52 48.78
N ALA A 642 29.81 -18.41 50.00
CA ALA A 642 31.24 -18.57 50.22
C ALA A 642 31.73 -19.91 49.69
N LYS A 643 30.98 -20.97 49.98
CA LYS A 643 31.34 -22.30 49.54
C LYS A 643 31.10 -22.53 48.05
N ALA A 644 30.09 -21.86 47.49
CA ALA A 644 29.78 -22.00 46.08
C ALA A 644 30.91 -21.39 45.24
N ILE A 645 31.40 -20.24 45.68
CA ILE A 645 32.48 -19.53 44.98
C ILE A 645 33.82 -20.19 45.30
N ALA A 646 34.01 -20.58 46.56
CA ALA A 646 35.23 -21.26 47.00
C ALA A 646 36.54 -20.53 46.68
N LEU A 647 36.57 -19.23 46.93
CA LEU A 647 37.76 -18.42 46.67
C LEU A 647 38.23 -17.71 47.93
N PRO A 648 39.48 -17.96 48.36
CA PRO A 648 40.02 -17.30 49.56
C PRO A 648 40.06 -15.78 49.39
N GLN A 649 40.22 -15.32 48.16
CA GLN A 649 40.26 -13.89 47.85
C GLN A 649 38.94 -13.21 48.19
N VAL A 650 37.85 -13.95 48.14
CA VAL A 650 36.53 -13.39 48.44
C VAL A 650 36.13 -13.65 49.88
N THR A 651 36.27 -12.64 50.72
CA THR A 651 35.94 -12.77 52.13
C THR A 651 34.48 -12.46 52.41
N VAL A 652 33.96 -13.03 53.50
CA VAL A 652 32.57 -12.83 53.87
C VAL A 652 32.39 -12.52 55.36
N SER A 653 31.23 -12.01 55.71
CA SER A 653 30.91 -11.68 57.10
C SER A 653 30.95 -12.94 57.96
N SER A 654 31.37 -12.79 59.21
CA SER A 654 31.45 -13.92 60.12
C SER A 654 30.55 -13.66 61.33
N GLU A 655 30.28 -12.39 61.60
CA GLU A 655 29.43 -12.02 62.73
C GLU A 655 28.22 -11.21 62.26
N ALA A 656 27.85 -10.21 63.06
CA ALA A 656 26.71 -9.36 62.75
C ALA A 656 27.12 -8.11 61.99
N GLU A 657 28.34 -8.09 61.47
CA GLU A 657 28.83 -6.95 60.73
C GLU A 657 28.65 -7.13 59.23
N VAL A 658 28.31 -6.05 58.54
CA VAL A 658 28.14 -6.11 57.08
C VAL A 658 29.54 -6.18 56.48
N HIS A 659 29.71 -7.05 55.50
CA HIS A 659 31.01 -7.20 54.86
C HIS A 659 30.87 -7.15 53.34
N GLU A 660 31.82 -6.50 52.69
CA GLU A 660 31.83 -6.40 51.23
C GLU A 660 33.20 -6.81 50.71
N SER A 661 33.19 -7.64 49.67
CA SER A 661 34.43 -8.12 49.05
C SER A 661 34.15 -8.37 47.57
N TYR A 662 34.78 -7.60 46.71
CA TYR A 662 34.60 -7.74 45.26
C TYR A 662 33.15 -7.69 44.81
N GLY A 663 32.34 -6.86 45.45
CA GLY A 663 30.94 -6.76 45.04
C GLY A 663 30.07 -7.85 45.64
N VAL A 664 30.64 -8.62 46.57
CA VAL A 664 29.89 -9.67 47.25
C VAL A 664 29.62 -9.11 48.64
N VAL A 665 28.34 -8.84 48.93
CA VAL A 665 27.94 -8.26 50.21
C VAL A 665 27.26 -9.30 51.10
N THR A 666 27.80 -9.46 52.31
CA THR A 666 27.26 -10.45 53.24
C THR A 666 27.05 -9.97 54.67
N LEU A 667 26.20 -10.69 55.39
CA LEU A 667 25.87 -10.44 56.80
C LEU A 667 25.45 -11.78 57.38
N LYS A 668 26.36 -12.44 58.10
CA LYS A 668 26.07 -13.77 58.64
C LYS A 668 25.07 -13.82 59.78
N LYS A 669 25.23 -12.93 60.75
CA LYS A 669 24.34 -12.91 61.90
C LYS A 669 23.40 -11.72 61.85
N VAL A 670 22.15 -11.97 61.46
CA VAL A 670 21.15 -10.91 61.36
C VAL A 670 20.62 -10.53 62.74
N LYS A 671 20.65 -9.23 63.03
CA LYS A 671 20.18 -8.71 64.31
C LYS A 671 18.98 -7.78 64.05
N PRO A 672 18.29 -7.36 65.12
CA PRO A 672 17.12 -6.48 64.95
C PRO A 672 17.42 -5.22 64.15
N GLU A 673 18.62 -4.68 64.31
CA GLU A 673 19.03 -3.46 63.62
C GLU A 673 19.56 -3.68 62.19
N SER A 674 19.80 -4.93 61.81
CA SER A 674 20.35 -5.25 60.49
C SER A 674 19.63 -4.57 59.31
N PHE A 675 18.30 -4.54 59.35
CA PHE A 675 17.55 -3.92 58.27
C PHE A 675 16.82 -2.64 58.68
N THR A 676 17.45 -1.86 59.55
CA THR A 676 16.87 -0.60 60.00
C THR A 676 17.82 0.55 59.66
N ASP A 677 18.98 0.23 59.12
CA ASP A 677 19.94 1.25 58.71
C ASP A 677 19.34 1.94 57.49
N ALA A 678 19.73 3.18 57.25
CA ALA A 678 19.21 3.91 56.09
C ALA A 678 19.77 3.28 54.83
N VAL A 679 19.00 3.30 53.75
CA VAL A 679 19.45 2.73 52.48
C VAL A 679 20.08 3.83 51.65
N LYS A 680 21.39 3.97 51.77
CA LYS A 680 22.14 4.99 51.04
C LYS A 680 23.00 4.35 49.96
N ILE A 681 22.67 4.65 48.70
CA ILE A 681 23.43 4.09 47.58
C ILE A 681 24.70 4.92 47.39
N ALA A 682 25.73 4.60 48.17
CA ALA A 682 26.99 5.32 48.08
C ALA A 682 28.17 4.51 48.59
N LYS A 683 29.37 4.95 48.21
CA LYS A 683 30.61 4.29 48.60
C LYS A 683 30.73 4.28 50.13
N GLY A 684 30.95 3.09 50.69
CA GLY A 684 31.11 2.98 52.13
C GLY A 684 29.84 3.19 52.93
N ALA A 685 28.75 2.58 52.50
CA ALA A 685 27.47 2.69 53.22
C ALA A 685 27.60 1.81 54.45
N ALA A 686 26.78 2.09 55.47
CA ALA A 686 26.85 1.32 56.71
C ALA A 686 25.98 0.06 56.73
N GLY A 687 24.76 0.17 56.23
CA GLY A 687 23.84 -0.96 56.23
C GLY A 687 24.05 -1.96 55.12
N PHE A 688 23.46 -3.14 55.29
CA PHE A 688 23.57 -4.20 54.29
C PHE A 688 22.93 -3.83 52.96
N LEU A 689 21.69 -3.37 52.99
CA LEU A 689 21.00 -3.00 51.76
C LEU A 689 21.72 -1.87 51.04
N GLY A 690 22.22 -0.90 51.82
CA GLY A 690 22.94 0.21 51.22
C GLY A 690 24.16 -0.25 50.44
N GLU A 691 25.02 -1.06 51.05
CA GLU A 691 26.21 -1.54 50.38
C GLU A 691 25.86 -2.48 49.21
N PHE A 692 24.84 -3.30 49.40
CA PHE A 692 24.40 -4.21 48.33
C PHE A 692 23.92 -3.38 47.14
N PHE A 693 23.06 -2.40 47.40
CA PHE A 693 22.53 -1.55 46.33
C PHE A 693 23.63 -0.73 45.66
N TYR A 694 24.65 -0.38 46.43
CA TYR A 694 25.75 0.39 45.85
C TYR A 694 26.49 -0.50 44.85
N ALA A 695 26.65 -1.77 45.19
CA ALA A 695 27.34 -2.71 44.31
C ALA A 695 26.53 -2.84 43.01
N ILE A 696 25.21 -2.84 43.14
CA ILE A 696 24.31 -2.95 42.00
C ILE A 696 24.42 -1.69 41.14
N ALA A 697 24.42 -0.54 41.81
CA ALA A 697 24.49 0.76 41.13
C ALA A 697 25.78 0.91 40.33
N GLN A 698 26.84 0.25 40.78
CA GLN A 698 28.13 0.30 40.10
C GLN A 698 28.08 -0.58 38.86
N HIS A 699 26.94 -1.27 38.68
CA HIS A 699 26.73 -2.15 37.52
C HIS A 699 27.45 -3.49 37.61
N ARG A 700 28.78 -3.47 37.61
CA ARG A 700 29.56 -4.70 37.72
C ARG A 700 30.82 -4.44 38.54
N ASN A 701 31.40 -5.49 39.11
CA ASN A 701 32.63 -5.34 39.89
C ASN A 701 33.80 -5.73 39.01
N TRP A 702 34.46 -4.74 38.43
CA TRP A 702 35.58 -4.98 37.52
C TRP A 702 36.85 -5.50 38.19
N ASP A 703 37.02 -5.21 39.48
CA ASP A 703 38.20 -5.68 40.19
C ASP A 703 38.22 -7.19 40.22
N ARG A 704 37.03 -7.77 40.22
CA ARG A 704 36.86 -9.21 40.24
C ARG A 704 37.56 -9.80 39.01
N GLU A 705 37.42 -9.11 37.87
CA GLU A 705 38.04 -9.56 36.62
C GLU A 705 39.50 -9.14 36.54
N LEU A 706 39.80 -7.92 36.97
CA LEU A 706 41.18 -7.42 36.93
C LEU A 706 42.10 -8.32 37.75
N ASP A 707 41.56 -8.92 38.80
CA ASP A 707 42.35 -9.80 39.65
C ASP A 707 42.23 -11.27 39.25
N GLY A 708 41.68 -11.50 38.07
CA GLY A 708 41.54 -12.85 37.55
C GLY A 708 40.73 -13.85 38.36
N LEU A 709 39.81 -13.36 39.18
CA LEU A 709 39.00 -14.27 39.99
C LEU A 709 37.95 -15.02 39.16
N HIS A 710 37.43 -14.36 38.13
CA HIS A 710 36.44 -14.99 37.27
C HIS A 710 37.05 -16.21 36.57
N SER A 711 38.32 -16.11 36.23
CA SER A 711 39.05 -17.19 35.54
C SER A 711 39.18 -18.45 36.38
N MET A 712 38.98 -18.33 37.69
CA MET A 712 39.11 -19.46 38.60
C MET A 712 37.78 -20.19 38.79
N ILE A 713 36.71 -19.61 38.29
CA ILE A 713 35.38 -20.20 38.45
C ILE A 713 34.88 -20.85 37.17
N ALA A 714 34.11 -21.91 37.31
CA ALA A 714 33.53 -22.64 36.19
C ALA A 714 32.05 -22.25 36.04
N TYR A 715 31.73 -21.55 34.95
CA TYR A 715 30.36 -21.10 34.71
C TYR A 715 30.01 -21.02 33.22
N ALA B 18 -1.93 27.56 1.94
CA ALA B 18 -1.34 26.31 1.37
C ALA B 18 -0.08 26.63 0.59
N ARG B 19 1.02 25.97 0.96
CA ARG B 19 2.30 26.17 0.29
C ARG B 19 2.94 24.82 -0.05
N LEU B 20 3.77 24.81 -1.10
CA LEU B 20 4.45 23.60 -1.55
C LEU B 20 5.35 22.98 -0.47
N THR B 21 5.19 21.67 -0.25
CA THR B 21 6.01 20.95 0.72
C THR B 21 6.40 19.60 0.15
N THR B 22 7.34 18.94 0.83
CA THR B 22 7.77 17.60 0.44
C THR B 22 6.69 16.70 1.03
N ASP B 23 6.74 15.41 0.73
CA ASP B 23 5.74 14.49 1.28
C ASP B 23 5.92 14.36 2.79
N TYR B 24 7.06 14.81 3.30
CA TYR B 24 7.30 14.75 4.73
C TYR B 24 7.10 16.11 5.42
N GLY B 25 6.31 16.97 4.79
CA GLY B 25 5.94 18.26 5.35
C GLY B 25 6.89 19.45 5.37
N VAL B 26 8.00 19.38 4.66
CA VAL B 26 8.95 20.50 4.65
C VAL B 26 8.70 21.47 3.49
N LYS B 27 8.35 22.72 3.82
CA LYS B 27 8.07 23.74 2.80
C LYS B 27 9.26 24.02 1.89
N GLN B 28 8.97 24.21 0.61
CA GLN B 28 10.00 24.48 -0.40
C GLN B 28 9.79 25.83 -1.07
N THR B 29 10.89 26.46 -1.49
CA THR B 29 10.83 27.78 -2.12
C THR B 29 10.62 27.76 -3.63
N THR B 30 10.82 26.61 -4.27
CA THR B 30 10.64 26.52 -5.71
C THR B 30 10.41 25.10 -6.21
N ALA B 31 9.69 25.00 -7.31
CA ALA B 31 9.41 23.71 -7.92
C ALA B 31 10.00 23.72 -9.33
N ASP B 32 10.91 24.68 -9.58
CA ASP B 32 11.50 24.83 -10.91
C ASP B 32 13.00 24.52 -11.07
N ASP B 33 13.74 24.41 -9.98
CA ASP B 33 15.17 24.13 -10.08
C ASP B 33 15.73 23.08 -9.14
N TRP B 34 16.55 22.20 -9.69
CA TRP B 34 17.23 21.16 -8.92
C TRP B 34 18.36 21.90 -8.21
N LEU B 35 18.82 21.36 -7.08
CA LEU B 35 19.93 21.99 -6.38
C LEU B 35 21.17 21.61 -7.17
N ARG B 36 21.93 22.61 -7.61
CA ARG B 36 23.12 22.33 -8.41
C ARG B 36 24.23 23.32 -8.11
N ILE B 37 25.35 23.15 -8.81
CA ILE B 37 26.47 24.06 -8.67
C ILE B 37 26.21 25.00 -9.84
N VAL B 38 26.17 26.30 -9.57
CA VAL B 38 25.89 27.25 -10.63
C VAL B 38 26.49 28.62 -10.35
N SER B 39 26.74 29.37 -11.41
CA SER B 39 27.28 30.72 -11.31
C SER B 39 26.50 31.54 -12.34
N ASP B 40 26.62 32.86 -12.26
CA ASP B 40 25.90 33.74 -13.19
C ASP B 40 26.08 33.36 -14.66
N ASP B 41 27.31 33.05 -15.06
CA ASP B 41 27.55 32.72 -16.46
C ASP B 41 27.85 31.27 -16.79
N LYS B 42 27.91 30.40 -15.79
CA LYS B 42 28.20 28.99 -16.04
C LYS B 42 27.37 28.05 -15.19
N ILE B 43 26.69 27.11 -15.85
CA ILE B 43 25.88 26.14 -15.11
C ILE B 43 26.75 24.94 -14.77
N GLY B 44 26.45 24.30 -13.64
CA GLY B 44 27.21 23.15 -13.20
C GLY B 44 26.33 21.92 -12.99
N PRO B 45 26.90 20.82 -12.49
CA PRO B 45 26.16 19.57 -12.25
C PRO B 45 25.13 19.61 -11.11
N SER B 46 24.11 18.77 -11.22
CA SER B 46 23.07 18.68 -10.21
C SER B 46 23.59 17.85 -9.05
N LEU B 47 23.17 18.20 -7.85
CA LEU B 47 23.62 17.51 -6.65
C LEU B 47 22.79 16.32 -6.21
N LEU B 48 23.48 15.26 -5.84
CA LEU B 48 22.84 14.03 -5.37
C LEU B 48 22.09 14.26 -4.06
N GLU B 49 22.60 15.13 -3.21
CA GLU B 49 22.00 15.40 -1.90
C GLU B 49 20.55 15.87 -1.87
N ASP B 50 20.14 16.60 -2.91
CA ASP B 50 18.79 17.18 -3.02
C ASP B 50 17.64 16.19 -2.78
N PRO B 51 17.02 16.25 -1.59
CA PRO B 51 15.91 15.33 -1.26
C PRO B 51 14.57 15.73 -1.89
N PHE B 52 14.35 17.03 -2.03
CA PHE B 52 13.11 17.54 -2.62
C PHE B 52 12.96 17.09 -4.08
N ALA B 53 14.01 17.31 -4.86
CA ALA B 53 14.02 16.93 -6.27
C ALA B 53 13.92 15.42 -6.46
N ARG B 54 14.73 14.66 -5.73
CA ARG B 54 14.70 13.21 -5.85
C ARG B 54 13.32 12.68 -5.48
N GLU B 55 12.70 13.25 -4.46
CA GLU B 55 11.37 12.79 -4.07
C GLU B 55 10.35 13.08 -5.17
N ARG B 56 10.43 14.26 -5.79
CA ARG B 56 9.51 14.63 -6.86
C ARG B 56 9.59 13.62 -8.00
N ILE B 57 10.82 13.33 -8.44
CA ILE B 57 11.04 12.41 -9.54
C ILE B 57 10.72 10.97 -9.16
N MET B 58 11.03 10.60 -7.91
CA MET B 58 10.74 9.24 -7.45
C MET B 58 9.24 8.98 -7.44
N ARG B 59 8.48 9.93 -6.90
CA ARG B 59 7.01 9.77 -6.87
C ARG B 59 6.50 9.66 -8.30
N PHE B 60 7.02 10.51 -9.18
CA PHE B 60 6.61 10.48 -10.59
C PHE B 60 6.98 9.13 -11.23
N ASP B 61 8.22 8.70 -11.03
CA ASP B 61 8.73 7.45 -11.61
C ASP B 61 7.88 6.23 -11.26
N HIS B 62 7.22 6.27 -10.10
CA HIS B 62 6.44 5.13 -9.65
C HIS B 62 4.91 5.33 -9.60
N GLU B 63 4.41 6.26 -10.39
CA GLU B 63 2.96 6.52 -10.40
C GLU B 63 2.07 5.37 -10.88
N ARG B 64 2.55 4.62 -11.87
CA ARG B 64 1.74 3.54 -12.45
C ARG B 64 1.67 2.20 -11.74
N ILE B 65 0.51 1.56 -11.86
CA ILE B 65 0.29 0.24 -11.30
C ILE B 65 -0.23 -0.59 -12.48
N PRO B 66 -0.15 -1.93 -12.37
CA PRO B 66 -0.63 -2.78 -13.47
C PRO B 66 -2.10 -2.52 -13.79
N GLU B 67 -2.44 -2.53 -15.07
CA GLU B 67 -3.83 -2.33 -15.47
C GLU B 67 -4.53 -3.67 -15.24
N ARG B 68 -5.86 -3.66 -15.18
CA ARG B 68 -6.62 -4.89 -14.99
C ARG B 68 -6.32 -5.79 -16.18
N VAL B 69 -6.14 -7.09 -15.94
CA VAL B 69 -5.83 -8.02 -17.03
C VAL B 69 -6.94 -8.04 -18.08
N VAL B 70 -8.18 -7.79 -17.67
CA VAL B 70 -9.32 -7.65 -18.58
C VAL B 70 -10.10 -6.44 -18.05
N HIS B 71 -10.87 -5.80 -18.92
CA HIS B 71 -11.66 -4.63 -18.55
C HIS B 71 -10.76 -3.49 -18.07
N ALA B 72 -9.57 -3.38 -18.66
CA ALA B 72 -8.61 -2.34 -18.28
C ALA B 72 -9.12 -0.92 -18.54
N ARG B 73 -9.89 -0.74 -19.62
CA ARG B 73 -10.44 0.57 -19.98
C ARG B 73 -11.84 0.70 -19.37
N GLY B 74 -12.02 1.67 -18.47
CA GLY B 74 -13.31 1.83 -17.83
C GLY B 74 -13.52 3.19 -17.19
N SER B 75 -14.78 3.48 -16.87
CA SER B 75 -15.17 4.75 -16.25
C SER B 75 -16.20 4.45 -15.19
N GLY B 76 -16.14 5.17 -14.07
CA GLY B 76 -17.08 4.95 -13.00
C GLY B 76 -17.63 6.18 -12.30
N ALA B 77 -18.61 5.95 -11.44
CA ALA B 77 -19.25 7.01 -10.69
C ALA B 77 -19.96 6.46 -9.46
N PHE B 78 -20.23 7.33 -8.51
CA PHE B 78 -20.94 6.98 -7.28
C PHE B 78 -22.44 7.15 -7.48
N GLY B 79 -23.23 6.44 -6.70
CA GLY B 79 -24.68 6.55 -6.81
C GLY B 79 -25.37 5.92 -5.62
N LYS B 80 -26.65 5.59 -5.79
CA LYS B 80 -27.42 4.96 -4.73
C LYS B 80 -28.40 3.96 -5.32
N PHE B 81 -28.75 2.97 -4.51
CA PHE B 81 -29.67 1.90 -4.89
C PHE B 81 -30.73 1.76 -3.81
N LYS B 82 -31.94 1.41 -4.22
CA LYS B 82 -33.03 1.23 -3.28
C LYS B 82 -34.11 0.36 -3.89
N VAL B 83 -34.59 -0.60 -3.12
CA VAL B 83 -35.67 -1.45 -3.62
C VAL B 83 -36.96 -0.76 -3.24
N TYR B 84 -37.94 -0.79 -4.13
CA TYR B 84 -39.24 -0.19 -3.87
C TYR B 84 -40.23 -1.29 -3.58
N GLU B 85 -39.77 -2.53 -3.74
CA GLU B 85 -40.59 -3.70 -3.47
C GLU B 85 -39.70 -4.76 -2.82
N SER B 86 -40.01 -5.11 -1.58
CA SER B 86 -39.22 -6.10 -0.85
C SER B 86 -39.25 -7.48 -1.51
N ALA B 87 -38.09 -8.12 -1.56
CA ALA B 87 -37.98 -9.45 -2.15
C ALA B 87 -37.74 -10.46 -1.03
N SER B 88 -38.33 -10.17 0.13
CA SER B 88 -38.18 -11.03 1.31
C SER B 88 -38.62 -12.46 1.05
N ASP B 89 -39.44 -12.68 0.03
CA ASP B 89 -39.90 -14.03 -0.29
C ASP B 89 -38.77 -14.84 -0.92
N LEU B 90 -37.79 -14.13 -1.47
CA LEU B 90 -36.65 -14.78 -2.11
C LEU B 90 -35.38 -14.72 -1.26
N THR B 91 -35.20 -13.62 -0.53
CA THR B 91 -34.00 -13.44 0.27
C THR B 91 -34.24 -12.64 1.55
N MET B 92 -33.37 -12.83 2.53
CA MET B 92 -33.46 -12.08 3.77
C MET B 92 -32.33 -11.07 3.85
N ALA B 93 -31.68 -10.83 2.72
CA ALA B 93 -30.61 -9.83 2.64
C ALA B 93 -31.27 -8.45 2.69
N PRO B 94 -30.98 -7.67 3.73
CA PRO B 94 -31.58 -6.33 3.88
C PRO B 94 -31.43 -5.40 2.68
N VAL B 95 -30.33 -5.52 1.94
CA VAL B 95 -30.13 -4.66 0.78
C VAL B 95 -31.25 -4.87 -0.25
N LEU B 96 -31.88 -6.04 -0.22
CA LEU B 96 -32.96 -6.34 -1.17
C LEU B 96 -34.34 -6.42 -0.52
N THR B 97 -34.43 -6.12 0.78
CA THR B 97 -35.72 -6.17 1.47
C THR B 97 -36.09 -4.87 2.17
N ASP B 98 -35.10 -4.04 2.47
CA ASP B 98 -35.33 -2.77 3.15
C ASP B 98 -35.71 -1.68 2.15
N THR B 99 -37.00 -1.33 2.10
CA THR B 99 -37.49 -0.32 1.17
C THR B 99 -37.36 1.10 1.72
N SER B 100 -36.87 1.24 2.94
CA SER B 100 -36.74 2.58 3.53
C SER B 100 -35.31 3.10 3.48
N ARG B 101 -34.34 2.19 3.38
CA ARG B 101 -32.93 2.57 3.34
C ARG B 101 -32.43 2.73 1.91
N GLU B 102 -31.43 3.58 1.73
CA GLU B 102 -30.81 3.76 0.41
C GLU B 102 -29.41 3.21 0.58
N THR B 103 -28.97 2.40 -0.38
CA THR B 103 -27.63 1.81 -0.32
C THR B 103 -26.68 2.50 -1.28
N PRO B 104 -25.56 3.03 -0.76
CA PRO B 104 -24.59 3.72 -1.62
C PRO B 104 -23.91 2.70 -2.53
N VAL B 105 -23.58 3.11 -3.74
CA VAL B 105 -22.89 2.21 -4.66
C VAL B 105 -21.85 2.96 -5.47
N PHE B 106 -20.95 2.22 -6.09
CA PHE B 106 -19.98 2.80 -7.01
C PHE B 106 -20.09 1.82 -8.16
N VAL B 107 -20.17 2.36 -9.37
CA VAL B 107 -20.30 1.54 -10.56
C VAL B 107 -19.18 1.85 -11.52
N ARG B 108 -18.53 0.82 -12.04
CA ARG B 108 -17.49 1.00 -13.03
C ARG B 108 -17.93 0.28 -14.29
N PHE B 109 -17.94 0.99 -15.41
CA PHE B 109 -18.30 0.41 -16.70
C PHE B 109 -16.98 0.24 -17.42
N SER B 110 -16.92 -0.67 -18.39
CA SER B 110 -15.66 -0.90 -19.09
C SER B 110 -15.82 -1.68 -20.38
N THR B 111 -14.74 -1.79 -21.14
CA THR B 111 -14.72 -2.61 -22.33
C THR B 111 -14.00 -3.85 -21.78
N VAL B 112 -13.61 -4.78 -22.62
CA VAL B 112 -12.95 -6.00 -22.12
C VAL B 112 -11.52 -6.23 -22.60
N LEU B 113 -11.34 -6.25 -23.91
CA LEU B 113 -10.05 -6.53 -24.52
C LEU B 113 -8.98 -5.44 -24.50
N GLY B 114 -9.37 -4.20 -24.70
CA GLY B 114 -8.41 -3.11 -24.75
C GLY B 114 -7.63 -2.78 -23.49
N SER B 115 -6.44 -2.23 -23.66
CA SER B 115 -5.62 -1.81 -22.53
C SER B 115 -6.14 -0.42 -22.13
N ARG B 116 -5.56 0.16 -21.08
CA ARG B 116 -5.97 1.47 -20.55
C ARG B 116 -6.26 2.68 -21.44
N GLY B 117 -5.47 2.88 -22.49
CA GLY B 117 -5.69 4.04 -23.34
C GLY B 117 -6.51 3.74 -24.58
N SER B 118 -7.05 2.53 -24.69
CA SER B 118 -7.86 2.17 -25.85
C SER B 118 -9.17 2.95 -25.83
N ALA B 119 -9.81 3.02 -27.00
CA ALA B 119 -11.05 3.77 -27.18
C ALA B 119 -12.32 3.21 -26.54
N ASP B 120 -13.22 4.11 -26.17
CA ASP B 120 -14.49 3.74 -25.56
C ASP B 120 -15.45 3.05 -26.53
N THR B 121 -15.52 3.56 -27.76
CA THR B 121 -16.47 3.06 -28.74
C THR B 121 -16.07 1.91 -29.67
N VAL B 122 -15.29 0.98 -29.16
CA VAL B 122 -14.89 -0.17 -29.96
C VAL B 122 -16.01 -1.20 -29.90
N ARG B 123 -15.94 -2.25 -30.71
CA ARG B 123 -16.95 -3.31 -30.64
C ARG B 123 -16.42 -4.28 -29.59
N ASP B 124 -17.16 -4.44 -28.50
CA ASP B 124 -16.72 -5.32 -27.43
C ASP B 124 -17.83 -5.48 -26.42
N VAL B 125 -17.68 -6.46 -25.55
CA VAL B 125 -18.65 -6.65 -24.48
C VAL B 125 -18.36 -5.48 -23.55
N ARG B 126 -19.35 -5.02 -22.80
CA ARG B 126 -19.12 -3.92 -21.86
C ARG B 126 -19.30 -4.42 -20.44
N GLY B 127 -18.36 -4.08 -19.56
CA GLY B 127 -18.46 -4.48 -18.16
C GLY B 127 -19.40 -3.52 -17.44
N PHE B 128 -20.14 -4.05 -16.46
CA PHE B 128 -21.13 -3.28 -15.68
C PHE B 128 -20.98 -3.81 -14.26
N ALA B 129 -20.03 -3.24 -13.52
CA ALA B 129 -19.75 -3.70 -12.16
C ALA B 129 -20.27 -2.75 -11.10
N VAL B 130 -21.05 -3.29 -10.17
CA VAL B 130 -21.65 -2.53 -9.09
C VAL B 130 -21.21 -3.00 -7.70
N LYS B 131 -20.69 -2.08 -6.90
CA LYS B 131 -20.30 -2.39 -5.54
C LYS B 131 -21.34 -1.79 -4.62
N PHE B 132 -22.07 -2.65 -3.90
CA PHE B 132 -23.09 -2.20 -2.96
C PHE B 132 -22.47 -2.11 -1.57
N TYR B 133 -22.39 -0.89 -1.02
CA TYR B 133 -21.83 -0.70 0.31
C TYR B 133 -22.95 -0.85 1.33
N THR B 134 -23.38 -2.08 1.58
CA THR B 134 -24.49 -2.30 2.53
C THR B 134 -24.04 -2.30 3.98
N GLU B 135 -25.01 -2.17 4.88
CA GLU B 135 -24.75 -2.17 6.31
C GLU B 135 -24.30 -3.57 6.76
N GLU B 136 -24.54 -4.56 5.91
CA GLU B 136 -24.17 -5.94 6.21
C GLU B 136 -22.92 -6.39 5.45
N GLY B 137 -22.18 -5.43 4.90
CA GLY B 137 -20.96 -5.76 4.16
C GLY B 137 -21.04 -5.39 2.69
N ASN B 138 -19.93 -5.53 1.98
CA ASN B 138 -19.92 -5.20 0.55
C ASN B 138 -20.40 -6.33 -0.33
N TRP B 139 -21.37 -6.04 -1.17
CA TRP B 139 -21.89 -7.01 -2.12
C TRP B 139 -21.56 -6.47 -3.50
N ASP B 140 -20.83 -7.25 -4.30
CA ASP B 140 -20.50 -6.82 -5.66
C ASP B 140 -21.30 -7.65 -6.66
N LEU B 141 -21.88 -6.99 -7.65
CA LEU B 141 -22.58 -7.69 -8.72
C LEU B 141 -21.73 -7.33 -9.92
N VAL B 142 -20.82 -8.22 -10.27
CA VAL B 142 -19.89 -7.99 -11.38
C VAL B 142 -20.48 -8.52 -12.68
N GLY B 143 -21.23 -7.67 -13.38
CA GLY B 143 -21.86 -8.11 -14.62
C GLY B 143 -21.34 -7.51 -15.92
N ASN B 144 -22.01 -7.87 -17.01
CA ASN B 144 -21.67 -7.36 -18.35
C ASN B 144 -22.96 -6.87 -19.00
N ASN B 145 -22.86 -6.23 -20.16
CA ASN B 145 -24.04 -5.71 -20.85
C ASN B 145 -24.65 -6.72 -21.82
N ILE B 146 -24.20 -7.96 -21.71
CA ILE B 146 -24.67 -9.10 -22.52
C ILE B 146 -24.91 -10.20 -21.48
N PRO B 147 -26.07 -10.87 -21.53
CA PRO B 147 -26.48 -11.93 -20.61
C PRO B 147 -25.77 -13.29 -20.59
N VAL B 148 -24.98 -13.58 -21.61
CA VAL B 148 -24.27 -14.86 -21.65
C VAL B 148 -22.78 -14.66 -21.86
N PHE B 149 -22.03 -15.76 -21.88
CA PHE B 149 -20.58 -15.65 -22.09
C PHE B 149 -20.06 -16.68 -23.11
N PHE B 150 -18.81 -16.50 -23.53
CA PHE B 150 -18.16 -17.37 -24.52
C PHE B 150 -17.91 -18.81 -24.09
N ILE B 151 -17.73 -19.00 -22.79
CA ILE B 151 -17.39 -20.33 -22.27
C ILE B 151 -18.26 -20.79 -21.10
N GLN B 152 -18.24 -22.09 -20.85
CA GLN B 152 -19.02 -22.68 -19.77
C GLN B 152 -18.17 -22.93 -18.52
N ASP B 153 -16.87 -23.16 -18.71
CA ASP B 153 -15.96 -23.44 -17.60
C ASP B 153 -14.90 -22.33 -17.47
N ALA B 154 -14.75 -21.80 -16.27
CA ALA B 154 -13.79 -20.73 -16.00
C ALA B 154 -12.36 -21.09 -16.42
N ILE B 155 -12.02 -22.36 -16.40
CA ILE B 155 -10.67 -22.77 -16.75
C ILE B 155 -10.23 -22.29 -18.14
N LYS B 156 -11.19 -22.05 -19.03
CA LYS B 156 -10.86 -21.59 -20.38
C LYS B 156 -10.85 -20.08 -20.57
N PHE B 157 -10.97 -19.31 -19.48
CA PHE B 157 -10.96 -17.86 -19.64
C PHE B 157 -9.66 -17.39 -20.31
N PRO B 158 -8.51 -17.94 -19.90
CA PRO B 158 -7.25 -17.51 -20.53
C PRO B 158 -7.24 -17.78 -22.03
N ASP B 159 -7.91 -18.84 -22.46
CA ASP B 159 -7.95 -19.17 -23.89
C ASP B 159 -8.75 -18.16 -24.70
N VAL B 160 -9.99 -17.90 -24.29
CA VAL B 160 -10.81 -16.96 -25.03
C VAL B 160 -10.24 -15.54 -24.94
N ILE B 161 -9.69 -15.18 -23.78
CA ILE B 161 -9.12 -13.84 -23.66
C ILE B 161 -7.83 -13.74 -24.49
N HIS B 162 -6.98 -14.75 -24.42
CA HIS B 162 -5.77 -14.68 -25.22
C HIS B 162 -6.10 -14.61 -26.71
N ALA B 163 -7.11 -15.36 -27.13
CA ALA B 163 -7.51 -15.35 -28.54
C ALA B 163 -8.01 -13.99 -28.99
N GLY B 164 -8.76 -13.29 -28.14
CA GLY B 164 -9.30 -11.99 -28.51
C GLY B 164 -8.31 -10.84 -28.39
N LYS B 165 -7.42 -10.93 -27.41
CA LYS B 165 -6.40 -9.91 -27.17
C LYS B 165 -5.44 -9.79 -28.34
N PRO B 166 -4.55 -8.79 -28.31
CA PRO B 166 -3.60 -8.65 -29.41
C PRO B 166 -2.78 -9.93 -29.53
N GLU B 167 -2.49 -10.37 -30.76
CA GLU B 167 -1.72 -11.58 -30.98
C GLU B 167 -0.34 -11.39 -30.36
N PRO B 168 0.17 -12.43 -29.66
CA PRO B 168 1.46 -12.46 -28.97
C PRO B 168 2.75 -12.05 -29.66
N HIS B 169 2.92 -12.38 -30.93
CA HIS B 169 4.15 -12.04 -31.62
C HIS B 169 4.36 -10.54 -31.83
N ASN B 170 3.32 -9.84 -32.27
CA ASN B 170 3.43 -8.40 -32.56
C ASN B 170 2.50 -7.48 -31.78
N GLU B 171 1.67 -8.05 -30.91
CA GLU B 171 0.70 -7.29 -30.13
C GLU B 171 -0.24 -6.46 -31.02
N VAL B 172 -0.80 -7.11 -32.03
CA VAL B 172 -1.76 -6.49 -32.94
C VAL B 172 -2.91 -7.48 -32.99
N PRO B 173 -4.17 -7.00 -33.01
CA PRO B 173 -4.64 -5.61 -32.98
C PRO B 173 -5.15 -5.17 -31.60
N GLN B 174 -5.19 -3.86 -31.38
CA GLN B 174 -5.65 -3.31 -30.12
C GLN B 174 -7.17 -3.22 -29.98
N ALA B 175 -7.68 -3.74 -28.86
CA ALA B 175 -9.12 -3.69 -28.56
C ALA B 175 -10.02 -4.04 -29.73
N GLN B 176 -9.75 -5.19 -30.36
CA GLN B 176 -10.53 -5.62 -31.51
C GLN B 176 -10.61 -7.14 -31.58
N SER B 177 -11.77 -7.64 -31.96
CA SER B 177 -11.93 -9.08 -32.11
C SER B 177 -11.74 -9.39 -33.59
N ALA B 178 -11.53 -8.34 -34.39
CA ALA B 178 -11.35 -8.46 -35.83
C ALA B 178 -9.98 -8.93 -36.25
N HIS B 179 -9.70 -10.20 -35.98
CA HIS B 179 -8.43 -10.78 -36.37
C HIS B 179 -8.45 -12.30 -36.28
N ASN B 180 -7.47 -12.91 -36.93
CA ASN B 180 -7.36 -14.35 -37.00
C ASN B 180 -7.65 -15.15 -35.76
N ASN B 181 -6.88 -14.94 -34.70
CA ASN B 181 -7.05 -15.74 -33.49
C ASN B 181 -8.41 -15.75 -32.82
N PHE B 182 -9.09 -14.60 -32.80
CA PHE B 182 -10.41 -14.52 -32.18
C PHE B 182 -11.38 -15.48 -32.86
N TRP B 183 -11.48 -15.36 -34.18
CA TRP B 183 -12.40 -16.18 -34.94
C TRP B 183 -11.94 -17.62 -35.07
N ASP B 184 -10.67 -17.87 -34.81
CA ASP B 184 -10.13 -19.23 -34.83
C ASP B 184 -10.77 -19.93 -33.62
N PHE B 185 -10.69 -19.27 -32.46
CA PHE B 185 -11.26 -19.85 -31.26
C PHE B 185 -12.78 -19.98 -31.33
N GLN B 186 -13.45 -18.95 -31.85
CA GLN B 186 -14.91 -18.99 -31.95
C GLN B 186 -15.40 -20.24 -32.70
N PHE B 187 -14.76 -20.54 -33.81
CA PHE B 187 -15.12 -21.70 -34.62
C PHE B 187 -14.83 -23.02 -33.90
N ASN B 188 -13.63 -23.12 -33.34
CA ASN B 188 -13.20 -24.33 -32.67
C ASN B 188 -13.82 -24.65 -31.31
N HIS B 189 -14.42 -23.67 -30.66
CA HIS B 189 -15.05 -23.88 -29.36
C HIS B 189 -16.51 -23.53 -29.54
N THR B 190 -17.31 -24.51 -29.94
CA THR B 190 -18.74 -24.31 -30.20
C THR B 190 -19.58 -23.78 -29.04
N GLU B 191 -19.06 -23.88 -27.81
CA GLU B 191 -19.77 -23.37 -26.64
C GLU B 191 -19.99 -21.86 -26.82
N ALA B 192 -19.09 -21.23 -27.55
CA ALA B 192 -19.11 -19.78 -27.78
C ALA B 192 -20.06 -19.26 -28.88
N THR B 193 -20.74 -20.16 -29.56
CA THR B 193 -21.62 -19.75 -30.65
C THR B 193 -22.69 -18.69 -30.33
N HIS B 194 -23.41 -18.89 -29.22
CA HIS B 194 -24.45 -18.00 -28.72
C HIS B 194 -23.80 -16.61 -28.48
N MET B 195 -22.66 -16.64 -27.80
CA MET B 195 -21.95 -15.41 -27.47
C MET B 195 -21.46 -14.56 -28.64
N PHE B 196 -20.77 -15.16 -29.62
CA PHE B 196 -20.30 -14.33 -30.70
C PHE B 196 -21.44 -13.74 -31.52
N THR B 197 -22.63 -14.32 -31.39
CA THR B 197 -23.80 -13.80 -32.10
C THR B 197 -24.17 -12.49 -31.40
N TRP B 198 -24.15 -12.50 -30.07
CA TRP B 198 -24.44 -11.29 -29.31
C TRP B 198 -23.36 -10.25 -29.59
N ALA B 199 -22.11 -10.71 -29.69
CA ALA B 199 -20.97 -9.82 -29.93
C ALA B 199 -21.05 -9.06 -31.24
N MET B 200 -21.72 -9.64 -32.23
CA MET B 200 -21.85 -8.99 -33.53
C MET B 200 -23.10 -8.13 -33.63
N SER B 201 -23.92 -8.13 -32.58
CA SER B 201 -25.14 -7.34 -32.55
C SER B 201 -24.83 -5.93 -32.08
N ASP B 202 -25.81 -5.04 -32.17
CA ASP B 202 -25.62 -3.66 -31.77
C ASP B 202 -25.35 -3.49 -30.27
N ARG B 203 -25.57 -4.56 -29.50
CA ARG B 203 -25.33 -4.54 -28.06
C ARG B 203 -23.87 -4.22 -27.77
N ALA B 204 -22.99 -4.63 -28.68
CA ALA B 204 -21.55 -4.43 -28.52
C ALA B 204 -21.00 -3.06 -28.93
N ILE B 205 -21.89 -2.16 -29.37
CA ILE B 205 -21.47 -0.80 -29.72
C ILE B 205 -22.53 0.18 -29.21
N PRO B 206 -22.72 0.22 -27.88
CA PRO B 206 -23.70 1.12 -27.29
C PRO B 206 -23.41 2.60 -27.50
N ARG B 207 -24.48 3.39 -27.65
CA ARG B 207 -24.34 4.82 -27.83
C ARG B 207 -23.84 5.48 -26.54
N SER B 208 -24.23 4.90 -25.41
CA SER B 208 -23.85 5.43 -24.10
C SER B 208 -23.91 4.32 -23.06
N LEU B 209 -23.05 4.41 -22.04
CA LEU B 209 -23.04 3.43 -20.96
C LEU B 209 -24.37 3.56 -20.22
N ARG B 210 -24.99 4.74 -20.35
CA ARG B 210 -26.27 5.04 -19.71
C ARG B 210 -27.45 4.47 -20.51
N MET B 211 -27.15 3.91 -21.68
CA MET B 211 -28.19 3.35 -22.54
C MET B 211 -27.94 1.90 -22.90
N MET B 212 -27.61 1.10 -21.90
CA MET B 212 -27.38 -0.32 -22.12
C MET B 212 -27.84 -1.08 -20.89
N GLN B 213 -28.09 -2.37 -21.06
CA GLN B 213 -28.51 -3.19 -19.94
C GLN B 213 -27.28 -3.73 -19.21
N GLY B 214 -27.54 -4.38 -18.09
CA GLY B 214 -26.50 -5.00 -17.28
C GLY B 214 -27.04 -6.35 -16.88
N PHE B 215 -26.17 -7.36 -16.77
CA PHE B 215 -26.60 -8.71 -16.40
C PHE B 215 -25.56 -9.36 -15.49
N GLY B 216 -26.04 -10.15 -14.53
CA GLY B 216 -25.11 -10.86 -13.66
C GLY B 216 -24.48 -12.00 -14.44
N VAL B 217 -25.18 -12.43 -15.49
CA VAL B 217 -24.77 -13.51 -16.38
C VAL B 217 -24.78 -14.88 -15.72
N ASN B 218 -23.99 -15.05 -14.67
CA ASN B 218 -23.98 -16.34 -13.99
C ASN B 218 -25.25 -16.51 -13.18
N THR B 219 -25.54 -17.75 -12.78
CA THR B 219 -26.70 -18.03 -11.97
C THR B 219 -26.29 -17.98 -10.50
N TYR B 220 -26.91 -17.09 -9.74
CA TYR B 220 -26.62 -16.95 -8.32
C TYR B 220 -27.78 -17.56 -7.57
N THR B 221 -27.75 -17.42 -6.25
CA THR B 221 -28.83 -17.95 -5.43
C THR B 221 -29.24 -16.93 -4.37
N LEU B 222 -30.48 -17.06 -3.92
CA LEU B 222 -31.03 -16.20 -2.88
C LEU B 222 -31.63 -17.12 -1.84
N ILE B 223 -31.41 -16.79 -0.57
CA ILE B 223 -31.92 -17.60 0.54
C ILE B 223 -32.75 -16.70 1.43
N ASN B 224 -33.99 -17.11 1.72
CA ASN B 224 -34.85 -16.31 2.57
C ASN B 224 -34.77 -16.70 4.05
N ALA B 225 -35.56 -16.01 4.87
CA ALA B 225 -35.59 -16.24 6.31
C ALA B 225 -35.94 -17.66 6.74
N GLN B 226 -36.66 -18.38 5.88
CA GLN B 226 -37.04 -19.76 6.20
C GLN B 226 -35.98 -20.76 5.72
N GLY B 227 -34.92 -20.25 5.12
CA GLY B 227 -33.86 -21.12 4.63
C GLY B 227 -34.13 -21.71 3.26
N LYS B 228 -35.19 -21.25 2.59
CA LYS B 228 -35.53 -21.74 1.27
C LYS B 228 -34.68 -21.02 0.22
N ARG B 229 -34.21 -21.78 -0.77
CA ARG B 229 -33.38 -21.22 -1.82
C ARG B 229 -34.00 -21.13 -3.21
N HIS B 230 -33.57 -20.13 -3.95
CA HIS B 230 -34.00 -19.89 -5.31
C HIS B 230 -32.76 -19.60 -6.18
N PHE B 231 -32.74 -20.12 -7.41
CA PHE B 231 -31.65 -19.85 -8.34
C PHE B 231 -32.08 -18.57 -9.04
N VAL B 232 -31.15 -17.62 -9.21
CA VAL B 232 -31.53 -16.37 -9.85
C VAL B 232 -30.58 -15.79 -10.88
N LYS B 233 -31.11 -14.86 -11.66
CA LYS B 233 -30.39 -14.10 -12.68
C LYS B 233 -30.71 -12.65 -12.37
N PHE B 234 -29.69 -11.79 -12.37
CA PHE B 234 -29.89 -10.37 -12.08
C PHE B 234 -29.91 -9.54 -13.36
N HIS B 235 -30.79 -8.54 -13.40
CA HIS B 235 -30.92 -7.68 -14.57
C HIS B 235 -30.91 -6.19 -14.25
N TRP B 236 -30.30 -5.40 -15.13
CA TRP B 236 -30.28 -3.93 -15.00
C TRP B 236 -30.87 -3.43 -16.32
N THR B 237 -31.91 -2.62 -16.25
CA THR B 237 -32.55 -2.12 -17.47
C THR B 237 -32.59 -0.60 -17.45
N PRO B 238 -31.93 0.05 -18.42
CA PRO B 238 -31.85 1.52 -18.52
C PRO B 238 -33.18 2.22 -18.79
N GLU B 239 -33.47 3.25 -18.00
CA GLU B 239 -34.71 3.99 -18.17
C GLU B 239 -34.66 4.87 -19.42
N LEU B 240 -33.46 5.09 -19.95
CA LEU B 240 -33.29 5.87 -21.17
C LEU B 240 -33.43 4.94 -22.38
N GLY B 241 -33.51 3.64 -22.13
CA GLY B 241 -33.63 2.68 -23.21
C GLY B 241 -32.27 2.20 -23.69
N VAL B 242 -32.27 1.18 -24.55
CA VAL B 242 -31.04 0.60 -25.10
C VAL B 242 -30.81 1.14 -26.52
N HIS B 243 -29.72 1.88 -26.70
CA HIS B 243 -29.41 2.48 -27.99
C HIS B 243 -27.95 2.24 -28.39
N SER B 244 -27.70 2.18 -29.69
CA SER B 244 -26.36 1.91 -30.20
C SER B 244 -25.91 2.85 -31.31
N LEU B 245 -24.60 2.81 -31.57
CA LEU B 245 -23.98 3.61 -32.63
C LEU B 245 -23.99 2.75 -33.87
N VAL B 246 -23.53 3.29 -35.00
CA VAL B 246 -23.41 2.50 -36.23
C VAL B 246 -21.89 2.35 -36.39
N TRP B 247 -21.45 1.28 -37.04
CA TRP B 247 -20.02 1.01 -37.15
C TRP B 247 -19.08 2.10 -37.65
N ASP B 248 -19.36 2.71 -38.80
CA ASP B 248 -18.50 3.75 -39.32
C ASP B 248 -18.32 4.87 -38.29
N GLU B 249 -19.41 5.20 -37.60
CA GLU B 249 -19.41 6.24 -36.58
C GLU B 249 -18.58 5.81 -35.37
N ALA B 250 -18.77 4.58 -34.93
CA ALA B 250 -18.02 4.06 -33.78
C ALA B 250 -16.52 4.08 -34.02
N LEU B 251 -16.10 3.74 -35.24
CA LEU B 251 -14.67 3.73 -35.57
C LEU B 251 -14.09 5.14 -35.60
N LYS B 252 -14.82 6.08 -36.17
CA LYS B 252 -14.38 7.47 -36.23
C LYS B 252 -14.26 8.03 -34.82
N LEU B 253 -15.25 7.74 -33.97
CA LEU B 253 -15.22 8.24 -32.60
C LEU B 253 -14.07 7.65 -31.81
N ALA B 254 -13.74 6.39 -32.10
CA ALA B 254 -12.63 5.74 -31.41
C ALA B 254 -11.35 6.56 -31.59
N GLY B 255 -11.26 7.29 -32.69
CA GLY B 255 -10.09 8.13 -32.93
C GLY B 255 -10.33 9.60 -32.60
N GLN B 256 -11.49 10.11 -33.03
CA GLN B 256 -11.84 11.51 -32.81
C GLN B 256 -12.09 11.86 -31.34
N ASP B 257 -12.62 10.91 -30.57
CA ASP B 257 -12.86 11.12 -29.15
C ASP B 257 -12.86 9.76 -28.46
N PRO B 258 -11.66 9.26 -28.12
CA PRO B 258 -11.55 7.96 -27.45
C PRO B 258 -12.23 7.94 -26.08
N ASP B 259 -12.52 9.14 -25.55
CA ASP B 259 -13.17 9.26 -24.25
C ASP B 259 -14.67 9.56 -24.38
N PHE B 260 -15.23 9.27 -25.55
CA PHE B 260 -16.64 9.54 -25.80
C PHE B 260 -17.59 9.06 -24.71
N HIS B 261 -17.46 7.81 -24.29
CA HIS B 261 -18.33 7.27 -23.23
C HIS B 261 -18.01 7.79 -21.84
N ARG B 262 -16.72 7.96 -21.55
CA ARG B 262 -16.29 8.48 -20.25
C ARG B 262 -16.84 9.90 -20.09
N LYS B 263 -16.72 10.70 -21.15
CA LYS B 263 -17.21 12.08 -21.11
C LYS B 263 -18.73 12.12 -21.06
N ASP B 264 -19.37 11.21 -21.79
CA ASP B 264 -20.83 11.12 -21.83
C ASP B 264 -21.38 10.91 -20.42
N LEU B 265 -20.77 9.98 -19.68
CA LEU B 265 -21.20 9.68 -18.32
C LEU B 265 -20.92 10.84 -17.36
N TRP B 266 -19.70 11.35 -17.40
CA TRP B 266 -19.29 12.44 -16.53
C TRP B 266 -20.16 13.69 -16.75
N GLU B 267 -20.38 14.03 -18.02
CA GLU B 267 -21.18 15.20 -18.39
C GLU B 267 -22.62 15.10 -17.90
N ALA B 268 -23.26 13.97 -18.15
CA ALA B 268 -24.64 13.78 -17.74
C ALA B 268 -24.77 13.99 -16.24
N ILE B 269 -23.90 13.36 -15.46
CA ILE B 269 -23.94 13.49 -14.00
C ILE B 269 -23.66 14.93 -13.57
N GLU B 270 -22.69 15.57 -14.21
CA GLU B 270 -22.36 16.95 -13.87
C GLU B 270 -23.54 17.89 -14.17
N ASN B 271 -24.31 17.57 -15.20
CA ASN B 271 -25.45 18.39 -15.60
C ASN B 271 -26.73 18.08 -14.82
N GLY B 272 -26.65 17.09 -13.95
CA GLY B 272 -27.82 16.73 -13.16
C GLY B 272 -28.74 15.69 -13.80
N ALA B 273 -28.32 15.10 -14.92
CA ALA B 273 -29.10 14.08 -15.60
C ALA B 273 -28.57 12.73 -15.12
N TYR B 274 -28.90 12.38 -13.88
CA TYR B 274 -28.44 11.13 -13.29
C TYR B 274 -29.05 9.91 -13.98
N PRO B 275 -28.21 9.04 -14.58
CA PRO B 275 -28.72 7.86 -15.27
C PRO B 275 -29.31 6.86 -14.28
N LYS B 276 -30.41 6.24 -14.66
CA LYS B 276 -31.09 5.28 -13.82
C LYS B 276 -31.31 3.94 -14.50
N TRP B 277 -31.36 2.88 -13.70
CA TRP B 277 -31.61 1.53 -14.19
C TRP B 277 -32.59 0.86 -13.25
N LYS B 278 -33.48 0.05 -13.79
CA LYS B 278 -34.42 -0.70 -12.97
C LYS B 278 -33.69 -2.01 -12.68
N PHE B 279 -33.82 -2.52 -11.46
CA PHE B 279 -33.16 -3.76 -11.05
C PHE B 279 -34.18 -4.88 -11.01
N GLY B 280 -33.90 -5.95 -11.74
CA GLY B 280 -34.83 -7.07 -11.79
C GLY B 280 -34.20 -8.42 -11.48
N ILE B 281 -35.06 -9.37 -11.10
CA ILE B 281 -34.62 -10.72 -10.75
C ILE B 281 -35.47 -11.81 -11.40
N GLN B 282 -34.80 -12.82 -11.94
CA GLN B 282 -35.49 -13.97 -12.51
C GLN B 282 -35.24 -15.04 -11.46
N ALA B 283 -36.28 -15.74 -11.04
CA ALA B 283 -36.11 -16.76 -10.01
C ALA B 283 -36.73 -18.10 -10.34
N ILE B 284 -35.97 -19.16 -10.08
CA ILE B 284 -36.41 -20.53 -10.29
C ILE B 284 -36.28 -21.25 -8.96
N ALA B 285 -37.39 -21.83 -8.51
CA ALA B 285 -37.41 -22.56 -7.24
C ALA B 285 -36.44 -23.74 -7.23
N GLU B 286 -35.85 -23.99 -6.07
CA GLU B 286 -34.90 -25.09 -5.88
C GLU B 286 -35.41 -26.37 -6.53
N GLU B 287 -36.70 -26.65 -6.36
CA GLU B 287 -37.33 -27.86 -6.89
C GLU B 287 -37.46 -27.94 -8.42
N ASP B 288 -37.44 -26.81 -9.11
CA ASP B 288 -37.59 -26.83 -10.57
C ASP B 288 -36.27 -26.63 -11.31
N GLU B 289 -35.15 -26.92 -10.64
CA GLU B 289 -33.83 -26.73 -11.23
C GLU B 289 -33.63 -27.48 -12.54
N HIS B 290 -34.14 -28.71 -12.60
CA HIS B 290 -33.97 -29.55 -13.78
C HIS B 290 -35.15 -29.64 -14.74
N LYS B 291 -36.06 -28.67 -14.66
CA LYS B 291 -37.23 -28.65 -15.51
C LYS B 291 -37.11 -27.91 -16.84
N PHE B 292 -35.89 -27.67 -17.31
CA PHE B 292 -35.72 -26.96 -18.59
C PHE B 292 -34.88 -27.76 -19.57
N ASP B 293 -34.94 -27.39 -20.85
CA ASP B 293 -34.18 -28.09 -21.88
C ASP B 293 -32.68 -27.83 -21.69
N PHE B 294 -32.35 -26.65 -21.21
CA PHE B 294 -30.97 -26.27 -20.96
C PHE B 294 -30.67 -26.37 -19.46
N ASP B 295 -29.39 -26.37 -19.10
CA ASP B 295 -29.03 -26.42 -17.70
C ASP B 295 -29.08 -24.96 -17.23
N ILE B 296 -29.81 -24.71 -16.16
CA ILE B 296 -29.97 -23.35 -15.67
C ILE B 296 -28.69 -22.77 -15.06
N LEU B 297 -27.64 -23.57 -15.00
CA LEU B 297 -26.37 -23.11 -14.45
C LEU B 297 -25.34 -22.97 -15.57
N ASP B 298 -25.81 -23.08 -16.81
CA ASP B 298 -24.96 -22.98 -17.98
C ASP B 298 -24.93 -21.50 -18.40
N ALA B 299 -23.78 -20.86 -18.21
CA ALA B 299 -23.64 -19.44 -18.54
C ALA B 299 -23.69 -19.08 -20.03
N THR B 300 -23.80 -20.08 -20.89
CA THR B 300 -23.90 -19.79 -22.32
C THR B 300 -25.39 -19.76 -22.68
N LYS B 301 -26.23 -19.82 -21.67
CA LYS B 301 -27.69 -19.83 -21.87
C LYS B 301 -28.43 -18.71 -21.14
N ILE B 302 -29.46 -18.18 -21.79
CA ILE B 302 -30.28 -17.16 -21.14
C ILE B 302 -31.50 -17.93 -20.64
N TRP B 303 -32.25 -17.34 -19.72
CA TRP B 303 -33.47 -17.97 -19.26
C TRP B 303 -34.53 -17.20 -20.02
N PRO B 304 -35.10 -17.78 -21.09
CA PRO B 304 -36.12 -17.08 -21.87
C PRO B 304 -37.14 -16.44 -20.93
N GLU B 305 -37.36 -15.14 -21.10
CA GLU B 305 -38.28 -14.41 -20.25
C GLU B 305 -39.73 -14.82 -20.46
N ASP B 306 -39.98 -15.60 -21.50
CA ASP B 306 -41.32 -16.08 -21.77
C ASP B 306 -41.56 -17.31 -20.89
N LEU B 307 -40.47 -17.82 -20.31
CA LEU B 307 -40.52 -18.99 -19.42
C LEU B 307 -40.32 -18.56 -17.97
N VAL B 308 -39.37 -17.66 -17.75
CA VAL B 308 -39.07 -17.14 -16.42
C VAL B 308 -39.05 -15.63 -16.52
N PRO B 309 -40.12 -14.97 -16.04
CA PRO B 309 -40.20 -13.51 -16.10
C PRO B 309 -39.25 -12.76 -15.17
N VAL B 310 -38.85 -11.57 -15.59
CA VAL B 310 -37.97 -10.72 -14.81
C VAL B 310 -38.86 -9.88 -13.90
N ARG B 311 -38.61 -9.98 -12.60
CA ARG B 311 -39.38 -9.25 -11.61
C ARG B 311 -38.58 -8.03 -11.15
N TYR B 312 -39.02 -6.84 -11.55
CA TYR B 312 -38.31 -5.61 -11.17
C TYR B 312 -38.73 -5.16 -9.77
N ILE B 313 -37.74 -4.90 -8.92
CA ILE B 313 -38.01 -4.51 -7.54
C ILE B 313 -37.25 -3.29 -7.05
N GLY B 314 -36.26 -2.84 -7.80
CA GLY B 314 -35.50 -1.69 -7.35
C GLY B 314 -35.00 -0.76 -8.43
N GLU B 315 -34.30 0.28 -8.01
CA GLU B 315 -33.78 1.27 -8.93
C GLU B 315 -32.42 1.78 -8.44
N MET B 316 -31.53 2.04 -9.38
CA MET B 316 -30.20 2.54 -9.07
C MET B 316 -29.93 3.76 -9.91
N GLU B 317 -29.29 4.77 -9.33
CA GLU B 317 -28.95 5.96 -10.09
C GLU B 317 -27.52 6.34 -9.76
N LEU B 318 -26.83 6.93 -10.73
CA LEU B 318 -25.46 7.38 -10.52
C LEU B 318 -25.60 8.90 -10.44
N ASN B 319 -25.17 9.48 -9.33
CA ASN B 319 -25.35 10.91 -9.13
C ASN B 319 -24.13 11.71 -8.70
N ARG B 320 -22.95 11.10 -8.70
CA ARG B 320 -21.76 11.82 -8.28
C ARG B 320 -20.50 11.29 -8.93
N ASN B 321 -19.79 12.17 -9.63
CA ASN B 321 -18.54 11.78 -10.28
C ASN B 321 -17.44 11.67 -9.23
N PRO B 322 -16.38 10.92 -9.53
CA PRO B 322 -15.25 10.74 -8.59
C PRO B 322 -14.57 12.07 -8.29
N ASP B 323 -13.84 12.11 -7.17
CA ASP B 323 -13.09 13.31 -6.81
C ASP B 323 -11.76 13.25 -7.53
N GLU B 324 -11.22 12.04 -7.67
CA GLU B 324 -9.95 11.83 -8.36
C GLU B 324 -10.00 10.43 -8.96
N PHE B 325 -9.85 10.35 -10.27
CA PHE B 325 -9.92 9.09 -11.01
C PHE B 325 -9.00 7.95 -10.53
N PHE B 326 -7.71 8.18 -10.43
CA PHE B 326 -6.80 7.11 -10.03
C PHE B 326 -7.08 6.40 -8.71
N PRO B 327 -7.09 7.14 -7.58
CA PRO B 327 -7.36 6.44 -6.31
C PRO B 327 -8.74 5.82 -6.19
N GLN B 328 -9.69 6.26 -6.99
CA GLN B 328 -11.03 5.70 -6.91
C GLN B 328 -11.36 4.76 -8.07
N THR B 329 -11.60 5.32 -9.25
CA THR B 329 -11.96 4.46 -10.39
C THR B 329 -10.88 3.43 -10.76
N GLU B 330 -9.61 3.83 -10.76
CA GLU B 330 -8.57 2.88 -11.15
C GLU B 330 -8.30 1.79 -10.11
N GLN B 331 -8.36 2.18 -8.83
CA GLN B 331 -8.08 1.26 -7.74
C GLN B 331 -9.25 0.44 -7.19
N ILE B 332 -10.48 0.71 -7.60
CA ILE B 332 -11.58 -0.07 -7.05
C ILE B 332 -11.46 -1.53 -7.49
N ALA B 333 -11.78 -2.43 -6.57
CA ALA B 333 -11.70 -3.86 -6.83
C ALA B 333 -13.04 -4.55 -6.56
N PHE B 334 -13.55 -5.27 -7.56
CA PHE B 334 -14.79 -5.99 -7.40
C PHE B 334 -14.46 -7.48 -7.45
N CYS B 335 -15.39 -8.31 -7.00
CA CYS B 335 -15.21 -9.74 -7.07
C CYS B 335 -16.53 -10.44 -6.85
N THR B 336 -16.73 -11.55 -7.56
CA THR B 336 -17.95 -12.32 -7.40
C THR B 336 -17.96 -12.92 -6.00
N SER B 337 -16.78 -13.05 -5.41
CA SER B 337 -16.68 -13.60 -4.05
C SER B 337 -17.37 -12.71 -3.02
N HIS B 338 -17.56 -11.44 -3.38
CA HIS B 338 -18.20 -10.49 -2.46
C HIS B 338 -19.72 -10.62 -2.41
N VAL B 339 -20.22 -11.49 -1.53
CA VAL B 339 -21.66 -11.65 -1.37
C VAL B 339 -22.04 -11.46 0.10
N VAL B 340 -23.23 -10.92 0.33
CA VAL B 340 -23.71 -10.72 1.69
C VAL B 340 -24.71 -11.81 2.03
N ASN B 341 -24.98 -11.97 3.32
CA ASN B 341 -25.93 -12.98 3.80
C ASN B 341 -27.25 -12.87 3.01
N GLY B 342 -27.78 -14.02 2.59
CA GLY B 342 -29.01 -14.02 1.83
C GLY B 342 -28.79 -14.16 0.33
N ILE B 343 -27.53 -14.01 -0.07
CA ILE B 343 -27.14 -14.12 -1.47
C ILE B 343 -25.99 -15.12 -1.52
N GLY B 344 -26.07 -16.07 -2.45
CA GLY B 344 -25.03 -17.08 -2.55
C GLY B 344 -24.64 -17.48 -3.96
N PHE B 345 -23.84 -18.54 -4.03
CA PHE B 345 -23.35 -19.05 -5.30
C PHE B 345 -24.09 -20.32 -5.73
N SER B 346 -23.91 -20.70 -6.99
CA SER B 346 -24.51 -21.90 -7.54
C SER B 346 -23.35 -22.69 -8.11
N ASP B 347 -23.62 -23.89 -8.61
CA ASP B 347 -22.55 -24.70 -9.19
C ASP B 347 -22.24 -24.33 -10.63
N ASP B 348 -22.69 -23.15 -11.05
CA ASP B 348 -22.42 -22.63 -12.39
C ASP B 348 -20.90 -22.79 -12.53
N PRO B 349 -20.44 -23.65 -13.46
CA PRO B 349 -19.00 -23.88 -13.66
C PRO B 349 -18.17 -22.68 -14.15
N LEU B 350 -18.84 -21.58 -14.47
CA LEU B 350 -18.10 -20.38 -14.89
C LEU B 350 -17.94 -19.53 -13.64
N LEU B 351 -19.02 -19.42 -12.87
CA LEU B 351 -19.00 -18.65 -11.63
C LEU B 351 -18.02 -19.25 -10.62
N GLN B 352 -18.02 -20.58 -10.51
CA GLN B 352 -17.16 -21.27 -9.56
C GLN B 352 -15.67 -20.85 -9.64
N GLY B 353 -15.15 -20.71 -10.86
CA GLY B 353 -13.75 -20.33 -11.04
C GLY B 353 -13.56 -18.84 -10.86
N ARG B 354 -14.60 -18.06 -11.18
CA ARG B 354 -14.53 -16.60 -11.02
C ARG B 354 -14.21 -16.19 -9.59
N ASN B 355 -14.89 -16.82 -8.62
CA ASN B 355 -14.66 -16.52 -7.19
C ASN B 355 -13.18 -16.52 -6.83
N PHE B 356 -12.44 -17.46 -7.41
CA PHE B 356 -11.02 -17.59 -7.14
C PHE B 356 -10.22 -16.41 -7.68
N SER B 357 -10.54 -16.01 -8.89
CA SER B 357 -9.84 -14.96 -9.58
C SER B 357 -9.84 -13.53 -9.04
N TYR B 358 -11.00 -12.98 -8.67
CA TYR B 358 -11.04 -11.59 -8.21
C TYR B 358 -10.25 -11.31 -6.94
N PHE B 359 -9.92 -12.34 -6.16
CA PHE B 359 -9.11 -12.12 -4.97
C PHE B 359 -7.65 -12.23 -5.38
N ASP B 360 -7.34 -13.29 -6.11
CA ASP B 360 -5.98 -13.54 -6.56
C ASP B 360 -5.34 -12.38 -7.34
N THR B 361 -6.03 -11.91 -8.37
CA THR B 361 -5.48 -10.84 -9.20
C THR B 361 -5.13 -9.55 -8.46
N GLN B 362 -5.89 -9.22 -7.41
CA GLN B 362 -5.63 -8.00 -6.64
C GLN B 362 -4.25 -7.97 -5.98
N ILE B 363 -3.71 -9.15 -5.70
CA ILE B 363 -2.41 -9.24 -5.05
C ILE B 363 -1.32 -8.48 -5.82
N SER B 364 -1.32 -8.62 -7.14
CA SER B 364 -0.31 -7.94 -7.94
C SER B 364 -0.81 -6.60 -8.47
N ARG B 365 -2.11 -6.49 -8.76
CA ARG B 365 -2.63 -5.23 -9.29
C ARG B 365 -2.65 -4.11 -8.27
N LEU B 366 -3.10 -4.42 -7.05
CA LEU B 366 -3.20 -3.42 -5.99
C LEU B 366 -2.23 -3.73 -4.86
N GLY B 367 -2.47 -4.87 -4.19
CA GLY B 367 -1.65 -5.27 -3.07
C GLY B 367 -2.55 -6.06 -2.14
N VAL B 368 -1.98 -6.86 -1.25
CA VAL B 368 -2.79 -7.69 -0.35
C VAL B 368 -3.76 -6.89 0.53
N ASN B 369 -3.40 -5.66 0.87
CA ASN B 369 -4.28 -4.84 1.71
C ASN B 369 -5.25 -3.97 0.92
N PHE B 370 -5.61 -4.43 -0.28
CA PHE B 370 -6.52 -3.67 -1.14
C PHE B 370 -7.87 -3.34 -0.49
N GLN B 371 -8.33 -4.17 0.44
CA GLN B 371 -9.61 -3.89 1.09
C GLN B 371 -9.53 -2.68 2.04
N GLU B 372 -8.31 -2.19 2.29
CA GLU B 372 -8.13 -1.03 3.17
C GLU B 372 -8.28 0.27 2.38
N LEU B 373 -8.15 0.20 1.06
CA LEU B 373 -8.27 1.39 0.25
C LEU B 373 -9.65 2.02 0.43
N PRO B 374 -9.72 3.34 0.59
CA PRO B 374 -10.99 4.04 0.79
C PRO B 374 -12.14 3.55 -0.08
N ILE B 375 -11.91 3.47 -1.39
CA ILE B 375 -12.94 3.05 -2.33
C ILE B 375 -13.40 1.59 -2.12
N ASN B 376 -12.55 0.76 -1.53
CA ASN B 376 -12.92 -0.65 -1.33
C ASN B 376 -13.47 -0.99 0.05
N ARG B 377 -13.14 -0.18 1.05
CA ARG B 377 -13.60 -0.42 2.42
C ARG B 377 -15.11 -0.49 2.58
N PRO B 378 -15.58 -1.39 3.45
CA PRO B 378 -17.03 -1.51 3.66
C PRO B 378 -17.42 -0.34 4.58
N VAL B 379 -18.71 -0.08 4.70
CA VAL B 379 -19.16 1.03 5.54
C VAL B 379 -19.58 0.56 6.92
N CYS B 380 -19.43 -0.73 7.17
CA CYS B 380 -19.80 -1.32 8.44
C CYS B 380 -18.53 -1.81 9.13
N PRO B 381 -18.62 -2.17 10.42
CA PRO B 381 -17.46 -2.65 11.16
C PRO B 381 -16.83 -3.92 10.58
N VAL B 382 -15.50 -3.95 10.60
CA VAL B 382 -14.73 -5.11 10.13
C VAL B 382 -13.95 -5.60 11.35
N MET B 383 -14.15 -6.87 11.69
CA MET B 383 -13.49 -7.45 12.85
C MET B 383 -13.05 -8.89 12.55
N ASN B 384 -11.74 -9.11 12.58
CA ASN B 384 -11.17 -10.43 12.35
C ASN B 384 -9.70 -10.44 12.74
N PHE B 385 -9.03 -11.56 12.53
CA PHE B 385 -7.62 -11.65 12.88
C PHE B 385 -6.70 -11.66 11.68
N ASN B 386 -7.17 -11.12 10.57
CA ASN B 386 -6.34 -11.01 9.38
C ASN B 386 -5.39 -9.88 9.73
N ARG B 387 -4.09 -10.09 9.50
CA ARG B 387 -3.11 -9.07 9.87
C ARG B 387 -1.98 -8.80 8.89
N ASP B 388 -1.25 -7.73 9.18
CA ASP B 388 -0.09 -7.31 8.42
C ASP B 388 -0.28 -7.20 6.91
N GLY B 389 0.78 -7.49 6.15
CA GLY B 389 0.71 -7.37 4.71
C GLY B 389 1.28 -6.00 4.31
N ALA B 390 1.76 -5.88 3.08
CA ALA B 390 2.35 -4.64 2.61
C ALA B 390 1.41 -3.43 2.72
N MET B 391 2.01 -2.27 3.01
CA MET B 391 1.31 -1.00 3.12
C MET B 391 0.09 -1.04 4.04
N ARG B 392 0.28 -1.63 5.20
CA ARG B 392 -0.75 -1.79 6.21
C ARG B 392 -1.05 -0.48 6.95
N HIS B 393 -2.27 0.03 6.85
CA HIS B 393 -2.64 1.26 7.56
C HIS B 393 -3.34 0.96 8.89
N THR B 394 -4.12 -0.12 8.93
CA THR B 394 -4.85 -0.47 10.14
C THR B 394 -3.96 -0.83 11.32
N ILE B 395 -4.21 -0.19 12.46
CA ILE B 395 -3.46 -0.48 13.68
C ILE B 395 -4.45 -1.10 14.67
N SER B 396 -4.14 -2.31 15.12
CA SER B 396 -5.01 -3.03 16.04
C SER B 396 -4.35 -3.21 17.40
N ARG B 397 -4.99 -2.68 18.44
CA ARG B 397 -4.49 -2.82 19.79
C ARG B 397 -4.88 -4.20 20.33
N GLY B 398 -4.09 -4.72 21.26
CA GLY B 398 -4.40 -6.03 21.81
C GLY B 398 -3.22 -6.97 21.78
N THR B 399 -3.28 -8.02 22.59
CA THR B 399 -2.19 -8.99 22.66
C THR B 399 -2.57 -10.32 22.00
N VAL B 400 -3.79 -10.42 21.50
CA VAL B 400 -4.25 -11.65 20.85
C VAL B 400 -4.64 -11.42 19.39
N ASN B 401 -4.34 -12.40 18.54
CA ASN B 401 -4.64 -12.32 17.11
C ASN B 401 -4.97 -13.69 16.52
N TYR B 402 -5.73 -14.48 17.28
CA TYR B 402 -6.11 -15.83 16.84
C TYR B 402 -7.37 -16.25 17.58
N TYR B 403 -8.05 -17.25 17.04
CA TYR B 403 -9.26 -17.77 17.66
C TYR B 403 -9.19 -19.29 17.62
N PRO B 404 -9.61 -19.97 18.71
CA PRO B 404 -10.13 -19.39 19.96
C PRO B 404 -9.04 -18.83 20.86
N ASN B 405 -9.44 -17.93 21.75
CA ASN B 405 -8.50 -17.32 22.68
C ASN B 405 -9.17 -17.15 24.04
N ARG B 406 -8.37 -16.95 25.08
CA ARG B 406 -8.87 -16.83 26.44
C ARG B 406 -9.75 -15.63 26.75
N PHE B 407 -9.78 -14.64 25.87
CA PHE B 407 -10.61 -13.46 26.10
C PHE B 407 -11.88 -13.53 25.26
N ASP B 408 -12.00 -14.62 24.49
CA ASP B 408 -13.13 -14.83 23.60
C ASP B 408 -13.29 -13.59 22.74
N ALA B 409 -12.15 -13.01 22.34
CA ALA B 409 -12.13 -11.82 21.49
C ALA B 409 -12.48 -12.18 20.06
N CYS B 410 -13.35 -11.36 19.45
CA CYS B 410 -13.80 -11.54 18.08
C CYS B 410 -14.44 -12.89 17.80
N PRO B 411 -15.50 -13.23 18.57
CA PRO B 411 -16.19 -14.51 18.38
C PRO B 411 -17.03 -14.48 17.10
N PRO B 412 -17.39 -15.68 16.59
CA PRO B 412 -18.21 -15.73 15.38
C PRO B 412 -19.63 -15.23 15.65
N ALA B 413 -20.34 -14.87 14.58
CA ALA B 413 -21.70 -14.41 14.71
C ALA B 413 -22.64 -15.58 14.43
N SER B 414 -23.66 -15.74 15.25
CA SER B 414 -24.62 -16.82 15.03
C SER B 414 -25.50 -16.42 13.85
N LEU B 415 -26.32 -17.34 13.35
CA LEU B 415 -27.20 -17.03 12.24
C LEU B 415 -28.18 -15.92 12.61
N LYS B 416 -28.68 -15.96 13.84
CA LYS B 416 -29.62 -14.94 14.28
C LYS B 416 -28.96 -13.57 14.38
N GLU B 417 -27.64 -13.56 14.58
CA GLU B 417 -26.90 -12.31 14.68
C GLU B 417 -26.44 -11.80 13.32
N GLY B 418 -26.89 -12.49 12.26
CA GLY B 418 -26.51 -12.06 10.92
C GLY B 418 -25.38 -12.84 10.27
N GLY B 419 -24.91 -13.91 10.92
CA GLY B 419 -23.84 -14.72 10.36
C GLY B 419 -24.23 -15.28 8.99
N TYR B 420 -23.27 -15.33 8.07
CA TYR B 420 -23.57 -15.81 6.73
C TYR B 420 -24.14 -17.22 6.69
N LEU B 421 -25.27 -17.37 5.99
CA LEU B 421 -25.93 -18.66 5.88
C LEU B 421 -25.42 -19.46 4.69
N GLU B 422 -24.77 -20.58 4.97
CA GLU B 422 -24.27 -21.46 3.91
C GLU B 422 -25.34 -22.50 3.63
N TYR B 423 -25.95 -22.45 2.46
CA TYR B 423 -27.00 -23.41 2.12
C TYR B 423 -26.42 -24.82 2.10
N ALA B 424 -27.09 -25.75 2.80
CA ALA B 424 -26.64 -27.13 2.86
C ALA B 424 -27.03 -27.91 1.62
N GLN B 425 -26.54 -27.46 0.46
CA GLN B 425 -26.87 -28.10 -0.80
C GLN B 425 -26.38 -29.55 -0.90
N LYS B 426 -27.24 -30.42 -1.40
CA LYS B 426 -26.86 -31.82 -1.57
C LYS B 426 -25.94 -31.91 -2.79
N VAL B 427 -24.89 -32.70 -2.66
CA VAL B 427 -23.94 -32.90 -3.75
C VAL B 427 -23.61 -34.38 -3.88
N ALA B 428 -23.67 -34.90 -5.10
CA ALA B 428 -23.37 -36.31 -5.35
C ALA B 428 -22.84 -36.52 -6.76
N GLY B 429 -21.76 -37.28 -6.86
CA GLY B 429 -21.16 -37.57 -8.16
C GLY B 429 -19.74 -38.06 -7.98
N ILE B 430 -18.91 -37.84 -9.00
CA ILE B 430 -17.51 -38.26 -8.94
C ILE B 430 -16.61 -37.07 -9.24
N LYS B 431 -15.35 -37.18 -8.83
CA LYS B 431 -14.38 -36.12 -9.10
C LYS B 431 -13.97 -36.34 -10.55
N ALA B 432 -14.20 -35.35 -11.39
CA ALA B 432 -13.83 -35.47 -12.80
C ALA B 432 -13.79 -34.12 -13.50
N ARG B 433 -13.05 -34.07 -14.59
CA ARG B 433 -12.94 -32.85 -15.39
C ARG B 433 -13.98 -32.97 -16.50
N ALA B 434 -15.22 -32.61 -16.18
CA ALA B 434 -16.31 -32.70 -17.14
C ALA B 434 -17.55 -31.95 -16.68
N ARG B 435 -18.47 -31.75 -17.62
CA ARG B 435 -19.74 -31.08 -17.37
C ARG B 435 -20.86 -32.09 -17.61
N SER B 436 -22.06 -31.79 -17.10
CA SER B 436 -23.19 -32.69 -17.27
C SER B 436 -23.84 -32.60 -18.65
N ALA B 437 -24.73 -33.54 -18.93
CA ALA B 437 -25.42 -33.67 -20.22
C ALA B 437 -25.96 -32.43 -20.94
N LYS B 438 -26.81 -31.65 -20.28
CA LYS B 438 -27.41 -30.49 -20.91
C LYS B 438 -26.44 -29.42 -21.41
N PHE B 439 -25.22 -29.41 -20.87
CA PHE B 439 -24.21 -28.44 -21.28
C PHE B 439 -23.77 -28.66 -22.73
N LYS B 440 -23.98 -29.87 -23.23
CA LYS B 440 -23.58 -30.22 -24.59
C LYS B 440 -24.31 -29.52 -25.73
N GLU B 441 -25.44 -28.87 -25.44
CA GLU B 441 -26.20 -28.17 -26.47
C GLU B 441 -25.55 -26.79 -26.67
N HIS B 442 -25.14 -26.49 -27.91
CA HIS B 442 -24.46 -25.24 -28.19
C HIS B 442 -25.00 -24.31 -29.28
N PHE B 443 -26.04 -24.73 -30.00
CA PHE B 443 -26.55 -23.91 -31.08
C PHE B 443 -27.96 -23.33 -30.99
N SER B 444 -28.86 -24.02 -30.29
CA SER B 444 -30.25 -23.57 -30.18
C SER B 444 -30.48 -22.09 -29.87
N GLN B 445 -29.86 -21.57 -28.81
CA GLN B 445 -30.07 -20.17 -28.45
C GLN B 445 -29.41 -19.16 -29.37
N ALA B 446 -28.37 -19.57 -30.08
CA ALA B 446 -27.71 -18.66 -31.02
C ALA B 446 -28.73 -18.38 -32.13
N GLN B 447 -29.45 -19.42 -32.52
CA GLN B 447 -30.47 -19.31 -33.56
C GLN B 447 -31.62 -18.47 -33.03
N LEU B 448 -32.04 -18.75 -31.80
CA LEU B 448 -33.12 -18.02 -31.15
C LEU B 448 -32.81 -16.53 -31.13
N PHE B 449 -31.58 -16.18 -30.76
CA PHE B 449 -31.19 -14.78 -30.71
C PHE B 449 -31.25 -14.12 -32.08
N TYR B 450 -30.64 -14.77 -33.07
CA TYR B 450 -30.64 -14.22 -34.42
C TYR B 450 -32.07 -14.07 -34.93
N ASN B 451 -32.91 -15.07 -34.66
CA ASN B 451 -34.31 -15.06 -35.08
C ASN B 451 -35.09 -13.89 -34.46
N SER B 452 -34.78 -13.58 -33.20
CA SER B 452 -35.47 -12.52 -32.47
C SER B 452 -35.07 -11.11 -32.86
N MET B 453 -33.96 -10.95 -33.58
CA MET B 453 -33.50 -9.63 -33.99
C MET B 453 -34.41 -9.01 -35.05
N SER B 454 -34.59 -7.69 -34.99
CA SER B 454 -35.41 -7.00 -35.98
C SER B 454 -34.62 -6.99 -37.29
N PRO B 455 -35.28 -6.62 -38.41
CA PRO B 455 -34.57 -6.60 -39.69
C PRO B 455 -33.31 -5.72 -39.67
N ILE B 456 -33.41 -4.53 -39.09
CA ILE B 456 -32.26 -3.64 -39.02
C ILE B 456 -31.14 -4.22 -38.15
N GLU B 457 -31.50 -4.92 -37.09
CA GLU B 457 -30.50 -5.52 -36.22
C GLU B 457 -29.79 -6.68 -36.92
N LYS B 458 -30.53 -7.42 -37.74
CA LYS B 458 -29.94 -8.52 -38.49
C LYS B 458 -28.96 -7.94 -39.52
N GLN B 459 -29.35 -6.82 -40.12
CA GLN B 459 -28.49 -6.18 -41.12
C GLN B 459 -27.20 -5.71 -40.47
N HIS B 460 -27.31 -5.16 -39.26
CA HIS B 460 -26.12 -4.69 -38.54
C HIS B 460 -25.18 -5.84 -38.18
N MET B 461 -25.76 -6.99 -37.82
CA MET B 461 -24.97 -8.16 -37.49
C MET B 461 -24.28 -8.68 -38.74
N ILE B 462 -24.99 -8.64 -39.86
CA ILE B 462 -24.42 -9.08 -41.12
C ILE B 462 -23.23 -8.19 -41.46
N ASN B 463 -23.40 -6.89 -41.29
CA ASN B 463 -22.32 -5.94 -41.57
C ASN B 463 -21.13 -6.22 -40.66
N ALA B 464 -21.43 -6.59 -39.41
CA ALA B 464 -20.39 -6.88 -38.43
C ALA B 464 -19.56 -8.09 -38.84
N PHE B 465 -20.23 -9.20 -39.16
CA PHE B 465 -19.53 -10.41 -39.57
C PHE B 465 -18.71 -10.10 -40.83
N GLY B 466 -19.29 -9.30 -41.72
CA GLY B 466 -18.61 -8.94 -42.94
C GLY B 466 -17.33 -8.15 -42.71
N PHE B 467 -17.36 -7.25 -41.73
CA PHE B 467 -16.19 -6.45 -41.41
C PHE B 467 -15.15 -7.27 -40.65
N GLU B 468 -15.60 -7.99 -39.64
CA GLU B 468 -14.72 -8.80 -38.81
C GLU B 468 -13.95 -9.87 -39.60
N LEU B 469 -14.67 -10.64 -40.40
CA LEU B 469 -14.04 -11.69 -41.17
C LEU B 469 -13.18 -11.16 -42.31
N ASP B 470 -13.49 -9.94 -42.76
CA ASP B 470 -12.70 -9.30 -43.80
C ASP B 470 -11.31 -9.08 -43.21
N HIS B 471 -11.27 -8.77 -41.92
CA HIS B 471 -10.00 -8.52 -41.25
C HIS B 471 -9.25 -9.78 -40.78
N CYS B 472 -9.71 -10.94 -41.24
CA CYS B 472 -9.04 -12.19 -40.92
C CYS B 472 -8.24 -12.55 -42.17
N GLU B 473 -6.92 -12.54 -42.04
CA GLU B 473 -6.02 -12.82 -43.16
C GLU B 473 -5.95 -14.29 -43.57
N ASP B 474 -6.22 -15.18 -42.63
CA ASP B 474 -6.16 -16.62 -42.90
C ASP B 474 -7.44 -17.17 -43.52
N PRO B 475 -7.36 -17.64 -44.78
CA PRO B 475 -8.54 -18.19 -45.46
C PRO B 475 -9.18 -19.33 -44.66
N VAL B 476 -8.37 -20.02 -43.87
CA VAL B 476 -8.85 -21.11 -43.05
C VAL B 476 -9.77 -20.58 -41.94
N VAL B 477 -9.43 -19.41 -41.42
CA VAL B 477 -10.22 -18.80 -40.35
C VAL B 477 -11.60 -18.34 -40.81
N TYR B 478 -11.64 -17.46 -41.82
CA TYR B 478 -12.94 -16.99 -42.30
C TYR B 478 -13.67 -18.08 -43.06
N GLY B 479 -12.92 -18.99 -43.67
CA GLY B 479 -13.54 -20.08 -44.42
C GLY B 479 -14.31 -20.99 -43.48
N ARG B 480 -13.71 -21.31 -42.34
CA ARG B 480 -14.37 -22.15 -41.36
C ARG B 480 -15.56 -21.42 -40.72
N MET B 481 -15.39 -20.14 -40.42
CA MET B 481 -16.47 -19.38 -39.81
C MET B 481 -17.70 -19.34 -40.72
N VAL B 482 -17.49 -19.23 -42.02
CA VAL B 482 -18.62 -19.21 -42.95
C VAL B 482 -19.39 -20.53 -42.80
N GLN B 483 -18.66 -21.63 -42.61
CA GLN B 483 -19.28 -22.94 -42.43
C GLN B 483 -20.07 -22.98 -41.12
N ARG B 484 -19.52 -22.36 -40.08
CA ARG B 484 -20.18 -22.34 -38.78
C ARG B 484 -21.47 -21.54 -38.80
N LEU B 485 -21.47 -20.45 -39.56
CA LEU B 485 -22.63 -19.59 -39.64
C LEU B 485 -23.85 -20.34 -40.15
N ALA B 486 -23.62 -21.42 -40.89
CA ALA B 486 -24.71 -22.22 -41.44
C ALA B 486 -25.46 -22.93 -40.32
N ASP B 487 -24.79 -23.08 -39.18
CA ASP B 487 -25.40 -23.74 -38.03
C ASP B 487 -26.29 -22.76 -37.25
N ILE B 488 -26.30 -21.51 -37.69
CA ILE B 488 -27.13 -20.48 -37.08
C ILE B 488 -28.27 -20.14 -38.03
N ASP B 489 -27.91 -19.92 -39.30
CA ASP B 489 -28.87 -19.59 -40.34
C ASP B 489 -28.20 -19.75 -41.70
N LEU B 490 -28.74 -20.62 -42.54
CA LEU B 490 -28.19 -20.89 -43.87
C LEU B 490 -28.08 -19.62 -44.73
N GLY B 491 -29.10 -18.77 -44.66
CA GLY B 491 -29.08 -17.54 -45.44
C GLY B 491 -27.96 -16.62 -45.00
N LEU B 492 -27.74 -16.56 -43.69
CA LEU B 492 -26.69 -15.72 -43.14
C LEU B 492 -25.33 -16.15 -43.69
N ALA B 493 -25.06 -17.46 -43.67
CA ALA B 493 -23.80 -17.99 -44.17
C ALA B 493 -23.54 -17.60 -45.62
N GLN B 494 -24.56 -17.74 -46.46
CA GLN B 494 -24.45 -17.42 -47.88
C GLN B 494 -24.07 -15.95 -48.09
N THR B 495 -24.76 -15.06 -47.37
CA THR B 495 -24.50 -13.63 -47.48
C THR B 495 -23.08 -13.29 -47.05
N ILE B 496 -22.64 -13.85 -45.92
CA ILE B 496 -21.29 -13.57 -45.44
C ILE B 496 -20.25 -14.14 -46.40
N ALA B 497 -20.52 -15.33 -46.93
CA ALA B 497 -19.61 -15.96 -47.87
C ALA B 497 -19.35 -15.09 -49.09
N GLU B 498 -20.40 -14.48 -49.63
CA GLU B 498 -20.22 -13.63 -50.79
C GLU B 498 -19.49 -12.33 -50.43
N MET B 499 -19.54 -11.97 -49.17
CA MET B 499 -18.89 -10.75 -48.69
C MET B 499 -17.41 -10.91 -48.37
N VAL B 500 -17.05 -12.04 -47.75
CA VAL B 500 -15.66 -12.26 -47.32
C VAL B 500 -14.90 -13.43 -47.93
N GLY B 501 -15.60 -14.29 -48.67
CA GLY B 501 -14.94 -15.44 -49.26
C GLY B 501 -15.35 -16.72 -48.57
N GLY B 502 -14.78 -17.84 -49.01
CA GLY B 502 -15.14 -19.12 -48.42
C GLY B 502 -16.34 -19.68 -49.17
N GLU B 503 -16.82 -20.84 -48.74
CA GLU B 503 -17.96 -21.47 -49.39
C GLU B 503 -19.02 -21.82 -48.36
N ALA B 504 -20.20 -21.21 -48.50
CA ALA B 504 -21.29 -21.46 -47.57
C ALA B 504 -21.91 -22.83 -47.83
N PRO B 505 -21.99 -23.67 -46.79
CA PRO B 505 -22.59 -24.99 -46.99
C PRO B 505 -24.07 -24.87 -47.31
N THR B 506 -24.59 -25.88 -47.99
CA THR B 506 -25.98 -25.89 -48.37
C THR B 506 -26.87 -26.56 -47.33
N THR B 507 -26.25 -27.37 -46.47
CA THR B 507 -26.98 -28.08 -45.43
C THR B 507 -26.32 -27.87 -44.08
N THR B 508 -26.99 -28.31 -43.02
CA THR B 508 -26.48 -28.19 -41.67
C THR B 508 -27.07 -29.26 -40.77
N ASN B 509 -26.32 -29.68 -39.76
CA ASN B 509 -26.79 -30.68 -38.83
C ASN B 509 -27.50 -30.00 -37.66
N HIS B 510 -27.60 -28.67 -37.74
CA HIS B 510 -28.25 -27.88 -36.71
C HIS B 510 -29.26 -26.95 -37.34
N PRO B 511 -30.38 -27.51 -37.85
CA PRO B 511 -31.44 -26.72 -38.48
C PRO B 511 -32.00 -25.62 -37.58
N ASN B 512 -32.29 -24.47 -38.17
CA ASN B 512 -32.86 -23.35 -37.44
C ASN B 512 -34.36 -23.43 -37.64
N HIS B 513 -35.10 -23.72 -36.57
CA HIS B 513 -36.54 -23.88 -36.62
C HIS B 513 -37.38 -22.61 -36.63
N GLY B 514 -36.72 -21.46 -36.55
CA GLY B 514 -37.44 -20.20 -36.60
C GLY B 514 -38.12 -19.62 -35.38
N ARG B 515 -38.09 -20.29 -34.23
CA ARG B 515 -38.73 -19.74 -33.03
C ARG B 515 -38.01 -18.46 -32.59
N LYS B 516 -38.75 -17.54 -32.00
CA LYS B 516 -38.20 -16.28 -31.51
C LYS B 516 -38.65 -16.15 -30.05
N THR B 517 -38.13 -15.15 -29.35
CA THR B 517 -38.53 -14.92 -27.96
C THR B 517 -38.50 -13.43 -27.66
N ILE B 518 -39.14 -13.05 -26.56
CA ILE B 518 -39.24 -11.65 -26.17
C ILE B 518 -38.02 -11.12 -25.42
N ASN B 519 -37.94 -9.80 -25.38
CA ASN B 519 -36.89 -9.06 -24.68
C ASN B 519 -35.44 -9.35 -25.05
N LEU B 520 -35.19 -9.57 -26.33
CA LEU B 520 -33.82 -9.79 -26.80
C LEU B 520 -33.48 -8.65 -27.75
N SER B 521 -34.39 -8.35 -28.66
CA SER B 521 -34.22 -7.25 -29.60
C SER B 521 -34.20 -5.96 -28.82
N GLN B 522 -33.38 -5.00 -29.26
CA GLN B 522 -33.28 -3.72 -28.58
C GLN B 522 -34.57 -2.91 -28.76
N THR B 523 -35.38 -3.29 -29.76
CA THR B 523 -36.63 -2.59 -30.01
C THR B 523 -37.59 -2.77 -28.84
N GLU B 524 -37.34 -3.79 -28.02
CA GLU B 524 -38.20 -4.04 -26.87
C GLU B 524 -37.75 -3.31 -25.63
N PHE B 525 -36.78 -2.41 -25.79
CA PHE B 525 -36.28 -1.62 -24.68
C PHE B 525 -36.24 -0.14 -24.98
N PRO B 526 -37.42 0.48 -25.18
CA PRO B 526 -37.46 1.90 -25.47
C PRO B 526 -37.35 2.68 -24.16
N PRO B 527 -37.20 4.01 -24.24
CA PRO B 527 -37.10 4.77 -22.99
C PRO B 527 -38.40 4.66 -22.23
N ALA B 528 -38.34 4.88 -20.91
CA ALA B 528 -39.53 4.80 -20.07
C ALA B 528 -40.63 5.70 -20.62
N THR B 529 -40.24 6.82 -21.21
CA THR B 529 -41.18 7.77 -21.80
C THR B 529 -40.46 8.55 -22.90
N PRO B 530 -41.19 9.01 -23.93
CA PRO B 530 -40.56 9.77 -25.02
C PRO B 530 -39.69 10.89 -24.46
N THR B 531 -38.43 10.94 -24.88
CA THR B 531 -37.52 11.94 -24.36
C THR B 531 -36.29 12.16 -25.22
N ILE B 532 -35.62 13.29 -25.01
CA ILE B 532 -34.38 13.58 -25.70
C ILE B 532 -33.38 14.05 -24.65
N LYS B 533 -33.69 13.76 -23.38
CA LYS B 533 -32.83 14.15 -22.26
C LYS B 533 -31.39 13.67 -22.46
N SER B 534 -30.44 14.58 -22.23
CA SER B 534 -29.00 14.34 -22.36
C SER B 534 -28.46 14.28 -23.79
N ARG B 535 -29.35 14.18 -24.78
CA ARG B 535 -28.93 14.14 -26.18
C ARG B 535 -28.26 15.45 -26.56
N ARG B 536 -27.27 15.36 -27.46
CA ARG B 536 -26.56 16.56 -27.91
C ARG B 536 -27.06 16.94 -29.30
N VAL B 537 -27.39 18.21 -29.48
CA VAL B 537 -27.88 18.69 -30.76
C VAL B 537 -26.99 19.81 -31.28
N ALA B 538 -26.38 19.60 -32.43
CA ALA B 538 -25.50 20.60 -33.01
C ALA B 538 -26.36 21.62 -33.75
N ILE B 539 -26.06 22.90 -33.58
CA ILE B 539 -26.75 23.97 -34.26
C ILE B 539 -25.69 24.59 -35.14
N ILE B 540 -25.76 24.31 -36.44
CA ILE B 540 -24.76 24.80 -37.38
C ILE B 540 -25.12 26.17 -37.96
N ILE B 541 -24.22 27.12 -37.78
CA ILE B 541 -24.43 28.49 -38.26
C ILE B 541 -23.21 29.05 -38.99
N ALA B 542 -23.42 30.20 -39.61
CA ALA B 542 -22.38 30.93 -40.34
C ALA B 542 -22.89 32.37 -40.34
N ASP B 543 -22.03 33.34 -40.68
CA ASP B 543 -22.49 34.72 -40.67
C ASP B 543 -23.76 34.88 -41.51
N GLY B 544 -24.76 35.52 -40.92
CA GLY B 544 -26.01 35.75 -41.62
C GLY B 544 -27.12 34.77 -41.27
N TYR B 545 -26.92 33.98 -40.22
CA TYR B 545 -27.94 33.00 -39.83
C TYR B 545 -29.18 33.69 -39.27
N ASP B 546 -30.30 32.99 -39.30
CA ASP B 546 -31.58 33.50 -38.80
C ASP B 546 -31.62 33.38 -37.28
N ASN B 547 -31.54 34.53 -36.59
CA ASN B 547 -31.56 34.53 -35.13
C ASN B 547 -32.87 34.01 -34.56
N VAL B 548 -33.95 34.08 -35.33
CA VAL B 548 -35.26 33.63 -34.87
C VAL B 548 -35.34 32.11 -34.71
N ALA B 549 -35.03 31.38 -35.77
CA ALA B 549 -35.07 29.93 -35.72
C ALA B 549 -34.03 29.45 -34.71
N TYR B 550 -32.90 30.14 -34.68
CA TYR B 550 -31.81 29.83 -33.77
C TYR B 550 -32.27 29.92 -32.32
N ASP B 551 -32.86 31.06 -31.95
CA ASP B 551 -33.35 31.28 -30.58
C ASP B 551 -34.41 30.25 -30.19
N ALA B 552 -35.33 29.98 -31.09
CA ALA B 552 -36.41 29.02 -30.83
C ALA B 552 -35.89 27.61 -30.56
N ALA B 553 -35.00 27.14 -31.42
CA ALA B 553 -34.43 25.80 -31.27
C ALA B 553 -33.57 25.72 -30.01
N TYR B 554 -32.71 26.70 -29.81
CA TYR B 554 -31.82 26.71 -28.65
C TYR B 554 -32.61 26.61 -27.35
N ALA B 555 -33.67 27.40 -27.21
CA ALA B 555 -34.47 27.37 -25.98
C ALA B 555 -35.22 26.05 -25.82
N ALA B 556 -35.74 25.52 -26.91
CA ALA B 556 -36.49 24.27 -26.87
C ALA B 556 -35.60 23.07 -26.54
N ILE B 557 -34.37 23.10 -27.06
CA ILE B 557 -33.43 22.03 -26.80
C ILE B 557 -33.10 22.04 -25.31
N SER B 558 -32.76 23.21 -24.79
CA SER B 558 -32.42 23.37 -23.39
C SER B 558 -33.60 23.00 -22.46
N ALA B 559 -34.78 23.49 -22.82
CA ALA B 559 -35.98 23.23 -22.02
C ALA B 559 -36.42 21.77 -22.04
N ASN B 560 -35.84 20.98 -22.93
CA ASN B 560 -36.14 19.57 -23.01
C ASN B 560 -34.95 18.72 -22.53
N GLN B 561 -34.13 19.34 -21.69
CA GLN B 561 -32.97 18.70 -21.08
C GLN B 561 -31.93 18.17 -22.06
N ALA B 562 -31.88 18.74 -23.27
CA ALA B 562 -30.91 18.33 -24.28
C ALA B 562 -29.80 19.37 -24.29
N ILE B 563 -28.68 19.04 -24.92
CA ILE B 563 -27.53 19.94 -24.95
C ILE B 563 -27.31 20.60 -26.31
N PRO B 564 -27.50 21.92 -26.37
CA PRO B 564 -27.29 22.62 -27.65
C PRO B 564 -25.80 22.93 -27.82
N LEU B 565 -25.24 22.56 -28.96
CA LEU B 565 -23.83 22.82 -29.23
C LEU B 565 -23.74 23.61 -30.52
N VAL B 566 -23.37 24.88 -30.40
CA VAL B 566 -23.25 25.76 -31.55
C VAL B 566 -21.95 25.55 -32.30
N ILE B 567 -22.07 25.24 -33.59
CA ILE B 567 -20.92 24.98 -34.45
C ILE B 567 -20.88 26.02 -35.57
N GLY B 568 -19.77 26.73 -35.70
CA GLY B 568 -19.64 27.74 -36.74
C GLY B 568 -18.34 27.63 -37.51
N PRO B 569 -18.14 28.46 -38.56
CA PRO B 569 -16.91 28.43 -39.37
C PRO B 569 -15.71 28.83 -38.53
N ARG B 570 -15.96 29.57 -37.46
CA ARG B 570 -14.92 30.02 -36.55
C ARG B 570 -15.46 29.94 -35.13
N ARG B 571 -14.58 29.91 -34.15
CA ARG B 571 -15.00 29.83 -32.75
C ARG B 571 -14.74 31.14 -32.02
N SER B 572 -14.78 32.25 -32.75
CA SER B 572 -14.57 33.57 -32.16
C SER B 572 -15.90 34.30 -32.07
N LYS B 573 -16.47 34.61 -33.23
CA LYS B 573 -17.74 35.32 -33.28
C LYS B 573 -18.44 35.10 -34.61
N VAL B 574 -19.75 34.88 -34.54
CA VAL B 574 -20.55 34.69 -35.73
C VAL B 574 -21.68 35.71 -35.59
N THR B 575 -21.97 36.41 -36.68
CA THR B 575 -23.02 37.44 -36.66
C THR B 575 -24.29 36.99 -37.38
N ALA B 576 -25.41 37.14 -36.68
CA ALA B 576 -26.71 36.77 -37.24
C ALA B 576 -27.16 37.83 -38.26
N ALA B 577 -28.18 37.49 -39.06
CA ALA B 577 -28.69 38.41 -40.07
C ALA B 577 -29.17 39.71 -39.45
N ASN B 578 -29.61 39.64 -38.20
CA ASN B 578 -30.11 40.83 -37.51
C ASN B 578 -29.04 41.58 -36.73
N GLY B 579 -27.78 41.21 -36.92
CA GLY B 579 -26.71 41.91 -36.23
C GLY B 579 -26.30 41.38 -34.88
N SER B 580 -27.13 40.53 -34.27
CA SER B 580 -26.76 39.98 -32.97
C SER B 580 -25.61 39.01 -33.21
N THR B 581 -24.83 38.73 -32.18
CA THR B 581 -23.69 37.82 -32.32
C THR B 581 -23.66 36.75 -31.25
N VAL B 582 -22.87 35.71 -31.51
CA VAL B 582 -22.71 34.60 -30.58
C VAL B 582 -21.37 33.94 -30.83
N GLN B 583 -20.78 33.35 -29.79
CA GLN B 583 -19.52 32.66 -29.94
C GLN B 583 -19.86 31.18 -29.93
N PRO B 584 -19.62 30.48 -31.05
CA PRO B 584 -19.93 29.05 -31.09
C PRO B 584 -19.13 28.26 -30.06
N HIS B 585 -19.57 27.05 -29.77
CA HIS B 585 -18.87 26.19 -28.82
C HIS B 585 -17.60 25.66 -29.51
N HIS B 586 -17.71 25.35 -30.80
CA HIS B 586 -16.58 24.84 -31.59
C HIS B 586 -16.73 25.27 -33.04
N HIS B 587 -15.63 25.22 -33.80
CA HIS B 587 -15.70 25.54 -35.21
C HIS B 587 -15.87 24.21 -35.96
N LEU B 588 -16.28 24.28 -37.22
CA LEU B 588 -16.52 23.11 -38.06
C LEU B 588 -15.39 22.09 -38.15
N GLU B 589 -14.14 22.53 -38.03
CA GLU B 589 -13.01 21.61 -38.12
C GLU B 589 -12.66 20.92 -36.80
N GLY B 590 -13.01 21.56 -35.69
CA GLY B 590 -12.70 21.00 -34.39
C GLY B 590 -13.64 19.91 -33.90
N PHE B 591 -14.80 19.82 -34.53
CA PHE B 591 -15.79 18.83 -34.15
C PHE B 591 -16.32 18.12 -35.39
N ARG B 592 -17.09 17.05 -35.19
CA ARG B 592 -17.67 16.28 -36.28
C ARG B 592 -19.06 15.83 -35.83
N SER B 593 -19.93 15.52 -36.79
CA SER B 593 -21.28 15.07 -36.48
C SER B 593 -21.30 13.78 -35.67
N THR B 594 -20.21 13.03 -35.72
CA THR B 594 -20.11 11.77 -34.97
C THR B 594 -20.29 11.98 -33.47
N MET B 595 -19.95 13.19 -33.04
CA MET B 595 -20.01 13.58 -31.63
C MET B 595 -21.36 14.06 -31.11
N VAL B 596 -22.35 14.17 -31.99
CA VAL B 596 -23.67 14.61 -31.57
C VAL B 596 -24.75 13.64 -31.97
N ASP B 597 -25.96 13.84 -31.43
CA ASP B 597 -27.09 12.97 -31.73
C ASP B 597 -27.91 13.42 -32.92
N ALA B 598 -27.83 14.71 -33.24
CA ALA B 598 -28.58 15.28 -34.35
C ALA B 598 -28.07 16.66 -34.69
N ILE B 599 -28.46 17.18 -35.85
CA ILE B 599 -28.04 18.51 -36.24
C ILE B 599 -29.24 19.35 -36.66
N PHE B 600 -29.15 20.65 -36.40
CA PHE B 600 -30.18 21.60 -36.77
C PHE B 600 -29.51 22.79 -37.43
N ILE B 601 -30.05 23.23 -38.55
CA ILE B 601 -29.47 24.36 -39.27
C ILE B 601 -30.55 25.42 -39.50
N PRO B 602 -30.39 26.59 -38.88
CA PRO B 602 -31.38 27.67 -39.06
C PRO B 602 -31.18 28.33 -40.42
N GLY B 603 -32.17 29.11 -40.83
CA GLY B 603 -32.10 29.80 -42.11
C GLY B 603 -31.09 30.92 -42.20
N GLY B 604 -31.32 31.82 -43.16
CA GLY B 604 -30.41 32.93 -43.37
C GLY B 604 -29.75 32.68 -44.72
N ALA B 605 -30.18 33.41 -45.75
CA ALA B 605 -29.62 33.23 -47.08
C ALA B 605 -28.10 33.29 -47.14
N LYS B 606 -27.52 34.31 -46.51
CA LYS B 606 -26.07 34.45 -46.51
C LYS B 606 -25.38 33.26 -45.87
N ALA B 607 -25.97 32.76 -44.78
CA ALA B 607 -25.41 31.62 -44.07
C ALA B 607 -25.49 30.35 -44.89
N ALA B 608 -26.65 30.09 -45.48
CA ALA B 608 -26.86 28.89 -46.30
C ALA B 608 -25.92 28.86 -47.49
N GLU B 609 -25.68 30.02 -48.09
CA GLU B 609 -24.79 30.12 -49.25
C GLU B 609 -23.35 29.79 -48.84
N THR B 610 -22.92 30.35 -47.72
CA THR B 610 -21.56 30.12 -47.23
C THR B 610 -21.36 28.65 -46.88
N LEU B 611 -22.34 28.07 -46.20
CA LEU B 611 -22.27 26.67 -45.81
C LEU B 611 -22.32 25.72 -47.01
N SER B 612 -23.02 26.12 -48.07
CA SER B 612 -23.15 25.29 -49.26
C SER B 612 -21.84 25.15 -50.01
N LYS B 613 -20.90 26.07 -49.76
CA LYS B 613 -19.60 26.04 -50.42
C LYS B 613 -18.48 25.55 -49.48
N ASN B 614 -18.87 25.20 -48.26
CA ASN B 614 -17.92 24.73 -47.25
C ASN B 614 -17.95 23.20 -47.22
N GLY B 615 -16.91 22.57 -47.75
CA GLY B 615 -16.84 21.12 -47.78
C GLY B 615 -17.04 20.44 -46.44
N ARG B 616 -16.42 21.00 -45.41
CA ARG B 616 -16.53 20.45 -44.06
C ARG B 616 -17.98 20.47 -43.61
N ALA B 617 -18.67 21.58 -43.89
CA ALA B 617 -20.08 21.72 -43.53
C ALA B 617 -20.94 20.72 -44.28
N LEU B 618 -20.66 20.56 -45.57
CA LEU B 618 -21.42 19.61 -46.37
C LEU B 618 -21.18 18.20 -45.82
N HIS B 619 -19.98 17.96 -45.31
CA HIS B 619 -19.71 16.64 -44.79
C HIS B 619 -20.50 16.40 -43.52
N TRP B 620 -20.63 17.43 -42.69
CA TRP B 620 -21.39 17.33 -41.46
C TRP B 620 -22.78 16.84 -41.78
N ILE B 621 -23.36 17.39 -42.84
CA ILE B 621 -24.71 17.00 -43.25
C ILE B 621 -24.76 15.59 -43.82
N ARG B 622 -23.85 15.27 -44.74
CA ARG B 622 -23.84 13.95 -45.34
C ARG B 622 -23.54 12.84 -44.33
N GLU B 623 -22.64 13.13 -43.39
CA GLU B 623 -22.27 12.14 -42.37
C GLU B 623 -23.44 11.92 -41.40
N ALA B 624 -24.06 13.01 -40.98
CA ALA B 624 -25.19 12.92 -40.06
C ALA B 624 -26.28 12.08 -40.73
N PHE B 625 -26.45 12.29 -42.03
CA PHE B 625 -27.46 11.53 -42.78
C PHE B 625 -27.03 10.07 -42.84
N GLY B 626 -25.80 9.84 -43.27
CA GLY B 626 -25.29 8.48 -43.38
C GLY B 626 -25.32 7.71 -42.07
N HIS B 627 -25.13 8.40 -40.96
CA HIS B 627 -25.15 7.74 -39.66
C HIS B 627 -26.56 7.62 -39.09
N LEU B 628 -27.54 7.96 -39.93
CA LEU B 628 -28.95 7.85 -39.60
C LEU B 628 -29.48 8.82 -38.54
N LYS B 629 -28.79 9.92 -38.32
CA LYS B 629 -29.22 10.89 -37.32
C LYS B 629 -30.25 11.89 -37.82
N ALA B 630 -31.09 12.37 -36.89
CA ALA B 630 -32.12 13.35 -37.23
C ALA B 630 -31.46 14.62 -37.73
N ILE B 631 -32.06 15.22 -38.75
CA ILE B 631 -31.57 16.46 -39.34
C ILE B 631 -32.75 17.42 -39.43
N GLY B 632 -32.56 18.64 -38.94
CA GLY B 632 -33.61 19.63 -38.96
C GLY B 632 -33.10 20.89 -39.63
N ALA B 633 -33.92 21.51 -40.46
CA ALA B 633 -33.53 22.73 -41.16
C ALA B 633 -34.74 23.61 -41.44
N THR B 634 -34.53 24.92 -41.43
CA THR B 634 -35.59 25.87 -41.70
C THR B 634 -35.09 26.94 -42.66
N GLY B 635 -36.01 27.59 -43.36
CA GLY B 635 -35.64 28.63 -44.29
C GLY B 635 -34.72 28.19 -45.41
N GLU B 636 -33.71 29.02 -45.68
CA GLU B 636 -32.74 28.76 -46.74
C GLU B 636 -31.89 27.52 -46.47
N ALA B 637 -31.88 27.05 -45.24
CA ALA B 637 -31.11 25.86 -44.88
C ALA B 637 -31.72 24.59 -45.46
N VAL B 638 -33.00 24.66 -45.80
CA VAL B 638 -33.70 23.51 -46.35
C VAL B 638 -33.10 23.11 -47.69
N ASP B 639 -32.83 24.10 -48.54
CA ASP B 639 -32.23 23.86 -49.86
C ASP B 639 -30.79 23.39 -49.67
N LEU B 640 -30.15 23.88 -48.61
CA LEU B 640 -28.77 23.50 -48.31
C LEU B 640 -28.72 22.00 -48.06
N VAL B 641 -29.59 21.53 -47.17
CA VAL B 641 -29.66 20.11 -46.82
C VAL B 641 -30.11 19.25 -48.00
N ALA B 642 -31.15 19.69 -48.69
CA ALA B 642 -31.66 18.94 -49.83
C ALA B 642 -30.56 18.72 -50.87
N LYS B 643 -29.81 19.78 -51.16
CA LYS B 643 -28.74 19.70 -52.14
C LYS B 643 -27.51 18.96 -51.64
N ALA B 644 -27.26 19.02 -50.33
CA ALA B 644 -26.11 18.33 -49.76
C ALA B 644 -26.33 16.82 -49.82
N ILE B 645 -27.55 16.39 -49.55
CA ILE B 645 -27.90 14.99 -49.58
C ILE B 645 -28.10 14.52 -51.03
N ALA B 646 -28.75 15.36 -51.83
CA ALA B 646 -29.01 15.07 -53.25
C ALA B 646 -29.69 13.73 -53.53
N LEU B 647 -30.74 13.43 -52.77
CA LEU B 647 -31.49 12.20 -52.95
C LEU B 647 -32.96 12.46 -53.19
N PRO B 648 -33.49 12.01 -54.35
CA PRO B 648 -34.90 12.20 -54.68
C PRO B 648 -35.82 11.54 -53.65
N GLN B 649 -35.35 10.46 -53.04
CA GLN B 649 -36.10 9.73 -52.03
C GLN B 649 -36.36 10.59 -50.80
N VAL B 650 -35.46 11.53 -50.52
CA VAL B 650 -35.61 12.42 -49.38
C VAL B 650 -36.27 13.75 -49.75
N THR B 651 -37.56 13.85 -49.47
CA THR B 651 -38.32 15.05 -49.77
C THR B 651 -38.24 16.10 -48.67
N VAL B 652 -38.42 17.36 -49.05
CA VAL B 652 -38.36 18.47 -48.11
C VAL B 652 -39.50 19.46 -48.29
N SER B 653 -39.71 20.29 -47.28
CA SER B 653 -40.75 21.31 -47.31
C SER B 653 -40.51 22.29 -48.46
N SER B 654 -41.59 22.78 -49.06
CA SER B 654 -41.48 23.73 -50.15
C SER B 654 -42.16 25.04 -49.77
N GLU B 655 -43.11 24.96 -48.84
CA GLU B 655 -43.84 26.14 -48.39
C GLU B 655 -43.67 26.37 -46.89
N ALA B 656 -44.75 26.79 -46.24
CA ALA B 656 -44.74 27.05 -44.80
C ALA B 656 -45.21 25.84 -44.00
N GLU B 657 -45.24 24.68 -44.64
CA GLU B 657 -45.67 23.46 -43.95
C GLU B 657 -44.48 22.65 -43.48
N VAL B 658 -44.61 22.04 -42.30
CA VAL B 658 -43.55 21.22 -41.75
C VAL B 658 -43.54 19.91 -42.54
N HIS B 659 -42.36 19.44 -42.90
CA HIS B 659 -42.25 18.21 -43.66
C HIS B 659 -41.21 17.28 -43.06
N GLU B 660 -41.51 16.00 -43.03
CA GLU B 660 -40.60 14.99 -42.49
C GLU B 660 -40.44 13.88 -43.51
N SER B 661 -39.18 13.48 -43.72
CA SER B 661 -38.84 12.42 -44.67
C SER B 661 -37.58 11.71 -44.18
N TYR B 662 -37.72 10.45 -43.79
CA TYR B 662 -36.59 9.66 -43.30
C TYR B 662 -35.84 10.32 -42.14
N GLY B 663 -36.57 10.98 -41.24
CA GLY B 663 -35.92 11.60 -40.11
C GLY B 663 -35.30 12.95 -40.44
N VAL B 664 -35.61 13.47 -41.62
CA VAL B 664 -35.13 14.78 -42.05
C VAL B 664 -36.35 15.69 -41.96
N VAL B 665 -36.31 16.64 -41.03
CA VAL B 665 -37.42 17.56 -40.80
C VAL B 665 -37.11 18.96 -41.31
N THR B 666 -37.99 19.46 -42.18
CA THR B 666 -37.78 20.77 -42.77
C THR B 666 -39.01 21.69 -42.77
N LEU B 667 -38.73 22.98 -42.94
CA LEU B 667 -39.75 24.04 -42.98
C LEU B 667 -39.09 25.16 -43.78
N LYS B 668 -39.43 25.26 -45.06
CA LYS B 668 -38.82 26.27 -45.92
C LYS B 668 -39.25 27.72 -45.67
N LYS B 669 -40.54 27.93 -45.50
CA LYS B 669 -41.05 29.28 -45.26
C LYS B 669 -41.50 29.45 -43.82
N VAL B 670 -40.68 30.13 -43.02
CA VAL B 670 -40.99 30.36 -41.62
C VAL B 670 -42.01 31.49 -41.46
N LYS B 671 -43.06 31.20 -40.70
CA LYS B 671 -44.12 32.16 -40.45
C LYS B 671 -44.18 32.46 -38.95
N PRO B 672 -44.94 33.50 -38.55
CA PRO B 672 -45.04 33.84 -37.14
C PRO B 672 -45.45 32.67 -36.24
N GLU B 673 -46.28 31.78 -36.77
CA GLU B 673 -46.76 30.63 -36.01
C GLU B 673 -45.83 29.41 -36.04
N SER B 674 -44.81 29.45 -36.89
CA SER B 674 -43.88 28.32 -37.03
C SER B 674 -43.30 27.80 -35.72
N PHE B 675 -42.94 28.69 -34.82
CA PHE B 675 -42.35 28.27 -33.55
C PHE B 675 -43.24 28.58 -32.34
N THR B 676 -44.55 28.47 -32.54
CA THR B 676 -45.50 28.72 -31.46
C THR B 676 -46.35 27.47 -31.22
N ASP B 677 -46.13 26.44 -32.04
CA ASP B 677 -46.85 25.19 -31.88
C ASP B 677 -46.29 24.54 -30.61
N ALA B 678 -47.07 23.67 -29.99
CA ALA B 678 -46.61 23.00 -28.78
C ALA B 678 -45.52 22.01 -29.17
N VAL B 679 -44.56 21.81 -28.28
CA VAL B 679 -43.48 20.87 -28.54
C VAL B 679 -43.85 19.52 -27.95
N LYS B 680 -44.46 18.69 -28.78
CA LYS B 680 -44.89 17.35 -28.37
C LYS B 680 -44.01 16.28 -29.01
N ILE B 681 -43.25 15.57 -28.19
CA ILE B 681 -42.38 14.52 -28.69
C ILE B 681 -43.20 13.25 -28.95
N ALA B 682 -43.86 13.21 -30.10
CA ALA B 682 -44.68 12.06 -30.44
C ALA B 682 -44.85 11.89 -31.95
N LYS B 683 -45.30 10.70 -32.33
CA LYS B 683 -45.53 10.36 -33.73
C LYS B 683 -46.59 11.28 -34.32
N GLY B 684 -46.26 11.91 -35.45
CA GLY B 684 -47.21 12.80 -36.08
C GLY B 684 -47.47 14.11 -35.36
N ALA B 685 -46.41 14.76 -34.89
CA ALA B 685 -46.55 16.04 -34.20
C ALA B 685 -46.86 17.08 -35.27
N ALA B 686 -47.45 18.20 -34.87
CA ALA B 686 -47.80 19.24 -35.83
C ALA B 686 -46.70 20.27 -36.09
N GLY B 687 -46.05 20.71 -35.03
CA GLY B 687 -44.99 21.72 -35.17
C GLY B 687 -43.64 21.18 -35.60
N PHE B 688 -42.78 22.11 -36.05
CA PHE B 688 -41.44 21.75 -36.51
C PHE B 688 -40.60 21.15 -35.39
N LEU B 689 -40.49 21.84 -34.27
CA LEU B 689 -39.69 21.35 -33.15
C LEU B 689 -40.21 20.00 -32.65
N GLY B 690 -41.53 19.85 -32.62
CA GLY B 690 -42.11 18.59 -32.16
C GLY B 690 -41.66 17.43 -33.02
N GLU B 691 -41.83 17.55 -34.33
CA GLU B 691 -41.43 16.48 -35.24
C GLU B 691 -39.91 16.25 -35.24
N PHE B 692 -39.15 17.34 -35.12
CA PHE B 692 -37.69 17.24 -35.09
C PHE B 692 -37.27 16.48 -33.82
N PHE B 693 -37.81 16.89 -32.68
CA PHE B 693 -37.48 16.24 -31.42
C PHE B 693 -37.94 14.78 -31.41
N TYR B 694 -39.03 14.49 -32.10
CA TYR B 694 -39.51 13.11 -32.15
C TYR B 694 -38.49 12.26 -32.89
N ALA B 695 -37.93 12.80 -33.96
CA ALA B 695 -36.93 12.09 -34.74
C ALA B 695 -35.71 11.83 -33.87
N ILE B 696 -35.36 12.79 -33.03
CA ILE B 696 -34.22 12.67 -32.13
C ILE B 696 -34.52 11.59 -31.08
N ALA B 697 -35.72 11.66 -30.51
CA ALA B 697 -36.15 10.71 -29.49
C ALA B 697 -36.12 9.27 -29.99
N GLN B 698 -36.32 9.09 -31.30
CA GLN B 698 -36.31 7.76 -31.90
C GLN B 698 -34.86 7.27 -32.05
N HIS B 699 -33.91 8.13 -31.68
CA HIS B 699 -32.48 7.83 -31.75
C HIS B 699 -31.90 7.86 -33.16
N ARG B 700 -32.37 6.97 -34.03
CA ARG B 700 -31.89 6.96 -35.42
C ARG B 700 -33.04 6.57 -36.35
N ASN B 701 -32.91 6.95 -37.62
CA ASN B 701 -33.93 6.59 -38.60
C ASN B 701 -33.45 5.36 -39.37
N TRP B 702 -33.92 4.19 -38.96
CA TRP B 702 -33.52 2.92 -39.57
C TRP B 702 -34.04 2.71 -41.00
N ASP B 703 -35.15 3.34 -41.33
CA ASP B 703 -35.71 3.19 -42.69
C ASP B 703 -34.71 3.71 -43.71
N ARG B 704 -33.96 4.72 -43.29
CA ARG B 704 -32.95 5.34 -44.13
C ARG B 704 -31.96 4.25 -44.59
N GLU B 705 -31.60 3.37 -43.65
CA GLU B 705 -30.66 2.28 -43.95
C GLU B 705 -31.36 1.10 -44.63
N LEU B 706 -32.56 0.77 -44.16
CA LEU B 706 -33.30 -0.34 -44.75
C LEU B 706 -33.57 -0.11 -46.24
N ASP B 707 -33.70 1.15 -46.63
CA ASP B 707 -33.96 1.50 -48.03
C ASP B 707 -32.68 1.81 -48.80
N GLY B 708 -31.54 1.48 -48.20
CA GLY B 708 -30.25 1.70 -48.85
C GLY B 708 -29.87 3.12 -49.22
N LEU B 709 -30.46 4.11 -48.55
CA LEU B 709 -30.14 5.50 -48.86
C LEU B 709 -28.75 5.89 -48.39
N HIS B 710 -28.32 5.35 -47.25
CA HIS B 710 -27.00 5.66 -46.73
C HIS B 710 -25.92 5.20 -47.72
N SER B 711 -26.18 4.10 -48.40
CA SER B 711 -25.23 3.54 -49.36
C SER B 711 -24.98 4.46 -50.56
N MET B 712 -25.88 5.40 -50.78
CA MET B 712 -25.78 6.32 -51.90
C MET B 712 -25.00 7.58 -51.56
N ILE B 713 -24.71 7.77 -50.28
CA ILE B 713 -23.98 8.96 -49.83
C ILE B 713 -22.52 8.67 -49.51
N ALA B 714 -21.67 9.66 -49.74
CA ALA B 714 -20.24 9.56 -49.46
C ALA B 714 -19.93 10.29 -48.16
N TYR B 715 -19.55 9.54 -47.13
CA TYR B 715 -19.25 10.14 -45.83
C TYR B 715 -18.17 9.36 -45.06
FE HDD C . 22.18 3.50 7.17
CHA HDD C . 19.05 2.09 7.86
CHB HDD C . 22.40 4.32 10.62
CHC HDD C . 25.44 4.65 6.75
CHD HDD C . 21.86 2.78 3.89
NA HDD C . 21.00 3.24 8.85
C1A HDD C . 19.73 2.60 8.91
C2A HDD C . 19.26 2.67 10.32
C3A HDD C . 20.17 3.29 11.08
C4A HDD C . 21.27 3.68 10.16
CMA HDD C . 20.16 3.59 12.59
CAA HDD C . 17.91 2.07 10.76
CBA HDD C . 16.71 2.98 10.78
CGA HDD C . 15.53 2.08 11.26
O1A HDD C . 14.77 1.77 10.36
O2A HDD C . 15.56 1.84 12.45
NB HDD C . 23.60 4.33 8.49
C1B HDD C . 23.49 4.65 9.79
C2B HDD C . 24.70 5.33 10.29
C3B HDD C . 25.53 5.37 9.19
C4B HDD C . 24.87 4.73 8.03
CMB HDD C . 24.97 5.86 11.72
CAB HDD C . 26.94 5.97 9.04
CBB HDD C . 27.24 7.37 9.16
NC HDD C . 23.49 3.57 5.67
C1C HDD C . 24.74 4.14 5.67
C2C HDD C . 25.18 4.34 4.27
C3C HDD C . 24.18 3.79 3.48
C4C HDD C . 23.09 3.29 4.36
CMC HDD C . 26.57 4.91 3.79
CAC HDD C . 24.03 3.66 2.02
CBC HDD C . 24.19 4.66 1.27
ND HDD C . 20.65 2.49 6.12
C1D HDD C . 20.84 2.39 4.73
C2D HDD C . 19.62 1.81 4.13
C3D HDD C . 18.67 1.53 5.30
C4D HDD C . 19.40 2.00 6.49
CMD HDD C . 20.02 0.58 3.21
CAD HDD C . 18.09 0.11 5.66
CBD HDD C . 16.67 0.09 5.10
CGD HDD C . 16.18 1.44 5.44
O1D HDD C . 17.23 2.17 5.52
O2D HDD C . 15.08 1.85 5.62
OND HDD C . 18.84 2.74 3.21
CHA HEM D . 18.93 1.99 7.76
CHB HEM D . 22.39 4.21 10.53
CHC HEM D . 25.37 4.80 6.50
CHD HEM D . 21.78 2.59 3.70
C1A HEM D . 19.65 2.47 8.86
C2A HEM D . 19.19 2.54 10.28
C3A HEM D . 20.13 3.18 11.03
C4A HEM D . 21.24 3.53 10.09
CMA HEM D . 20.12 3.50 12.53
CAA HEM D . 17.83 1.98 10.73
CBA HEM D . 16.65 2.92 10.70
CGA HEM D . 15.46 2.05 11.20
O1A HEM D . 15.45 1.87 12.41
O2A HEM D . 14.70 1.70 10.31
C1B HEM D . 23.50 4.58 9.67
C2B HEM D . 24.72 5.32 10.15
C3B HEM D . 25.49 5.43 9.00
C4B HEM D . 24.82 4.82 7.84
CMB HEM D . 25.01 5.80 11.58
CAB HEM D . 26.88 6.09 8.81
CBB HEM D . 27.14 7.48 9.08
C1C HEM D . 24.67 4.22 5.40
C2C HEM D . 25.21 4.15 4.01
C3C HEM D . 24.12 3.67 3.21
C4C HEM D . 23.01 3.25 4.13
CMC HEM D . 26.57 4.78 3.51
CAC HEM D . 24.11 3.06 1.83
CBC HEM D . 24.86 3.67 0.95
C1D HEM D . 20.80 2.02 4.59
C2D HEM D . 19.37 1.83 3.95
C3D HEM D . 18.43 1.65 5.10
C4D HEM D . 19.34 1.64 6.38
CMD HEM D . 19.35 0.96 2.57
CAD HEM D . 17.37 0.74 5.38
CBD HEM D . 16.21 1.89 5.50
CGD HEM D . 14.99 0.97 5.44
O1D HEM D . 13.95 1.64 5.58
O2D HEM D . 15.04 -0.24 5.25
NA HEM D . 20.93 3.09 8.80
NB HEM D . 23.60 4.32 8.34
NC HEM D . 23.42 3.63 5.40
ND HEM D . 20.55 2.26 5.95
FE HEM D . 22.05 3.52 7.05
FE HDD E . -14.36 -11.20 -14.98
CHA HDD E . -12.86 -8.18 -14.01
CHB HDD E . -17.28 -9.33 -15.73
CHC HDD E . -15.89 -14.05 -16.28
CHD HDD E . -11.55 -12.92 -14.15
NA HDD E . -14.93 -9.22 -14.91
C1A HDD E . -14.12 -8.11 -14.50
C2A HDD E . -14.97 -6.88 -14.60
C3A HDD E . -16.19 -7.20 -15.05
C4A HDD E . -16.18 -8.68 -15.23
CMA HDD E . -17.40 -6.28 -15.33
CAA HDD E . -14.43 -5.48 -14.23
CBA HDD E . -14.62 -5.01 -12.81
CGA HDD E . -13.95 -3.60 -12.78
O1A HDD E . -12.92 -3.57 -12.15
O2A HDD E . -14.59 -2.74 -13.38
NB HDD E . -16.24 -11.55 -15.83
C1B HDD E . -17.29 -10.73 -15.97
C2B HDD E . -18.48 -11.45 -16.51
C3B HDD E . -18.03 -12.73 -16.67
C4B HDD E . -16.61 -12.84 -16.26
CMB HDD E . -19.88 -10.86 -16.80
CAB HDD E . -18.79 -13.98 -17.18
CBB HDD E . -19.88 -14.60 -16.47
NC HDD E . -13.80 -13.08 -15.31
C1C HDD E . -14.59 -14.11 -15.80
C2C HDD E . -13.93 -15.40 -15.51
C3C HDD E . -12.71 -15.08 -14.92
C4C HDD E . -12.61 -13.59 -14.79
CMC HDD E . -14.45 -16.84 -15.91
CAC HDD E . -11.60 -15.90 -14.42
CBC HDD E . -11.83 -16.86 -13.63
ND HDD E . -12.48 -10.54 -14.26
C1D HDD E . -11.53 -11.55 -13.99
C2D HDD E . -10.35 -10.94 -13.36
C3D HDD E . -10.64 -9.44 -13.27
C4D HDD E . -12.00 -9.29 -13.85
CMD HDD E . -9.06 -11.39 -14.14
CAD HDD E . -9.75 -8.31 -13.95
CBD HDD E . -8.86 -7.76 -12.85
CGD HDD E . -9.82 -7.65 -11.72
O1D HDD E . -10.72 -8.54 -11.97
O2D HDD E . -9.84 -6.95 -10.77
OND HDD E . -10.09 -11.35 -11.91
CHA HEM F . -12.71 -8.13 -13.94
CHB HEM F . -17.16 -9.36 -15.75
CHC HEM F . -15.79 -14.20 -16.04
CHD HEM F . -11.28 -12.92 -14.14
C1A HEM F . -13.98 -8.05 -14.47
C2A HEM F . -14.85 -6.83 -14.60
C3A HEM F . -16.07 -7.16 -15.07
C4A HEM F . -16.04 -8.65 -15.27
CMA HEM F . -17.29 -6.27 -15.35
CAA HEM F . -14.32 -5.43 -14.20
CBA HEM F . -14.51 -4.98 -12.78
CGA HEM F . -13.87 -3.56 -12.71
O1A HEM F . -14.54 -2.69 -13.26
O2A HEM F . -12.81 -3.53 -12.12
C1B HEM F . -17.18 -10.80 -15.97
C2B HEM F . -18.38 -11.53 -16.47
C3B HEM F . -17.95 -12.85 -16.54
C4B HEM F . -16.53 -12.96 -16.10
CMB HEM F . -19.76 -10.95 -16.81
CAB HEM F . -18.70 -14.12 -16.98
CBB HEM F . -19.87 -14.63 -16.30
C1C HEM F . -14.44 -14.27 -15.58
C2C HEM F . -13.63 -15.52 -15.55
C3C HEM F . -12.44 -15.17 -14.86
C4C HEM F . -12.42 -13.68 -14.68
CMC HEM F . -14.17 -16.96 -15.90
CAC HEM F . -11.09 -15.87 -14.81
CBC HEM F . -11.15 -17.16 -14.63
C1D HEM F . -11.20 -11.48 -14.14
C2D HEM F . -10.17 -10.91 -13.09
C3D HEM F . -10.53 -9.45 -12.95
C4D HEM F . -11.68 -9.19 -13.98
CMD HEM F . -8.66 -11.50 -13.20
CAD HEM F . -9.74 -8.24 -12.92
CBD HEM F . -10.21 -7.79 -11.42
CGD HEM F . -9.18 -6.69 -11.21
O1D HEM F . -9.36 -6.14 -10.12
O2D HEM F . -8.28 -6.40 -12.02
NA HEM F . -14.78 -9.16 -14.92
NB HEM F . -16.14 -11.65 -15.77
NC HEM F . -13.64 -13.24 -15.12
ND HEM F . -12.19 -10.50 -14.27
FE HEM F . -14.24 -11.19 -14.83
#